data_8R0T
#
_entry.id   8R0T
#
_cell.length_a   1.00
_cell.length_b   1.00
_cell.length_c   1.00
_cell.angle_alpha   90.00
_cell.angle_beta   90.00
_cell.angle_gamma   90.00
#
_symmetry.space_group_name_H-M   'P 1'
#
loop_
_entity.id
_entity.type
_entity.pdbx_description
1 polymer 'Fc fragment of IgG binding protein'
2 polymer 'Fc fragment of IgG binding protein'
3 polymer 'Fc fragment of IgG binding protein'
4 non-polymer 2-acetamido-2-deoxy-beta-D-glucopyranose
5 non-polymer 'CALCIUM ION'
#
loop_
_entity_poly.entity_id
_entity_poly.type
_entity_poly.pdbx_seq_one_letter_code
_entity_poly.pdbx_strand_id
1 'polypeptide(L)'
;SCQGIQCASGQRCQMVSGKARCVAESTAVCRAQGDPHYTTFDGRRYDMMGTCSYTMAELCGSDETLPAFSVEAKNEHRGS
RQVSYVGLVTVYAYSHSVSLVRGEIGFVRIDNQRSRLPASLSEGRLRVHKSGTRGVIEMDFGLVVTYDWDGQLTLSLPKR
FQDQVCGLCGNYNGDPADDFLTPDLDQAPDALEFANSWKLDDGDYLCDDGCHNSCPSCTPGQTQHYKGDRLCGMLTLSTG
PFSACHEFLDPKPFLDDCVFDLCVTGGERLSLCRSLSAYAQACVELGVTLENWRLPASCPMSCPANSCYDPCSPACPPSC
NSEAVPTNCSSRPCVEGCVCLPGFVASGGDCVPVSSCGCIYQGRLLAPGQEVFDDDRCRRRCTCDGATQKVTCRDTTGCP
SGERCNVQNGLLGCYPDNFASCQASGDPHYVSFDGKRFDFMGTCTYLLVGSCGQNAALPAFKVLVENEHRGSQTVSYTRA
VRVVAHGVEVAVRRENPGRVLVNGVLQYLPFQAAGGKIQVYRQGNDAIVSIDFGLTVTYNWDAHVTAKVPSSYAKDVCGL
CGNFNGNPDDDLALKGGGQASNVLDFGNSWQEEIIPGCGATEPGDCPQLDSLVTQQIQDKKECGILADPEGPFRECHKLL
NPQGAIRDCVYDLCLLPGQSGPLCDALAAYAAACQAAGGTVHPWRSEELCPLTCPPNSHYEQCSYGCPLSCGDLPVQGGC
GSECREGCVCNEGFALSGESCVPLASCGCVHEGAYHAPGETFYPGPGCDSLCHCEEGGLVSCEPSSCGPQEACQPSNGVL
GCVAVGTTTCQASGDPHYVTFDGRRFDFMGTCVYVLAQTCGNRPGLHQFTVLQENEAWGNGKVSVTKVITVLVANYTLRL
EQSQWKVKVNGVDTKLPVMLDGGKIRVSQHGSDVVIETDFGLRVAYDLVYYVRVTIPGNYYKQMCGLCGDYNGDPKDDFQ
KPDGSQTTDPSDFGNSWEEAVPDSPCAPVPPCTGDDCDTECSPELQDKYHGEQFCGLLTSPTGPLAACHKLLDPQGPLQD
CVFDLCLGGGNQSILCNIIHAYVSACQAAGGQVEPWRTETFCPMECPPHSHYEVCADTCSLGCWALNTPQQCPEGCAEGC
ECDSGFLYNGKACVPIEQCGCYHNGVYYEPEESVLIENCQQHCVCQPGKGMMCQDHSCKPGQVCEPSGGVLTCVTKDPCH
GITCRPQETCKVQGGEGVCVPNYNSTCWLWGD
;
A
2 'polypeptide(L)'
;PHYNSFDGWSFDFQGTCNYLLAGTLCPGVNAEGLTPFTVTTKNENRGSPAVSYVRQVTVTTLNTNISIHKNEIGKVRVNG
VLMALPVYLAGGRISVINGGSKAVLETDFGLQVTYDWNWRVDVTLPSSYHGAVCGLCGNMDKNHQNDQVFPNGTMAPSIP
TWGGSWQVPGWDPLCWHECQGSCPTCPEDRVEEYEGPGFCGPLAPGTGSPFTSCHAHVPPESFFKGCVLDVCLGGGSKDI
LCQALAAYAAACQAAGIKIEDWRTQAGCEITCPDNSHYELCGPPCPASCPPPARHTAPTVCDGPCVEGCQCDEGFVLSAD
QCVPLDGGCGCWVNGTYYEAGTEFWADTTCSKRCHCGPGGDSLVCKPASCGLGEECALLPSGEIGCQPTSITECQAWGD
;
B
3 'polypeptide(L)'
;PHYTTLDGHRFDFQGTCEYLLSAPCHEPPTGTEYFNVTVANEHRGSQAVSYTRSVTLQIYGLSLTLSAQWPRKLQVNGEF
VALPFHLDQKLSVYISGADVVVNTASGVSLAFDGDSFVRLRVPAAYAGTLCGLCGNYNKNPNDDLTAVGGKPEGWKVGGA
PGCDQCEPEPCPKPCTPEEQEPFRGPDACGIITAPEGPLAPCHSLVPPTQYFEACLLDACQVQGHPGGLCPAIATYVAAC
QAAGAQLGEWRKPDFCPLQCPAHSHYQLCGDSCPVSCPSLSAPVGCETICREGCVCDAGFVLSGDTCVPVGQCGCLYQGR
YYVLGATFYPGPECERLCECGPDGQVTCQEGADCEPYEECRIENGVQACHPTGCGHCLANGGLHYVTLDGRVYDLHGSCS
YVLASVCHPKPGDEEFSIVLEKNSAGDPQRVVVTVAGQVVGLARGPQVTVDGEVVTLPVATGHVSVTAEGRNIVLQTNKG
MKVLFDGDAHILMSIPSSFRGRLCGLCGNFNGNWSDDFVLPSGAVAPNVEAFGTAWRAPGSSLGCGEGCGPQGCPVCLAE
ETQAYEKNDACGKIRDPHGPFAACHKVLSPLEYFRQCVYDMCAHKGDKAYLCRSLAAYTAACQAAGAAVKPWRTDSVCPL
QCPAHSHYSICTRSCQGSCAALSGLTGCTTRCFEGCECDDHFLLSHGVCIPAQDCGCVHNGQYMPVNSSLMSSDCSERCF
CSPNNGLTCHEAGCPSGHVCEIQAGVRECQAARGLCSISVGANLTTFDGAHNAISSPGVYELSSRCPGLQKNVPWYRVLA
DVQPCHNNDKIVSKVHIFFQDGLVTVIPSKGAWVNGLRVDLPATVLTSVSVRRMPDGSMLVHQKAGVTVWLGKDGLLDVM
VGDDLAAMLCGACGNFDGDQTNDAYGSQGKTPIEKWRAQDFSPCSNTRTR
;
C,F
#
# COMPACT_ATOMS: atom_id res chain seq x y z
N VAL A 1220 3.71 -62.06 -1.16
CA VAL A 1220 2.71 -61.15 -0.63
C VAL A 1220 2.29 -60.15 -1.71
N PRO A 1221 1.14 -60.40 -2.33
CA PRO A 1221 0.66 -59.50 -3.40
C PRO A 1221 -0.30 -58.43 -2.92
N ASN A 1222 -0.49 -58.25 -1.62
CA ASN A 1222 -1.57 -57.45 -1.09
C ASN A 1222 -1.12 -56.17 -0.39
N TYR A 1223 0.05 -55.63 -0.72
CA TYR A 1223 0.48 -54.36 -0.14
C TYR A 1223 0.86 -53.33 -1.20
N ASN A 1224 0.10 -53.27 -2.29
CA ASN A 1224 0.22 -52.15 -3.21
C ASN A 1224 -0.09 -50.86 -2.46
N SER A 1225 0.94 -50.03 -2.28
CA SER A 1225 0.86 -48.88 -1.39
C SER A 1225 1.07 -47.60 -2.19
N THR A 1226 0.82 -46.47 -1.53
CA THR A 1226 0.87 -45.17 -2.18
C THR A 1226 1.60 -44.16 -1.30
N CYS A 1227 2.19 -43.16 -1.93
CA CYS A 1227 2.82 -42.04 -1.25
C CYS A 1227 2.20 -40.75 -1.75
N TRP A 1228 1.70 -39.93 -0.84
CA TRP A 1228 0.98 -38.70 -1.18
C TRP A 1228 1.75 -37.50 -0.62
N LEU A 1229 1.94 -36.49 -1.46
CA LEU A 1229 2.54 -35.23 -1.02
C LEU A 1229 1.51 -34.13 -1.21
N TRP A 1230 1.07 -33.55 -0.09
CA TRP A 1230 0.03 -32.53 -0.09
C TRP A 1230 0.66 -31.14 -0.09
N GLY A 1231 0.19 -30.29 -1.00
CA GLY A 1231 0.75 -28.97 -1.11
C GLY A 1231 0.55 -28.16 0.17
N ASP A 1232 1.60 -27.42 0.53
CA ASP A 1232 1.58 -26.54 1.70
C ASP A 1232 1.32 -27.30 3.00
N PRO B 1 6.12 -29.03 2.64
CA PRO B 1 4.66 -29.20 2.61
C PRO B 1 4.19 -30.32 3.55
N HIS B 2 3.01 -30.87 3.28
CA HIS B 2 2.46 -31.97 4.04
C HIS B 2 2.64 -33.26 3.26
N TYR B 3 3.19 -34.27 3.90
CA TYR B 3 3.62 -35.49 3.24
C TYR B 3 2.82 -36.69 3.74
N ASN B 4 2.76 -37.71 2.89
CA ASN B 4 2.22 -39.02 3.24
C ASN B 4 3.00 -40.07 2.47
N SER B 5 3.82 -40.84 3.18
CA SER B 5 4.81 -41.71 2.55
C SER B 5 4.17 -42.97 1.99
N PHE B 6 5.00 -43.82 1.35
CA PHE B 6 4.51 -45.13 0.89
C PHE B 6 4.25 -45.91 2.18
N ASP B 7 5.03 -45.60 3.21
CA ASP B 7 4.82 -46.22 4.55
C ASP B 7 3.63 -45.49 5.18
N GLY B 8 3.17 -45.95 6.33
CA GLY B 8 2.02 -45.32 7.00
C GLY B 8 2.53 -44.15 7.81
N TRP B 9 3.04 -43.11 7.14
CA TRP B 9 3.65 -42.01 7.87
C TRP B 9 3.33 -40.68 7.19
N SER B 10 3.13 -39.65 8.00
CA SER B 10 2.89 -38.30 7.53
C SER B 10 3.78 -37.33 8.28
N PHE B 11 4.27 -36.31 7.60
CA PHE B 11 5.18 -35.34 8.19
C PHE B 11 5.11 -34.04 7.42
N ASP B 12 5.66 -32.98 8.02
CA ASP B 12 5.53 -31.62 7.50
C ASP B 12 6.90 -30.96 7.36
N PHE B 13 7.88 -31.66 6.81
CA PHE B 13 9.18 -31.07 6.57
C PHE B 13 9.09 -30.00 5.49
N GLN B 14 9.86 -28.93 5.67
CA GLN B 14 9.94 -27.84 4.70
C GLN B 14 11.34 -27.82 4.07
N GLY B 15 11.38 -27.47 2.80
CA GLY B 15 12.64 -27.55 2.06
C GLY B 15 12.76 -26.45 1.02
N THR B 16 13.95 -26.39 0.41
CA THR B 16 14.25 -25.39 -0.61
C THR B 16 14.85 -25.97 -1.89
N CYS B 17 15.32 -27.22 -1.86
CA CYS B 17 15.91 -27.84 -3.04
C CYS B 17 15.49 -29.29 -3.18
N ASN B 18 15.92 -29.90 -4.28
CA ASN B 18 15.50 -31.26 -4.62
C ASN B 18 15.87 -32.26 -3.53
N TYR B 19 14.91 -33.09 -3.15
CA TYR B 19 15.10 -34.12 -2.14
C TYR B 19 14.62 -35.46 -2.69
N LEU B 20 15.28 -36.54 -2.25
CA LEU B 20 14.90 -37.87 -2.69
C LEU B 20 13.55 -38.26 -2.11
N LEU B 21 12.54 -38.34 -2.98
CA LEU B 21 11.18 -38.66 -2.58
C LEU B 21 10.97 -40.17 -2.53
N ALA B 22 11.16 -40.86 -3.66
CA ALA B 22 10.92 -42.29 -3.75
C ALA B 22 12.07 -42.91 -4.55
N GLY B 23 11.96 -44.20 -4.79
CA GLY B 23 13.05 -45.00 -5.31
C GLY B 23 13.28 -46.21 -4.44
N THR B 24 14.02 -47.17 -4.98
CA THR B 24 14.16 -48.45 -4.30
C THR B 24 15.56 -48.71 -3.77
N LEU B 25 16.61 -48.53 -4.57
CA LEU B 25 17.96 -48.93 -4.20
C LEU B 25 18.89 -47.73 -4.34
N CYS B 26 18.99 -46.95 -3.26
CA CYS B 26 20.02 -45.92 -3.20
C CYS B 26 21.43 -46.52 -3.18
N PRO B 27 21.74 -47.55 -2.38
CA PRO B 27 23.07 -48.15 -2.48
C PRO B 27 23.16 -49.25 -3.52
N GLY B 28 22.03 -49.75 -4.01
CA GLY B 28 22.05 -50.84 -4.97
C GLY B 28 22.36 -52.20 -4.38
N VAL B 29 21.95 -52.44 -3.13
CA VAL B 29 22.31 -53.68 -2.46
C VAL B 29 21.56 -54.87 -3.05
N ASN B 30 20.26 -54.73 -3.29
CA ASN B 30 19.41 -55.85 -3.70
C ASN B 30 19.56 -56.08 -5.20
N ALA B 31 20.62 -56.81 -5.56
CA ALA B 31 20.92 -57.10 -6.96
C ALA B 31 20.28 -58.43 -7.38
N GLU B 32 18.97 -58.52 -7.19
CA GLU B 32 18.22 -59.68 -7.62
C GLU B 32 16.84 -59.22 -8.08
N GLY B 33 16.46 -59.66 -9.28
CA GLY B 33 15.25 -59.14 -9.88
C GLY B 33 15.26 -57.63 -9.99
N LEU B 34 16.41 -57.07 -10.38
CA LEU B 34 16.71 -55.66 -10.17
C LEU B 34 16.10 -54.80 -11.27
N THR B 35 15.16 -53.94 -10.88
CA THR B 35 14.63 -52.90 -11.76
C THR B 35 14.60 -51.59 -10.97
N PRO B 36 15.76 -50.95 -10.80
CA PRO B 36 15.84 -49.80 -9.90
C PRO B 36 15.11 -48.58 -10.44
N PHE B 37 14.69 -47.71 -9.53
CA PHE B 37 14.04 -46.46 -9.88
C PHE B 37 14.35 -45.42 -8.80
N THR B 38 14.06 -44.16 -9.11
CA THR B 38 14.31 -43.07 -8.17
C THR B 38 13.49 -41.85 -8.58
N VAL B 39 12.87 -41.19 -7.60
CA VAL B 39 12.06 -40.00 -7.83
C VAL B 39 12.40 -38.98 -6.76
N THR B 40 12.42 -37.71 -7.15
CA THR B 40 12.82 -36.61 -6.28
C THR B 40 11.78 -35.50 -6.30
N THR B 41 11.70 -34.75 -5.21
CA THR B 41 10.78 -33.64 -5.08
C THR B 41 11.54 -32.35 -4.74
N LYS B 42 10.98 -31.22 -5.14
CA LYS B 42 11.60 -29.92 -4.94
C LYS B 42 10.55 -28.93 -4.43
N ASN B 43 10.95 -28.10 -3.47
CA ASN B 43 10.06 -27.16 -2.82
C ASN B 43 10.48 -25.73 -3.14
N GLU B 44 9.52 -24.90 -3.50
CA GLU B 44 9.72 -23.49 -3.78
C GLU B 44 8.84 -22.68 -2.83
N ASN B 45 8.88 -21.35 -2.98
CA ASN B 45 8.10 -20.46 -2.13
C ASN B 45 7.54 -19.32 -2.98
N ARG B 46 6.51 -18.67 -2.45
CA ARG B 46 5.80 -17.62 -3.17
C ARG B 46 5.61 -16.36 -2.33
N GLY B 47 6.53 -16.07 -1.42
CA GLY B 47 6.47 -14.82 -0.68
C GLY B 47 6.71 -14.94 0.80
N SER B 48 6.29 -16.05 1.41
CA SER B 48 6.40 -16.24 2.85
C SER B 48 7.40 -17.35 3.14
N PRO B 49 8.52 -17.05 3.80
CA PRO B 49 9.51 -18.10 4.06
C PRO B 49 9.10 -19.08 5.13
N ALA B 50 7.90 -18.93 5.72
CA ALA B 50 7.49 -19.83 6.79
C ALA B 50 7.39 -21.27 6.31
N VAL B 51 6.80 -21.51 5.13
CA VAL B 51 6.64 -22.84 4.59
C VAL B 51 6.99 -22.82 3.11
N SER B 52 7.06 -24.01 2.53
CA SER B 52 7.36 -24.20 1.11
C SER B 52 6.34 -25.15 0.50
N TYR B 53 6.16 -25.05 -0.81
CA TYR B 53 5.21 -25.89 -1.53
C TYR B 53 5.89 -26.48 -2.76
N VAL B 54 5.34 -27.60 -3.22
CA VAL B 54 5.98 -28.37 -4.30
C VAL B 54 6.03 -27.53 -5.56
N ARG B 55 7.19 -27.54 -6.23
CA ARG B 55 7.38 -26.80 -7.47
C ARG B 55 7.63 -27.72 -8.65
N GLN B 56 8.64 -28.58 -8.57
CA GLN B 56 8.98 -29.53 -9.63
C GLN B 56 9.24 -30.89 -9.01
N VAL B 57 8.57 -31.91 -9.55
CA VAL B 57 8.75 -33.29 -9.10
C VAL B 57 9.48 -34.04 -10.21
N THR B 58 10.53 -34.76 -9.81
CA THR B 58 11.38 -35.46 -10.76
C THR B 58 11.51 -36.93 -10.37
N VAL B 59 11.47 -37.80 -11.38
CA VAL B 59 11.67 -39.23 -11.21
C VAL B 59 12.69 -39.69 -12.25
N THR B 60 13.31 -40.84 -12.00
CA THR B 60 14.27 -41.41 -12.94
C THR B 60 14.17 -42.92 -12.88
N THR B 61 13.56 -43.51 -13.91
CA THR B 61 13.48 -44.96 -14.07
C THR B 61 13.91 -45.50 -15.40
N LEU B 62 14.56 -46.67 -15.38
CA LEU B 62 14.94 -47.41 -16.58
C LEU B 62 15.47 -46.48 -17.67
N ASN B 63 16.54 -45.76 -17.33
CA ASN B 63 17.23 -44.87 -18.26
C ASN B 63 16.28 -43.84 -18.85
N THR B 64 15.39 -43.31 -18.01
CA THR B 64 14.43 -42.31 -18.47
C THR B 64 13.98 -41.47 -17.29
N ASN B 65 14.07 -40.15 -17.44
CA ASN B 65 13.67 -39.22 -16.40
C ASN B 65 12.29 -38.66 -16.70
N ILE B 66 11.68 -38.08 -15.67
CA ILE B 66 10.34 -37.50 -15.73
C ILE B 66 10.34 -36.29 -14.81
N SER B 67 9.67 -35.21 -15.22
CA SER B 67 9.59 -34.03 -14.36
C SER B 67 8.33 -33.24 -14.66
N ILE B 68 7.69 -32.75 -13.61
CA ILE B 68 6.54 -31.85 -13.71
C ILE B 68 6.86 -30.58 -12.94
N HIS B 69 6.59 -29.44 -13.55
CA HIS B 69 6.97 -28.15 -12.99
C HIS B 69 5.74 -27.29 -12.70
N LYS B 70 4.70 -27.92 -12.18
CA LYS B 70 3.53 -27.23 -11.65
C LYS B 70 2.85 -26.36 -12.71
N ASN B 71 2.38 -27.01 -13.77
CA ASN B 71 1.62 -26.34 -14.83
C ASN B 71 0.79 -27.40 -15.54
N GLU B 72 0.25 -27.04 -16.71
CA GLU B 72 -0.81 -27.85 -17.33
C GLU B 72 -0.32 -29.25 -17.71
N ILE B 73 0.86 -29.36 -18.32
CA ILE B 73 1.39 -30.66 -18.74
C ILE B 73 2.88 -30.52 -19.03
N GLY B 74 3.57 -31.67 -19.06
CA GLY B 74 4.85 -31.73 -19.74
C GLY B 74 6.05 -31.70 -18.82
N LYS B 75 7.21 -31.41 -19.42
CA LYS B 75 8.55 -31.33 -18.83
C LYS B 75 9.09 -32.71 -18.47
N VAL B 76 8.40 -33.79 -18.87
CA VAL B 76 8.77 -35.11 -18.36
C VAL B 76 9.81 -35.77 -19.26
N ARG B 77 9.81 -35.48 -20.56
CA ARG B 77 10.64 -36.22 -21.48
C ARG B 77 12.12 -35.93 -21.24
N VAL B 78 12.96 -36.92 -21.49
CA VAL B 78 14.40 -36.76 -21.29
C VAL B 78 14.97 -35.70 -22.22
N ASN B 79 14.46 -35.64 -23.45
CA ASN B 79 14.96 -34.67 -24.42
C ASN B 79 14.71 -33.24 -23.96
N GLY B 80 13.78 -33.03 -23.03
CA GLY B 80 13.48 -31.73 -22.51
C GLY B 80 12.19 -31.11 -23.00
N VAL B 81 11.58 -31.67 -24.05
CA VAL B 81 10.31 -31.13 -24.53
C VAL B 81 9.20 -31.55 -23.59
N LEU B 82 8.16 -30.71 -23.51
CA LEU B 82 7.01 -31.03 -22.68
C LEU B 82 6.09 -32.01 -23.41
N MET B 83 5.36 -32.80 -22.63
CA MET B 83 4.49 -33.84 -23.17
C MET B 83 3.04 -33.55 -22.79
N ALA B 84 2.12 -34.02 -23.63
CA ALA B 84 0.71 -33.77 -23.48
C ALA B 84 0.10 -34.69 -22.41
N LEU B 85 -1.23 -34.68 -22.34
CA LEU B 85 -1.92 -35.50 -21.35
C LEU B 85 -1.74 -36.99 -21.63
N PRO B 86 -2.19 -37.56 -22.76
CA PRO B 86 -1.81 -38.95 -23.07
C PRO B 86 -0.60 -39.00 -23.98
N VAL B 87 0.42 -39.77 -23.63
CA VAL B 87 1.58 -39.92 -24.52
C VAL B 87 2.23 -41.27 -24.25
N TYR B 88 2.68 -41.91 -25.32
CA TYR B 88 3.37 -43.19 -25.24
C TYR B 88 4.79 -43.03 -25.76
N LEU B 89 5.77 -43.27 -24.88
CA LEU B 89 7.17 -43.22 -25.29
C LEU B 89 7.51 -44.38 -26.23
N ALA B 90 6.72 -45.45 -26.20
CA ALA B 90 6.82 -46.65 -27.03
C ALA B 90 8.00 -47.53 -26.65
N GLY B 91 8.85 -47.10 -25.72
CA GLY B 91 9.93 -47.93 -25.24
C GLY B 91 9.66 -48.45 -23.85
N GLY B 92 9.40 -49.75 -23.74
CA GLY B 92 9.03 -50.32 -22.45
C GLY B 92 7.63 -50.01 -22.01
N ARG B 93 6.71 -49.82 -22.96
CA ARG B 93 5.29 -49.62 -22.67
C ARG B 93 5.07 -48.50 -21.66
N ILE B 94 5.83 -47.42 -21.81
CA ILE B 94 5.71 -46.25 -20.93
C ILE B 94 4.75 -45.26 -21.56
N SER B 95 3.80 -44.77 -20.76
CA SER B 95 2.78 -43.84 -21.24
C SER B 95 2.28 -43.00 -20.08
N VAL B 96 2.34 -41.67 -20.24
CA VAL B 96 1.84 -40.74 -19.23
C VAL B 96 0.39 -40.44 -19.58
N ILE B 97 -0.50 -40.60 -18.59
CA ILE B 97 -1.92 -40.34 -18.78
C ILE B 97 -2.39 -39.48 -17.60
N ASN B 98 -3.07 -38.38 -17.90
CA ASN B 98 -3.45 -37.43 -16.87
C ASN B 98 -4.97 -37.37 -16.74
N GLY B 99 -5.44 -37.59 -15.51
CA GLY B 99 -6.85 -37.43 -15.24
C GLY B 99 -7.26 -35.97 -15.29
N GLY B 100 -8.58 -35.74 -15.32
CA GLY B 100 -9.09 -34.38 -15.46
C GLY B 100 -8.50 -33.43 -14.45
N SER B 101 -8.28 -33.91 -13.22
CA SER B 101 -7.57 -33.17 -12.19
C SER B 101 -6.36 -33.93 -11.67
N LYS B 102 -5.84 -34.88 -12.44
CA LYS B 102 -4.73 -35.71 -11.99
C LYS B 102 -3.70 -35.82 -13.11
N ALA B 103 -2.58 -36.47 -12.81
CA ALA B 103 -1.55 -36.74 -13.81
C ALA B 103 -0.76 -37.97 -13.36
N VAL B 104 -1.10 -39.12 -13.96
CA VAL B 104 -0.42 -40.37 -13.69
C VAL B 104 0.43 -40.82 -14.86
N LEU B 105 1.14 -41.93 -14.68
CA LEU B 105 1.91 -42.51 -15.76
C LEU B 105 1.85 -44.03 -15.61
N GLU B 106 2.45 -44.72 -16.57
CA GLU B 106 2.55 -46.16 -16.59
C GLU B 106 3.80 -46.57 -17.35
N THR B 107 4.25 -47.80 -17.09
CA THR B 107 5.37 -48.37 -17.83
C THR B 107 5.08 -49.86 -18.03
N ASP B 108 6.07 -50.58 -18.56
CA ASP B 108 5.95 -52.02 -18.64
C ASP B 108 5.72 -52.61 -17.25
N PHE B 109 6.30 -52.01 -16.23
CA PHE B 109 5.97 -52.35 -14.86
C PHE B 109 4.60 -51.80 -14.46
N GLY B 110 4.22 -50.64 -14.99
CA GLY B 110 3.00 -50.00 -14.58
C GLY B 110 3.14 -49.01 -13.45
N LEU B 111 4.29 -48.36 -13.33
CA LEU B 111 4.48 -47.37 -12.27
C LEU B 111 3.56 -46.19 -12.51
N GLN B 112 2.86 -45.76 -11.46
CA GLN B 112 1.87 -44.69 -11.57
C GLN B 112 2.03 -43.71 -10.43
N VAL B 113 2.58 -42.54 -10.72
CA VAL B 113 2.70 -41.46 -9.77
C VAL B 113 1.92 -40.27 -10.31
N THR B 114 0.97 -39.78 -9.52
CA THR B 114 0.06 -38.74 -9.98
C THR B 114 0.35 -37.45 -9.21
N TYR B 115 0.66 -36.40 -9.96
CA TYR B 115 0.88 -35.07 -9.41
C TYR B 115 -0.06 -34.10 -10.09
N ASP B 116 -0.82 -33.34 -9.30
CA ASP B 116 -1.69 -32.32 -9.84
C ASP B 116 -0.84 -31.19 -10.44
N TRP B 117 -1.49 -30.36 -11.24
CA TRP B 117 -0.80 -29.23 -11.83
C TRP B 117 -0.43 -28.17 -10.81
N ASN B 118 -0.91 -28.28 -9.57
CA ASN B 118 -0.62 -27.30 -8.54
C ASN B 118 -0.55 -27.95 -7.17
N TRP B 119 0.67 -28.28 -6.73
CA TRP B 119 0.97 -28.75 -5.38
C TRP B 119 -0.04 -29.78 -4.86
N ARG B 120 -0.15 -30.90 -5.56
CA ARG B 120 -0.85 -32.06 -5.04
C ARG B 120 -0.23 -33.31 -5.62
N VAL B 121 0.54 -34.02 -4.79
CA VAL B 121 1.41 -35.09 -5.24
C VAL B 121 1.03 -36.44 -4.66
N ASP B 122 1.01 -37.46 -5.52
CA ASP B 122 0.75 -38.81 -5.08
C ASP B 122 1.52 -39.81 -5.92
N VAL B 123 2.09 -40.81 -5.25
CA VAL B 123 2.86 -41.86 -5.90
C VAL B 123 2.17 -43.19 -5.64
N THR B 124 2.32 -44.11 -6.59
CA THR B 124 1.78 -45.46 -6.44
C THR B 124 2.69 -46.44 -7.15
N LEU B 125 3.11 -47.47 -6.44
CA LEU B 125 4.03 -48.48 -6.95
C LEU B 125 3.38 -49.32 -8.04
N PRO B 126 4.15 -49.84 -8.99
CA PRO B 126 3.63 -50.81 -9.95
C PRO B 126 3.58 -52.24 -9.43
N SER B 127 3.87 -52.44 -8.14
CA SER B 127 4.05 -53.76 -7.54
C SER B 127 5.17 -54.50 -8.24
N SER B 128 5.98 -53.79 -9.05
CA SER B 128 7.15 -54.40 -9.65
C SER B 128 8.27 -54.74 -8.68
N TYR B 129 8.87 -53.71 -8.06
CA TYR B 129 9.86 -53.91 -6.99
C TYR B 129 9.31 -53.11 -5.79
N HIS B 130 9.06 -53.83 -4.70
CA HIS B 130 8.32 -53.29 -3.57
C HIS B 130 9.16 -53.54 -2.33
N GLY B 131 10.18 -54.39 -2.45
CA GLY B 131 10.99 -54.81 -1.32
C GLY B 131 11.52 -53.69 -0.44
N ALA B 132 12.41 -52.87 -0.98
CA ALA B 132 13.00 -51.77 -0.23
C ALA B 132 12.80 -50.49 -1.02
N VAL B 133 12.52 -49.39 -0.30
CA VAL B 133 12.25 -48.10 -0.91
C VAL B 133 13.31 -47.10 -0.44
N CYS B 134 13.95 -46.44 -1.40
CA CYS B 134 14.94 -45.40 -1.14
C CYS B 134 14.36 -44.03 -1.48
N GLY B 135 14.22 -43.18 -0.47
CA GLY B 135 13.73 -41.84 -0.68
C GLY B 135 12.93 -41.38 0.52
N LEU B 136 12.26 -40.23 0.37
CA LEU B 136 11.46 -39.67 1.46
C LEU B 136 10.35 -40.60 1.91
N CYS B 137 9.94 -41.56 1.08
CA CYS B 137 8.91 -42.51 1.48
C CYS B 137 9.36 -43.37 2.65
N GLY B 138 10.68 -43.57 2.77
CA GLY B 138 11.22 -44.40 3.87
C GLY B 138 11.34 -45.85 3.47
N ASN B 139 11.63 -46.74 4.43
CA ASN B 139 11.86 -48.18 4.10
C ASN B 139 10.50 -48.67 3.59
N MET B 140 9.40 -48.16 4.15
CA MET B 140 8.02 -48.63 3.79
C MET B 140 7.71 -50.09 4.25
N ASP B 141 8.43 -50.47 5.31
CA ASP B 141 8.24 -51.81 5.91
C ASP B 141 7.03 -51.60 6.81
N LYS B 142 6.51 -52.66 7.45
CA LYS B 142 5.27 -52.49 8.25
C LYS B 142 5.45 -51.35 9.28
N ASN B 143 6.57 -51.37 10.02
CA ASN B 143 6.86 -50.30 11.01
C ASN B 143 7.00 -48.90 10.40
N HIS B 144 6.46 -47.88 11.07
CA HIS B 144 6.50 -46.49 10.52
C HIS B 144 7.55 -45.64 11.24
N GLN B 145 8.15 -46.16 12.32
CA GLN B 145 9.10 -45.35 13.11
C GLN B 145 10.53 -45.55 12.61
N ASN B 146 10.76 -46.54 11.75
CA ASN B 146 12.14 -46.87 11.29
C ASN B 146 12.41 -46.27 9.90
N ASP B 147 11.43 -45.57 9.33
CA ASP B 147 11.59 -45.05 7.93
C ASP B 147 12.75 -44.06 7.85
N GLN B 148 12.95 -43.23 8.88
CA GLN B 148 13.95 -42.14 8.79
C GLN B 148 15.41 -42.58 9.00
N VAL B 149 16.14 -42.95 7.94
CA VAL B 149 17.56 -43.18 8.06
C VAL B 149 18.25 -42.44 6.92
N PHE B 150 19.56 -42.23 7.06
CA PHE B 150 20.32 -41.50 6.06
C PHE B 150 20.56 -42.37 4.83
N PRO B 151 20.79 -41.76 3.66
CA PRO B 151 21.06 -42.57 2.46
C PRO B 151 22.31 -43.43 2.59
N ASN B 152 23.24 -43.02 3.45
CA ASN B 152 24.37 -43.85 3.80
C ASN B 152 23.98 -45.03 4.68
N GLY B 153 22.72 -45.09 5.13
CA GLY B 153 22.24 -46.19 5.93
C GLY B 153 22.35 -46.00 7.43
N THR B 154 22.97 -44.92 7.89
CA THR B 154 23.13 -44.69 9.31
C THR B 154 21.80 -44.26 9.94
N MET B 155 21.70 -44.50 11.25
CA MET B 155 20.54 -44.05 12.01
C MET B 155 20.42 -42.52 11.93
N ALA B 156 19.21 -42.03 11.68
CA ALA B 156 18.97 -40.60 11.54
C ALA B 156 18.20 -40.08 12.74
N PRO B 157 18.84 -39.39 13.69
CA PRO B 157 18.11 -38.79 14.80
C PRO B 157 17.54 -37.43 14.45
N SER B 158 18.18 -36.74 13.50
CA SER B 158 17.79 -35.39 13.09
C SER B 158 16.96 -35.49 11.82
N ILE B 159 15.64 -35.57 12.00
CA ILE B 159 14.75 -35.59 10.84
C ILE B 159 14.72 -34.25 10.10
N PRO B 160 14.95 -33.08 10.73
CA PRO B 160 15.02 -31.86 9.92
C PRO B 160 16.15 -31.90 8.91
N THR B 161 17.24 -32.60 9.21
CA THR B 161 18.36 -32.71 8.27
C THR B 161 18.18 -33.88 7.30
N TRP B 162 17.09 -34.64 7.44
CA TRP B 162 16.87 -35.82 6.61
C TRP B 162 16.76 -35.45 5.14
N GLY B 163 16.03 -34.38 4.84
CA GLY B 163 15.88 -33.95 3.45
C GLY B 163 17.20 -33.59 2.81
N GLY B 164 18.01 -32.80 3.51
CA GLY B 164 19.32 -32.47 3.00
C GLY B 164 20.21 -33.69 2.86
N SER B 165 20.08 -34.65 3.77
CA SER B 165 20.82 -35.89 3.65
C SER B 165 20.43 -36.63 2.37
N TRP B 166 19.14 -36.66 2.08
CA TRP B 166 18.63 -37.29 0.86
C TRP B 166 18.44 -36.30 -0.28
N GLN B 167 18.96 -35.07 -0.15
CA GLN B 167 18.83 -34.11 -1.23
C GLN B 167 19.64 -34.56 -2.44
N VAL B 168 19.31 -34.00 -3.59
CA VAL B 168 20.00 -34.32 -4.84
C VAL B 168 21.48 -34.04 -4.67
N PRO B 169 22.37 -34.94 -5.08
CA PRO B 169 23.80 -34.71 -4.91
C PRO B 169 24.26 -33.45 -5.65
N GLY B 170 25.11 -32.69 -5.00
CA GLY B 170 25.59 -31.44 -5.54
C GLY B 170 25.53 -30.35 -4.49
N TRP B 171 25.81 -29.14 -4.93
CA TRP B 171 25.75 -27.95 -4.08
C TRP B 171 24.50 -27.15 -4.40
N ASP B 172 23.71 -26.86 -3.38
CA ASP B 172 22.47 -26.11 -3.54
C ASP B 172 22.57 -24.81 -2.75
N PRO B 173 22.92 -23.69 -3.40
CA PRO B 173 23.01 -22.42 -2.68
C PRO B 173 21.65 -21.96 -2.18
N LEU B 174 21.64 -21.39 -0.97
CA LEU B 174 20.43 -20.83 -0.36
C LEU B 174 19.31 -21.86 -0.26
N CYS B 175 19.67 -23.10 0.08
CA CYS B 175 18.69 -24.14 0.38
C CYS B 175 18.79 -24.46 1.87
N TRP B 176 17.88 -23.91 2.65
CA TRP B 176 17.85 -24.13 4.09
C TRP B 176 16.69 -25.06 4.42
N HIS B 177 16.98 -26.11 5.19
CA HIS B 177 15.92 -27.01 5.62
C HIS B 177 14.94 -26.28 6.53
N GLU B 178 15.45 -25.43 7.43
CA GLU B 178 14.63 -24.64 8.32
C GLU B 178 15.01 -23.17 8.18
N CYS B 179 14.05 -22.30 8.48
CA CYS B 179 14.25 -20.85 8.36
C CYS B 179 15.33 -20.43 9.35
N GLN B 180 16.53 -20.12 8.83
CA GLN B 180 17.67 -19.84 9.70
C GLN B 180 17.43 -18.56 10.51
N GLY B 181 16.90 -17.52 9.88
CA GLY B 181 16.65 -16.28 10.57
C GLY B 181 15.33 -16.30 11.31
N SER B 182 14.84 -15.11 11.65
CA SER B 182 13.56 -14.98 12.31
C SER B 182 12.44 -15.40 11.36
N CYS B 183 11.54 -16.26 11.85
CA CYS B 183 10.46 -16.79 11.05
C CYS B 183 9.12 -16.22 11.53
N PRO B 184 8.33 -15.71 10.59
CA PRO B 184 7.08 -15.03 10.90
C PRO B 184 5.98 -16.06 11.18
N THR B 185 6.06 -16.67 12.36
CA THR B 185 5.04 -17.61 12.78
C THR B 185 3.71 -16.91 12.99
N CYS B 186 2.62 -17.57 12.58
CA CYS B 186 1.31 -16.96 12.66
C CYS B 186 0.86 -16.85 14.11
N PRO B 187 0.18 -15.76 14.46
CA PRO B 187 -0.29 -15.59 15.84
C PRO B 187 -1.41 -16.57 16.18
N GLU B 188 -1.50 -16.89 17.47
CA GLU B 188 -2.49 -17.86 17.93
C GLU B 188 -3.90 -17.28 17.93
N ASP B 189 -4.03 -15.95 17.96
CA ASP B 189 -5.34 -15.35 18.10
C ASP B 189 -6.20 -15.53 16.85
N ARG B 190 -5.58 -15.47 15.68
CA ARG B 190 -6.34 -15.53 14.43
C ARG B 190 -6.78 -16.95 14.09
N VAL B 191 -6.21 -17.97 14.73
CA VAL B 191 -6.56 -19.34 14.39
C VAL B 191 -7.98 -19.67 14.82
N GLU B 192 -8.40 -19.17 15.99
CA GLU B 192 -9.77 -19.42 16.45
C GLU B 192 -10.77 -18.67 15.59
N GLU B 193 -10.43 -17.45 15.18
CA GLU B 193 -11.32 -16.66 14.33
C GLU B 193 -11.46 -17.28 12.95
N TYR B 194 -10.36 -17.78 12.38
CA TYR B 194 -10.37 -18.18 10.98
C TYR B 194 -10.88 -19.61 10.81
N GLU B 195 -10.86 -20.41 11.87
CA GLU B 195 -11.25 -21.81 11.75
C GLU B 195 -12.77 -21.99 11.63
N GLY B 196 -13.55 -20.94 11.80
CA GLY B 196 -14.99 -21.05 11.78
C GLY B 196 -15.56 -21.32 10.41
N PRO B 197 -16.89 -21.44 10.32
CA PRO B 197 -17.52 -21.73 9.03
C PRO B 197 -17.20 -20.67 7.99
N GLY B 198 -17.06 -21.12 6.75
CA GLY B 198 -16.64 -20.26 5.66
C GLY B 198 -15.15 -20.19 5.45
N PHE B 199 -14.37 -20.75 6.39
CA PHE B 199 -12.91 -20.77 6.28
C PHE B 199 -12.42 -22.02 7.01
N CYS B 200 -12.04 -23.05 6.24
CA CYS B 200 -11.71 -24.37 6.77
C CYS B 200 -12.85 -24.93 7.61
N GLY B 201 -14.09 -24.66 7.19
CA GLY B 201 -15.26 -25.09 7.92
C GLY B 201 -15.71 -26.49 7.57
N PRO B 202 -16.03 -26.73 6.29
CA PRO B 202 -16.41 -28.10 5.88
C PRO B 202 -15.33 -29.12 6.17
N LEU B 203 -14.06 -28.72 6.11
CA LEU B 203 -12.96 -29.62 6.40
C LEU B 203 -13.07 -30.15 7.83
N ALA B 204 -13.60 -29.35 8.74
CA ALA B 204 -13.75 -29.79 10.12
C ALA B 204 -14.73 -30.96 10.19
N PRO B 205 -14.52 -31.92 11.10
CA PRO B 205 -15.41 -33.08 11.18
C PRO B 205 -16.79 -32.67 11.69
N GLY B 206 -17.82 -33.01 10.92
CA GLY B 206 -19.18 -32.72 11.31
C GLY B 206 -20.21 -33.47 10.48
N THR B 207 -21.19 -34.09 11.14
CA THR B 207 -22.24 -34.78 10.42
C THR B 207 -23.05 -33.82 9.56
N GLY B 208 -23.38 -32.65 10.10
CA GLY B 208 -24.08 -31.66 9.31
C GLY B 208 -23.24 -31.13 8.16
N SER B 209 -21.93 -31.08 8.36
CA SER B 209 -21.04 -30.60 7.30
C SER B 209 -21.07 -31.56 6.12
N PRO B 210 -20.83 -31.08 4.90
CA PRO B 210 -20.86 -31.97 3.74
C PRO B 210 -19.82 -33.07 3.84
N PHE B 211 -19.96 -34.04 2.93
CA PHE B 211 -19.12 -35.24 2.86
C PHE B 211 -18.81 -35.81 4.25
N THR B 212 -19.85 -35.95 5.07
CA THR B 212 -19.68 -36.61 6.35
C THR B 212 -19.38 -38.10 6.19
N SER B 213 -19.87 -38.72 5.11
CA SER B 213 -19.52 -40.12 4.85
C SER B 213 -18.06 -40.24 4.45
N CYS B 214 -17.50 -39.19 3.84
CA CYS B 214 -16.10 -39.20 3.45
C CYS B 214 -15.16 -39.20 4.66
N HIS B 215 -15.67 -38.93 5.85
CA HIS B 215 -14.81 -38.85 7.03
C HIS B 215 -14.36 -40.23 7.50
N ALA B 216 -15.23 -41.23 7.39
CA ALA B 216 -14.91 -42.57 7.90
C ALA B 216 -13.77 -43.19 7.11
N HIS B 217 -13.76 -43.02 5.79
CA HIS B 217 -12.76 -43.69 4.96
C HIS B 217 -11.38 -43.06 5.13
N VAL B 218 -11.30 -41.74 5.13
CA VAL B 218 -10.04 -41.01 5.19
C VAL B 218 -10.10 -40.03 6.36
N PRO B 219 -9.17 -40.10 7.31
CA PRO B 219 -9.18 -39.15 8.43
C PRO B 219 -8.67 -37.79 8.00
N PRO B 220 -9.45 -36.73 8.24
CA PRO B 220 -9.00 -35.39 7.85
C PRO B 220 -8.25 -34.67 8.96
N GLU B 221 -7.91 -35.39 10.04
CA GLU B 221 -7.23 -34.77 11.17
C GLU B 221 -5.92 -34.11 10.74
N SER B 222 -5.16 -34.78 9.87
CA SER B 222 -3.97 -34.16 9.30
C SER B 222 -4.35 -32.97 8.44
N PHE B 223 -5.44 -33.07 7.68
CA PHE B 223 -5.88 -31.96 6.85
C PHE B 223 -6.32 -30.77 7.69
N PHE B 224 -6.89 -31.03 8.88
CA PHE B 224 -7.45 -29.95 9.69
C PHE B 224 -6.36 -28.99 10.16
N LYS B 225 -5.30 -29.52 10.75
CA LYS B 225 -4.22 -28.65 11.22
C LYS B 225 -3.53 -27.95 10.06
N GLY B 226 -3.38 -28.65 8.93
CA GLY B 226 -2.76 -28.03 7.78
C GLY B 226 -3.53 -26.83 7.26
N CYS B 227 -4.86 -26.94 7.22
CA CYS B 227 -5.68 -25.83 6.73
C CYS B 227 -5.45 -24.58 7.58
N VAL B 228 -5.57 -24.71 8.90
CA VAL B 228 -5.40 -23.56 9.79
C VAL B 228 -3.99 -23.02 9.68
N LEU B 229 -2.99 -23.91 9.69
CA LEU B 229 -1.60 -23.47 9.70
C LEU B 229 -1.25 -22.73 8.41
N ASP B 230 -1.76 -23.20 7.26
CA ASP B 230 -1.38 -22.57 6.01
C ASP B 230 -2.34 -21.47 5.58
N VAL B 231 -3.42 -21.22 6.32
CA VAL B 231 -4.17 -19.99 6.11
C VAL B 231 -3.78 -18.89 7.08
N CYS B 232 -3.42 -19.21 8.32
CA CYS B 232 -2.98 -18.19 9.27
C CYS B 232 -1.59 -17.66 8.94
N LEU B 233 -0.66 -18.54 8.57
CA LEU B 233 0.63 -18.09 8.06
C LEU B 233 0.48 -17.32 6.76
N GLY B 234 -0.52 -17.67 5.95
CA GLY B 234 -0.84 -16.88 4.78
C GLY B 234 -1.65 -15.66 5.14
N GLY B 235 -1.89 -14.83 4.13
CA GLY B 235 -2.61 -13.59 4.37
C GLY B 235 -4.06 -13.80 4.71
N GLY B 236 -4.63 -14.93 4.34
CA GLY B 236 -6.03 -15.22 4.61
C GLY B 236 -6.94 -15.18 3.40
N SER B 237 -6.40 -15.28 2.20
CA SER B 237 -7.24 -15.34 1.01
C SER B 237 -8.00 -16.67 0.98
N LYS B 238 -9.08 -16.68 0.19
CA LYS B 238 -9.96 -17.85 0.17
C LYS B 238 -9.44 -18.97 -0.74
N ASP B 239 -8.55 -18.66 -1.68
CA ASP B 239 -8.05 -19.68 -2.58
C ASP B 239 -7.30 -20.77 -1.82
N ILE B 240 -6.56 -20.38 -0.78
CA ILE B 240 -5.83 -21.35 0.04
C ILE B 240 -6.82 -22.33 0.66
N LEU B 241 -7.95 -21.81 1.16
CA LEU B 241 -8.98 -22.69 1.73
C LEU B 241 -9.51 -23.66 0.71
N CYS B 242 -9.80 -23.19 -0.50
CA CYS B 242 -10.33 -24.07 -1.53
C CYS B 242 -9.33 -25.17 -1.89
N GLN B 243 -8.06 -24.81 -2.03
CA GLN B 243 -7.06 -25.81 -2.40
C GLN B 243 -6.83 -26.79 -1.25
N ALA B 244 -6.94 -26.32 0.00
CA ALA B 244 -6.81 -27.23 1.13
C ALA B 244 -7.97 -28.21 1.18
N LEU B 245 -9.18 -27.74 0.96
CA LEU B 245 -10.35 -28.61 1.02
C LEU B 245 -10.35 -29.61 -0.13
N ALA B 246 -9.98 -29.16 -1.33
CA ALA B 246 -10.06 -30.02 -2.51
C ALA B 246 -9.16 -31.24 -2.38
N ALA B 247 -8.01 -31.08 -1.74
CA ALA B 247 -7.11 -32.21 -1.56
C ALA B 247 -7.77 -33.32 -0.74
N TYR B 248 -8.33 -32.98 0.42
CA TYR B 248 -9.01 -33.97 1.24
C TYR B 248 -10.22 -34.54 0.52
N ALA B 249 -10.96 -33.69 -0.19
CA ALA B 249 -12.12 -34.16 -0.94
C ALA B 249 -11.71 -35.23 -1.95
N ALA B 250 -10.70 -34.92 -2.76
CA ALA B 250 -10.25 -35.87 -3.77
C ALA B 250 -9.70 -37.14 -3.15
N ALA B 251 -8.95 -37.02 -2.05
CA ALA B 251 -8.40 -38.20 -1.40
C ALA B 251 -9.50 -39.12 -0.90
N CYS B 252 -10.46 -38.58 -0.15
CA CYS B 252 -11.51 -39.43 0.39
C CYS B 252 -12.43 -39.94 -0.71
N GLN B 253 -12.57 -39.20 -1.81
CA GLN B 253 -13.37 -39.69 -2.93
C GLN B 253 -12.69 -40.85 -3.63
N ALA B 254 -11.41 -40.71 -3.94
CA ALA B 254 -10.66 -41.81 -4.54
C ALA B 254 -10.54 -43.00 -3.59
N ALA B 255 -10.73 -42.77 -2.29
CA ALA B 255 -10.84 -43.90 -1.37
C ALA B 255 -12.05 -44.77 -1.68
N GLY B 256 -13.03 -44.26 -2.42
CA GLY B 256 -14.16 -45.06 -2.87
C GLY B 256 -15.52 -44.47 -2.57
N ILE B 257 -15.65 -43.69 -1.50
CA ILE B 257 -16.95 -43.19 -1.07
C ILE B 257 -17.34 -41.97 -1.91
N LYS B 258 -18.61 -41.87 -2.24
CA LYS B 258 -19.12 -40.74 -3.01
C LYS B 258 -19.27 -39.51 -2.12
N ILE B 259 -19.31 -38.33 -2.75
CA ILE B 259 -19.34 -37.05 -2.06
C ILE B 259 -20.56 -36.26 -2.52
N GLU B 260 -21.27 -35.67 -1.56
CA GLU B 260 -22.30 -34.71 -1.91
C GLU B 260 -21.70 -33.31 -2.02
N ASP B 261 -22.45 -32.41 -2.66
CA ASP B 261 -21.89 -31.12 -3.06
C ASP B 261 -21.47 -30.31 -1.85
N TRP B 262 -20.34 -29.61 -2.00
CA TRP B 262 -19.86 -28.66 -1.01
C TRP B 262 -19.37 -27.35 -1.61
N ARG B 263 -19.16 -27.28 -2.92
CA ARG B 263 -18.59 -26.09 -3.53
C ARG B 263 -19.54 -24.90 -3.41
N THR B 264 -20.84 -25.14 -3.58
CA THR B 264 -21.80 -24.03 -3.57
C THR B 264 -21.94 -23.41 -2.19
N GLN B 265 -22.12 -24.24 -1.16
CA GLN B 265 -22.36 -23.70 0.17
C GLN B 265 -21.11 -23.06 0.75
N ALA B 266 -19.92 -23.51 0.32
CA ALA B 266 -18.68 -22.91 0.78
C ALA B 266 -18.28 -21.68 -0.02
N GLY B 267 -18.95 -21.41 -1.13
CA GLY B 267 -18.69 -20.23 -1.92
C GLY B 267 -17.60 -20.35 -2.96
N CYS B 268 -16.91 -21.48 -3.03
CA CYS B 268 -15.79 -21.67 -3.95
C CYS B 268 -16.22 -22.67 -5.03
N GLU B 269 -16.47 -22.17 -6.23
CA GLU B 269 -16.86 -23.00 -7.36
C GLU B 269 -15.99 -22.68 -8.56
N ILE B 270 -15.61 -23.73 -9.29
CA ILE B 270 -14.66 -23.58 -10.39
C ILE B 270 -15.39 -23.01 -11.61
N THR B 271 -14.82 -21.95 -12.18
CA THR B 271 -15.33 -21.38 -13.44
C THR B 271 -14.63 -22.07 -14.60
N CYS B 272 -14.92 -23.36 -14.74
CA CYS B 272 -14.29 -24.19 -15.75
C CYS B 272 -14.78 -23.77 -17.14
N PRO B 273 -13.96 -23.93 -18.17
CA PRO B 273 -14.31 -23.45 -19.49
C PRO B 273 -15.10 -24.47 -20.32
N ASP B 274 -15.76 -23.95 -21.36
CA ASP B 274 -16.51 -24.70 -22.37
C ASP B 274 -17.57 -25.55 -21.66
N ASN B 275 -17.63 -26.87 -21.92
CA ASN B 275 -18.71 -27.69 -21.36
C ASN B 275 -18.71 -27.62 -19.84
N SER B 276 -17.55 -27.91 -19.22
CA SER B 276 -17.30 -27.52 -17.84
C SER B 276 -18.31 -28.13 -16.88
N HIS B 277 -18.87 -29.28 -17.22
CA HIS B 277 -19.88 -29.88 -16.35
C HIS B 277 -19.26 -30.28 -15.02
N TYR B 278 -19.50 -29.48 -13.99
CA TYR B 278 -19.03 -29.80 -12.66
C TYR B 278 -19.90 -30.90 -12.10
N GLU B 279 -19.27 -31.97 -11.61
CA GLU B 279 -19.99 -33.12 -11.10
C GLU B 279 -19.44 -33.51 -9.74
N LEU B 280 -20.35 -33.86 -8.83
CA LEU B 280 -19.94 -34.30 -7.49
C LEU B 280 -19.11 -35.56 -7.58
N CYS B 281 -19.52 -36.49 -8.42
CA CYS B 281 -18.78 -37.71 -8.71
C CYS B 281 -18.95 -38.08 -10.17
N GLY B 282 -17.82 -38.21 -10.86
CA GLY B 282 -17.81 -38.56 -12.26
C GLY B 282 -16.65 -39.48 -12.61
N PRO B 283 -16.72 -40.11 -13.77
CA PRO B 283 -15.70 -41.11 -14.14
C PRO B 283 -14.33 -40.48 -14.27
N PRO B 284 -13.29 -41.19 -13.87
CA PRO B 284 -11.92 -40.77 -14.18
C PRO B 284 -11.60 -41.08 -15.63
N CYS B 285 -10.34 -40.85 -16.00
CA CYS B 285 -9.87 -41.00 -17.37
C CYS B 285 -10.90 -40.52 -18.39
N PRO B 286 -11.14 -39.21 -18.48
CA PRO B 286 -12.21 -38.72 -19.36
C PRO B 286 -11.96 -39.08 -20.80
N ALA B 287 -13.02 -39.04 -21.61
CA ALA B 287 -12.92 -39.45 -22.99
C ALA B 287 -11.91 -38.59 -23.74
N SER B 288 -10.76 -39.18 -24.03
CA SER B 288 -9.72 -38.52 -24.82
C SER B 288 -9.23 -39.49 -25.87
N CYS B 289 -9.10 -39.01 -27.09
CA CYS B 289 -8.67 -39.87 -28.18
C CYS B 289 -7.21 -40.24 -27.97
N PRO B 290 -6.88 -41.53 -27.81
CA PRO B 290 -5.50 -41.91 -27.50
C PRO B 290 -4.59 -41.63 -28.68
N PRO B 291 -3.39 -41.11 -28.42
CA PRO B 291 -2.43 -40.89 -29.51
C PRO B 291 -2.12 -42.17 -30.27
N PRO B 292 -2.09 -43.35 -29.62
CA PRO B 292 -2.10 -44.56 -30.43
C PRO B 292 -3.49 -44.94 -30.92
N ALA B 293 -4.52 -44.72 -30.09
CA ALA B 293 -5.90 -45.11 -30.33
C ALA B 293 -6.05 -46.61 -30.51
N ARG B 294 -4.99 -47.39 -30.31
CA ARG B 294 -5.05 -48.84 -30.44
C ARG B 294 -4.29 -49.60 -29.37
N HIS B 295 -3.45 -48.94 -28.57
CA HIS B 295 -2.69 -49.62 -27.53
C HIS B 295 -3.61 -49.99 -26.35
N THR B 296 -3.09 -50.83 -25.47
CA THR B 296 -3.88 -51.30 -24.34
C THR B 296 -4.19 -50.16 -23.38
N ALA B 297 -5.32 -50.30 -22.69
CA ALA B 297 -5.81 -49.31 -21.74
C ALA B 297 -5.02 -49.37 -20.45
N PRO B 298 -4.70 -48.21 -19.86
CA PRO B 298 -4.04 -48.20 -18.56
C PRO B 298 -4.89 -48.87 -17.49
N THR B 299 -4.23 -49.59 -16.58
CA THR B 299 -4.95 -50.33 -15.56
C THR B 299 -5.60 -49.41 -14.55
N VAL B 300 -5.16 -48.15 -14.47
CA VAL B 300 -5.71 -47.24 -13.48
C VAL B 300 -7.04 -46.65 -13.92
N CYS B 301 -7.38 -46.75 -15.20
CA CYS B 301 -8.61 -46.14 -15.70
C CYS B 301 -9.85 -46.77 -15.09
N ASP B 302 -9.75 -48.00 -14.58
CA ASP B 302 -10.87 -48.65 -13.88
C ASP B 302 -10.72 -48.34 -12.40
N GLY B 303 -11.26 -47.20 -11.97
CA GLY B 303 -11.08 -46.74 -10.62
C GLY B 303 -12.23 -45.92 -10.09
N PRO B 304 -12.10 -45.44 -8.85
CA PRO B 304 -13.20 -44.73 -8.19
C PRO B 304 -13.45 -43.37 -8.81
N CYS B 305 -14.38 -42.64 -8.19
CA CYS B 305 -14.80 -41.34 -8.69
C CYS B 305 -13.81 -40.25 -8.30
N VAL B 306 -13.79 -39.17 -9.08
CA VAL B 306 -12.93 -38.01 -8.84
C VAL B 306 -13.75 -36.75 -9.09
N GLU B 307 -13.61 -35.78 -8.18
CA GLU B 307 -14.32 -34.52 -8.33
C GLU B 307 -13.56 -33.58 -9.25
N GLY B 308 -14.20 -33.20 -10.35
CA GLY B 308 -13.61 -32.25 -11.28
C GLY B 308 -14.60 -31.88 -12.36
N CYS B 309 -14.37 -30.73 -12.98
CA CYS B 309 -15.28 -30.25 -14.02
C CYS B 309 -15.09 -31.12 -15.24
N GLN B 310 -15.91 -32.16 -15.35
CA GLN B 310 -15.86 -33.04 -16.51
C GLN B 310 -16.37 -32.29 -17.72
N CYS B 311 -15.65 -32.39 -18.82
CA CYS B 311 -16.07 -31.79 -20.07
C CYS B 311 -16.60 -32.83 -21.06
N ASP B 312 -16.50 -34.12 -20.71
CA ASP B 312 -16.81 -35.19 -21.64
C ASP B 312 -18.23 -35.09 -22.18
N GLU B 313 -19.16 -34.52 -21.41
CA GLU B 313 -20.51 -34.32 -21.93
C GLU B 313 -20.45 -33.40 -23.14
N GLY B 314 -21.17 -33.77 -24.19
CA GLY B 314 -21.00 -33.08 -25.45
C GLY B 314 -19.62 -33.31 -26.02
N PHE B 315 -18.77 -32.28 -25.98
CA PHE B 315 -17.42 -32.38 -26.53
C PHE B 315 -16.56 -33.31 -25.68
N VAL B 316 -15.51 -33.86 -26.29
CA VAL B 316 -14.56 -34.68 -25.56
C VAL B 316 -13.53 -33.79 -24.86
N LEU B 317 -12.76 -34.40 -23.97
CA LEU B 317 -11.70 -33.71 -23.25
C LEU B 317 -10.36 -34.07 -23.88
N SER B 318 -9.61 -33.05 -24.30
CA SER B 318 -8.30 -33.25 -24.90
C SER B 318 -7.51 -31.95 -24.79
N ALA B 319 -6.18 -32.10 -24.67
CA ALA B 319 -5.25 -30.98 -24.60
C ALA B 319 -5.52 -30.06 -23.42
N ASP B 320 -5.92 -30.63 -22.28
CA ASP B 320 -6.16 -29.98 -20.99
C ASP B 320 -7.44 -29.13 -20.99
N GLN B 321 -8.10 -28.96 -22.13
CA GLN B 321 -9.39 -28.26 -22.17
C GLN B 321 -10.41 -29.14 -22.89
N CYS B 322 -11.55 -28.55 -23.25
CA CYS B 322 -12.57 -29.28 -23.99
C CYS B 322 -12.42 -29.01 -25.48
N VAL B 323 -12.51 -30.07 -26.28
CA VAL B 323 -12.43 -29.95 -27.72
C VAL B 323 -13.64 -30.70 -28.31
N PRO B 324 -14.29 -30.16 -29.33
CA PRO B 324 -15.46 -30.84 -29.89
C PRO B 324 -15.10 -32.20 -30.48
N LEU B 325 -16.14 -33.02 -30.66
CA LEU B 325 -15.95 -34.36 -31.21
C LEU B 325 -15.28 -34.33 -32.57
N ASP B 326 -15.47 -33.26 -33.33
CA ASP B 326 -14.75 -33.06 -34.58
C ASP B 326 -13.43 -32.33 -34.37
N GLY B 327 -13.08 -32.01 -33.13
CA GLY B 327 -11.82 -31.36 -32.87
C GLY B 327 -10.64 -32.27 -33.13
N GLY B 328 -9.45 -31.67 -33.14
CA GLY B 328 -8.26 -32.42 -33.53
C GLY B 328 -7.92 -33.56 -32.60
N CYS B 329 -7.93 -33.29 -31.29
CA CYS B 329 -7.75 -34.33 -30.26
C CYS B 329 -6.41 -35.03 -30.39
N GLY B 330 -5.38 -34.29 -30.78
CA GLY B 330 -4.03 -34.84 -30.83
C GLY B 330 -3.65 -35.34 -32.21
N CYS B 331 -2.34 -35.31 -32.47
CA CYS B 331 -1.83 -35.64 -33.80
C CYS B 331 -1.53 -37.12 -34.00
N TRP B 332 -1.37 -37.90 -32.93
CA TRP B 332 -1.20 -39.35 -33.03
C TRP B 332 0.04 -39.72 -33.86
N VAL B 333 1.22 -39.36 -33.37
CA VAL B 333 2.45 -39.62 -34.12
C VAL B 333 3.40 -40.42 -33.25
N ASN B 334 3.60 -41.70 -33.60
CA ASN B 334 4.53 -42.59 -32.90
C ASN B 334 4.22 -42.67 -31.41
N GLY B 335 2.95 -42.86 -31.07
CA GLY B 335 2.55 -42.88 -29.69
C GLY B 335 2.69 -41.56 -28.97
N THR B 336 2.92 -40.47 -29.71
CA THR B 336 3.08 -39.16 -29.13
C THR B 336 1.88 -38.29 -29.48
N TYR B 337 1.47 -37.46 -28.53
CA TYR B 337 0.32 -36.59 -28.68
C TYR B 337 0.79 -35.16 -28.94
N TYR B 338 0.26 -34.56 -30.00
CA TYR B 338 0.51 -33.17 -30.30
C TYR B 338 -0.84 -32.46 -30.27
N GLU B 339 -0.93 -31.39 -29.49
CA GLU B 339 -2.20 -30.83 -29.06
C GLU B 339 -2.51 -29.52 -29.78
N ALA B 340 -3.59 -29.53 -30.56
CA ALA B 340 -4.17 -28.31 -31.14
C ALA B 340 -3.17 -27.51 -31.96
N GLY B 341 -2.12 -28.16 -32.45
CA GLY B 341 -1.14 -27.49 -33.28
C GLY B 341 -0.38 -26.37 -32.60
N THR B 342 0.17 -26.64 -31.42
CA THR B 342 0.91 -25.65 -30.65
C THR B 342 2.28 -25.33 -31.25
N GLU B 343 2.59 -25.81 -32.45
CA GLU B 343 3.84 -25.50 -33.13
C GLU B 343 5.04 -25.89 -32.27
N PHE B 344 5.18 -27.19 -32.03
CA PHE B 344 6.16 -27.67 -31.07
C PHE B 344 7.51 -27.92 -31.74
N TRP B 345 8.50 -28.23 -30.91
CA TRP B 345 9.81 -28.70 -31.37
C TRP B 345 9.91 -30.19 -31.10
N ALA B 346 10.13 -30.97 -32.16
CA ALA B 346 10.17 -32.42 -32.01
C ALA B 346 11.46 -32.88 -31.34
N ASP B 347 12.60 -32.31 -31.74
CA ASP B 347 13.90 -32.79 -31.31
C ASP B 347 14.76 -31.62 -30.86
N THR B 348 15.83 -31.95 -30.12
CA THR B 348 16.72 -30.95 -29.56
C THR B 348 17.60 -30.28 -30.61
N THR B 349 17.66 -30.81 -31.83
CA THR B 349 18.49 -30.21 -32.86
C THR B 349 17.88 -28.95 -33.45
N CYS B 350 16.66 -28.60 -33.04
CA CYS B 350 15.94 -27.38 -33.36
C CYS B 350 15.41 -27.37 -34.79
N SER B 351 15.76 -28.35 -35.63
CA SER B 351 15.30 -28.33 -37.01
C SER B 351 13.79 -28.47 -37.11
N LYS B 352 13.20 -29.36 -36.31
CA LYS B 352 11.79 -29.73 -36.47
C LYS B 352 10.89 -28.72 -35.80
N ARG B 353 10.47 -27.71 -36.56
CA ARG B 353 9.38 -26.81 -36.14
C ARG B 353 8.09 -27.43 -36.65
N CYS B 354 7.51 -28.33 -35.86
CA CYS B 354 6.38 -29.12 -36.33
C CYS B 354 5.09 -28.53 -35.79
N HIS B 355 4.29 -27.96 -36.69
CA HIS B 355 2.90 -27.66 -36.38
C HIS B 355 2.09 -28.95 -36.49
N CYS B 356 1.11 -29.09 -35.61
CA CYS B 356 0.31 -30.31 -35.56
C CYS B 356 -1.05 -30.07 -36.20
N GLY B 357 -1.39 -30.90 -37.17
CA GLY B 357 -2.76 -31.04 -37.59
C GLY B 357 -3.39 -32.21 -36.86
N PRO B 358 -4.07 -31.94 -35.76
CA PRO B 358 -4.52 -33.04 -34.90
C PRO B 358 -5.73 -33.77 -35.47
N GLY B 359 -6.59 -33.04 -36.17
CA GLY B 359 -7.70 -33.69 -36.86
C GLY B 359 -7.25 -34.44 -38.10
N GLY B 360 -6.13 -34.05 -38.69
CA GLY B 360 -5.63 -34.70 -39.88
C GLY B 360 -4.85 -35.97 -39.60
N ASP B 361 -4.62 -36.29 -38.33
CA ASP B 361 -3.88 -37.48 -37.92
C ASP B 361 -2.47 -37.49 -38.52
N SER B 362 -1.85 -36.32 -38.57
CA SER B 362 -0.50 -36.16 -39.09
C SER B 362 -0.01 -34.78 -38.70
N LEU B 363 1.27 -34.52 -38.93
CA LEU B 363 1.91 -33.25 -38.57
C LEU B 363 2.50 -32.61 -39.82
N VAL B 364 2.51 -31.28 -39.85
CA VAL B 364 3.19 -30.53 -40.91
C VAL B 364 4.36 -29.82 -40.26
N CYS B 365 5.57 -30.17 -40.68
CA CYS B 365 6.76 -29.67 -40.01
C CYS B 365 7.61 -28.83 -40.96
N LYS B 366 8.48 -28.02 -40.37
CA LYS B 366 9.43 -27.17 -41.07
C LYS B 366 10.84 -27.46 -40.56
N PRO B 367 11.87 -27.26 -41.40
CA PRO B 367 13.25 -27.59 -41.00
C PRO B 367 14.05 -26.43 -40.41
N ALA B 368 13.43 -25.28 -40.14
CA ALA B 368 14.17 -24.12 -39.69
C ALA B 368 14.69 -24.29 -38.26
N SER B 369 15.67 -23.47 -37.89
CA SER B 369 16.27 -23.49 -36.57
C SER B 369 16.46 -22.07 -36.07
N CYS B 370 16.71 -21.93 -34.77
CA CYS B 370 16.80 -20.60 -34.16
C CYS B 370 17.93 -19.79 -34.76
N GLY B 371 19.18 -20.21 -34.51
CA GLY B 371 20.32 -19.46 -35.00
C GLY B 371 20.28 -18.01 -34.54
N LEU B 372 20.80 -17.13 -35.40
CA LEU B 372 20.70 -15.68 -35.21
C LEU B 372 21.28 -15.23 -33.87
N GLY B 373 22.33 -15.91 -33.42
CA GLY B 373 22.91 -15.60 -32.13
C GLY B 373 22.17 -16.18 -30.94
N GLU B 374 21.16 -17.01 -31.17
CA GLU B 374 20.44 -17.70 -30.10
C GLU B 374 20.44 -19.18 -30.45
N GLU B 375 21.29 -19.94 -29.77
CA GLU B 375 21.35 -21.37 -29.98
C GLU B 375 20.17 -22.04 -29.28
N CYS B 376 19.84 -23.25 -29.74
CA CYS B 376 18.56 -23.86 -29.43
C CYS B 376 18.64 -24.89 -28.31
N ALA B 377 19.43 -24.64 -27.27
CA ALA B 377 19.44 -25.51 -26.11
C ALA B 377 18.06 -25.51 -25.44
N LEU B 378 17.89 -26.43 -24.50
CA LEU B 378 16.59 -26.58 -23.84
C LEU B 378 16.34 -25.42 -22.88
N LEU B 379 15.16 -24.81 -23.02
CA LEU B 379 14.73 -23.75 -22.12
C LEU B 379 14.21 -24.37 -20.82
N PRO B 380 14.18 -23.59 -19.74
CA PRO B 380 13.62 -24.11 -18.48
C PRO B 380 12.11 -24.29 -18.60
N SER B 381 11.69 -25.55 -18.63
CA SER B 381 10.28 -25.93 -18.77
C SER B 381 9.68 -25.33 -20.04
N GLY B 382 10.25 -25.71 -21.18
CA GLY B 382 9.75 -25.25 -22.46
C GLY B 382 10.23 -26.15 -23.58
N GLU B 383 9.64 -25.95 -24.74
CA GLU B 383 10.07 -26.66 -25.93
C GLU B 383 11.50 -26.25 -26.29
N ILE B 384 12.10 -27.02 -27.21
CA ILE B 384 13.43 -26.68 -27.68
C ILE B 384 13.38 -25.30 -28.30
N GLY B 385 14.03 -24.33 -27.64
CA GLY B 385 13.83 -22.94 -28.00
C GLY B 385 15.12 -22.17 -28.04
N CYS B 386 15.04 -20.95 -28.55
CA CYS B 386 16.21 -20.10 -28.71
C CYS B 386 16.69 -19.58 -27.36
N GLN B 387 18.00 -19.39 -27.25
CA GLN B 387 18.64 -18.87 -26.04
C GLN B 387 19.90 -18.14 -26.49
N PRO B 388 20.09 -16.88 -26.10
CA PRO B 388 21.17 -16.08 -26.69
C PRO B 388 22.55 -16.68 -26.44
N THR B 389 23.42 -16.55 -27.44
CA THR B 389 24.78 -17.06 -27.31
C THR B 389 25.56 -16.25 -26.28
N SER B 390 25.53 -14.93 -26.39
CA SER B 390 26.23 -14.06 -25.46
C SER B 390 25.57 -12.69 -25.45
N ILE B 391 25.40 -12.14 -24.26
CA ILE B 391 24.81 -10.82 -24.08
C ILE B 391 25.74 -10.01 -23.19
N THR B 392 26.22 -8.88 -23.71
CA THR B 392 27.08 -8.01 -22.93
C THR B 392 26.23 -7.04 -22.12
N GLU B 393 26.88 -6.03 -21.55
CA GLU B 393 26.23 -5.11 -20.63
C GLU B 393 26.82 -3.72 -20.79
N CYS B 394 25.97 -2.74 -21.10
CA CYS B 394 26.38 -1.35 -21.17
C CYS B 394 26.11 -0.70 -19.82
N GLN B 395 27.15 -0.19 -19.19
CA GLN B 395 27.04 0.48 -17.90
C GLN B 395 26.93 1.98 -18.11
N ALA B 396 25.74 2.51 -17.87
CA ALA B 396 25.51 3.95 -17.89
C ALA B 396 25.78 4.48 -16.50
N TRP B 397 27.06 4.73 -16.21
CA TRP B 397 27.46 5.12 -14.87
C TRP B 397 26.86 6.46 -14.48
N GLY B 398 26.64 6.65 -13.19
CA GLY B 398 26.17 7.92 -12.65
C GLY B 398 26.98 8.32 -11.43
N ASP B 399 27.06 9.63 -11.20
CA ASP B 399 27.82 10.16 -10.08
C ASP B 399 27.07 9.99 -8.76
N PRO C 1 26.81 12.02 -16.50
CA PRO C 1 27.96 11.53 -15.74
C PRO C 1 28.95 10.66 -16.48
N HIS C 2 29.96 10.15 -15.80
CA HIS C 2 30.80 9.15 -16.46
C HIS C 2 30.03 7.92 -16.90
N TYR C 3 30.56 7.20 -17.87
CA TYR C 3 30.04 5.88 -18.20
C TYR C 3 30.96 5.13 -19.16
N THR C 4 30.80 3.81 -19.12
CA THR C 4 31.55 2.89 -19.96
C THR C 4 30.61 2.28 -20.99
N THR C 5 30.96 2.42 -22.26
CA THR C 5 30.24 1.72 -23.31
C THR C 5 30.39 0.20 -23.22
N LEU C 6 29.40 -0.53 -23.75
CA LEU C 6 29.55 -2.01 -23.78
C LEU C 6 30.87 -2.31 -24.49
N ASP C 7 31.32 -1.41 -25.36
CA ASP C 7 32.61 -1.57 -26.09
C ASP C 7 33.80 -1.46 -25.13
N GLY C 8 33.67 -0.71 -24.04
CA GLY C 8 34.83 -0.47 -23.15
C GLY C 8 35.28 0.98 -23.20
N HIS C 9 34.64 1.81 -24.04
CA HIS C 9 34.97 3.24 -24.05
C HIS C 9 34.49 3.89 -22.77
N ARG C 10 35.38 4.65 -22.13
CA ARG C 10 35.07 5.43 -20.95
C ARG C 10 34.98 6.89 -21.36
N PHE C 11 33.83 7.52 -21.13
CA PHE C 11 33.76 8.96 -21.34
C PHE C 11 32.61 9.56 -20.55
N ASP C 12 32.68 10.88 -20.39
CA ASP C 12 31.91 11.61 -19.38
C ASP C 12 31.20 12.79 -20.01
N PHE C 13 30.05 13.16 -19.44
CA PHE C 13 29.27 14.31 -19.86
C PHE C 13 28.52 14.87 -18.67
N GLN C 14 28.10 16.13 -18.78
CA GLN C 14 27.23 16.75 -17.80
C GLN C 14 26.16 17.55 -18.54
N GLY C 15 24.90 17.24 -18.29
CA GLY C 15 23.82 17.88 -19.03
C GLY C 15 22.55 17.94 -18.22
N THR C 16 21.59 18.69 -18.76
CA THR C 16 20.30 18.91 -18.09
C THR C 16 19.10 18.55 -18.95
N CYS C 17 19.29 18.20 -20.22
CA CYS C 17 18.17 17.84 -21.07
C CYS C 17 17.86 16.36 -20.94
N GLU C 18 17.03 15.85 -21.84
CA GLU C 18 16.62 14.45 -21.85
C GLU C 18 17.23 13.78 -23.08
N TYR C 19 18.07 12.78 -22.86
CA TYR C 19 18.81 12.10 -23.92
C TYR C 19 18.27 10.69 -24.10
N LEU C 20 18.93 9.91 -24.95
CA LEU C 20 18.65 8.50 -25.13
C LEU C 20 19.97 7.74 -25.01
N LEU C 21 19.90 6.49 -24.54
CA LEU C 21 21.12 5.72 -24.34
C LEU C 21 21.20 4.45 -25.18
N SER C 22 20.08 3.82 -25.51
CA SER C 22 20.09 2.57 -26.28
C SER C 22 18.92 2.57 -27.24
N ALA C 23 19.21 2.60 -28.53
CA ALA C 23 18.17 2.65 -29.54
C ALA C 23 18.66 2.02 -30.84
N PRO C 24 17.90 1.09 -31.41
CA PRO C 24 18.28 0.54 -32.71
C PRO C 24 18.25 1.62 -33.79
N CYS C 25 19.19 1.54 -34.72
CA CYS C 25 19.27 2.54 -35.79
C CYS C 25 18.02 2.51 -36.64
N HIS C 26 17.54 1.31 -36.97
CA HIS C 26 16.32 1.11 -37.72
C HIS C 26 15.46 0.06 -37.05
N GLU C 27 14.34 -0.27 -37.68
CA GLU C 27 13.52 -1.35 -37.17
C GLU C 27 14.22 -2.68 -37.43
N PRO C 28 14.23 -3.58 -36.45
CA PRO C 28 14.90 -4.88 -36.63
C PRO C 28 14.28 -5.66 -37.77
N PRO C 29 15.06 -6.50 -38.45
CA PRO C 29 14.53 -7.20 -39.64
C PRO C 29 13.32 -8.06 -39.34
N THR C 30 13.43 -9.03 -38.44
CA THR C 30 12.31 -9.89 -38.11
C THR C 30 12.55 -10.52 -36.74
N GLY C 31 11.46 -10.99 -36.14
CA GLY C 31 11.54 -11.60 -34.83
C GLY C 31 11.96 -10.77 -33.65
N THR C 32 11.93 -9.44 -33.78
CA THR C 32 12.31 -8.49 -32.77
C THR C 32 11.88 -7.12 -33.18
N GLU C 33 11.86 -6.17 -32.24
CA GLU C 33 11.27 -4.86 -32.49
C GLU C 33 12.13 -3.75 -31.90
N TYR C 34 11.78 -2.52 -32.24
CA TYR C 34 12.45 -1.36 -31.67
C TYR C 34 12.27 -1.34 -30.16
N PHE C 35 13.29 -0.89 -29.45
CA PHE C 35 13.30 -0.89 -27.98
C PHE C 35 13.94 0.37 -27.45
N ASN C 36 13.75 1.50 -28.14
CA ASN C 36 14.54 2.69 -27.81
C ASN C 36 14.25 3.17 -26.41
N VAL C 37 15.30 3.56 -25.70
CA VAL C 37 15.23 4.02 -24.32
C VAL C 37 15.82 5.42 -24.25
N THR C 38 15.10 6.33 -23.59
CA THR C 38 15.52 7.72 -23.47
C THR C 38 15.87 8.03 -22.03
N VAL C 39 17.00 8.71 -21.84
CA VAL C 39 17.56 8.97 -20.51
C VAL C 39 17.46 10.47 -20.24
N ALA C 40 16.88 10.83 -19.10
CA ALA C 40 16.75 12.22 -18.72
C ALA C 40 17.89 12.64 -17.82
N ASN C 41 18.32 13.89 -17.96
CA ASN C 41 19.35 14.47 -17.10
C ASN C 41 18.80 15.72 -16.43
N GLU C 42 19.40 16.06 -15.29
CA GLU C 42 18.95 17.21 -14.51
C GLU C 42 20.27 17.73 -14.01
N HIS C 43 20.30 19.03 -13.70
CA HIS C 43 21.44 19.57 -12.93
C HIS C 43 21.03 19.53 -11.46
N ARG C 44 21.78 18.79 -10.66
CA ARG C 44 21.41 18.52 -9.28
C ARG C 44 22.67 18.91 -8.52
N GLY C 45 22.49 19.33 -7.26
CA GLY C 45 23.60 19.84 -6.50
C GLY C 45 24.13 21.10 -7.14
N SER C 46 25.44 21.13 -7.37
CA SER C 46 26.09 22.29 -7.95
C SER C 46 25.85 22.31 -9.46
N GLN C 47 26.58 23.17 -10.16
CA GLN C 47 26.46 23.28 -11.60
C GLN C 47 27.57 22.47 -12.29
N ALA C 48 27.45 22.36 -13.62
CA ALA C 48 28.40 21.61 -14.44
C ALA C 48 28.52 20.16 -13.98
N VAL C 49 27.39 19.59 -13.54
CA VAL C 49 27.33 18.19 -13.13
C VAL C 49 25.93 17.69 -13.45
N SER C 50 25.72 16.38 -13.39
CA SER C 50 24.42 15.83 -13.74
C SER C 50 24.23 14.49 -13.04
N TYR C 51 23.04 14.28 -12.49
CA TYR C 51 22.61 12.97 -12.04
C TYR C 51 21.47 12.49 -12.92
N THR C 52 21.46 11.21 -13.24
CA THR C 52 20.42 10.70 -14.13
C THR C 52 19.06 10.81 -13.45
N ARG C 53 18.02 10.93 -14.29
CA ARG C 53 16.68 11.24 -13.83
C ARG C 53 15.66 10.17 -14.17
N SER C 54 15.63 9.73 -15.43
CA SER C 54 14.64 8.74 -15.85
C SER C 54 15.13 8.03 -17.10
N VAL C 55 14.57 6.84 -17.31
CA VAL C 55 14.79 6.07 -18.53
C VAL C 55 13.43 5.59 -19.03
N THR C 56 13.15 5.85 -20.31
CA THR C 56 11.85 5.52 -20.90
C THR C 56 11.97 4.48 -22.00
N LEU C 57 11.49 3.28 -21.73
CA LEU C 57 11.48 2.19 -22.71
C LEU C 57 10.22 1.99 -23.54
N GLN C 58 10.35 2.10 -24.86
CA GLN C 58 9.22 1.93 -25.76
C GLN C 58 9.47 0.70 -26.63
N ILE C 59 8.61 -0.31 -26.48
CA ILE C 59 8.74 -1.56 -27.23
C ILE C 59 7.37 -2.23 -27.26
N TYR C 60 7.09 -2.91 -28.38
CA TYR C 60 5.87 -3.69 -28.54
C TYR C 60 4.61 -2.88 -28.25
N GLY C 61 4.64 -1.59 -28.61
CA GLY C 61 3.49 -0.73 -28.43
C GLY C 61 3.28 -0.21 -27.03
N LEU C 62 4.20 -0.45 -26.10
CA LEU C 62 4.04 -0.02 -24.72
C LEU C 62 5.22 0.84 -24.31
N SER C 63 4.94 2.02 -23.76
CA SER C 63 5.97 2.94 -23.27
C SER C 63 6.08 2.77 -21.76
N LEU C 64 7.13 2.08 -21.32
CA LEU C 64 7.37 1.86 -19.90
C LEU C 64 8.52 2.74 -19.43
N THR C 65 8.26 3.56 -18.43
CA THR C 65 9.26 4.50 -17.94
C THR C 65 9.51 4.39 -16.44
N LEU C 66 10.76 4.65 -16.05
CA LEU C 66 11.19 4.60 -14.66
C LEU C 66 12.01 5.84 -14.35
N SER C 67 11.62 6.58 -13.31
CA SER C 67 12.30 7.83 -13.00
C SER C 67 12.83 7.76 -11.57
N ALA C 68 13.90 8.54 -11.34
CA ALA C 68 14.45 8.66 -10.00
C ALA C 68 13.47 9.37 -9.06
N GLN C 69 12.58 10.18 -9.61
CA GLN C 69 11.63 10.92 -8.77
C GLN C 69 10.69 9.98 -8.05
N TRP C 70 10.19 8.95 -8.72
CA TRP C 70 9.37 7.96 -8.04
C TRP C 70 10.18 6.67 -7.88
N PRO C 71 10.66 6.35 -6.68
CA PRO C 71 11.41 5.11 -6.50
C PRO C 71 10.52 3.89 -6.68
N ARG C 72 11.10 2.83 -7.24
CA ARG C 72 10.49 1.52 -7.40
C ARG C 72 9.01 1.60 -7.79
N LYS C 73 8.77 2.25 -8.93
CA LYS C 73 7.45 2.25 -9.54
C LYS C 73 7.60 2.53 -11.02
N LEU C 74 6.72 1.92 -11.81
CA LEU C 74 6.77 1.98 -13.26
C LEU C 74 5.63 2.84 -13.78
N GLN C 75 5.90 3.56 -14.88
CA GLN C 75 4.90 4.35 -15.56
C GLN C 75 4.65 3.75 -16.94
N VAL C 76 3.40 3.36 -17.19
CA VAL C 76 3.04 2.68 -18.43
C VAL C 76 2.18 3.63 -19.27
N ASN C 77 2.71 4.00 -20.44
CA ASN C 77 1.96 4.74 -21.45
C ASN C 77 1.33 6.01 -20.88
N GLY C 78 1.99 6.60 -19.89
CA GLY C 78 1.52 7.83 -19.31
C GLY C 78 0.64 7.72 -18.08
N GLU C 79 0.53 6.53 -17.48
CA GLU C 79 -0.27 6.35 -16.29
C GLU C 79 0.43 5.42 -15.31
N PHE C 80 0.09 5.56 -14.03
CA PHE C 80 0.68 4.72 -13.00
C PHE C 80 -0.05 3.38 -12.91
N VAL C 81 0.73 2.30 -12.89
CA VAL C 81 0.20 0.95 -12.74
C VAL C 81 1.05 0.22 -11.70
N ALA C 82 0.77 -1.07 -11.53
CA ALA C 82 1.59 -1.89 -10.59
C ALA C 82 2.79 -2.38 -11.41
N LEU C 83 3.95 -2.57 -10.76
CA LEU C 83 5.17 -3.07 -11.45
C LEU C 83 5.10 -4.55 -11.89
N PRO C 84 4.39 -5.48 -11.22
CA PRO C 84 4.38 -6.87 -11.66
C PRO C 84 3.36 -6.89 -12.82
N PHE C 85 3.65 -6.15 -13.88
CA PHE C 85 2.76 -6.11 -15.07
C PHE C 85 3.21 -7.21 -16.03
N HIS C 86 2.77 -8.44 -15.78
CA HIS C 86 3.17 -9.57 -16.62
C HIS C 86 2.30 -9.59 -17.87
N LEU C 87 2.88 -9.19 -19.00
CA LEU C 87 2.17 -9.24 -20.26
C LEU C 87 2.35 -10.65 -20.86
N ASP C 88 1.95 -10.83 -22.11
CA ASP C 88 2.03 -12.13 -22.76
C ASP C 88 3.31 -12.20 -23.59
N GLN C 89 4.17 -13.17 -23.27
CA GLN C 89 5.38 -13.48 -24.02
C GLN C 89 6.37 -12.31 -24.05
N LYS C 90 6.17 -11.29 -23.21
CA LYS C 90 7.05 -10.13 -23.26
C LYS C 90 6.81 -9.27 -22.02
N LEU C 91 7.74 -8.33 -21.80
CA LEU C 91 7.58 -7.28 -20.81
C LEU C 91 7.34 -7.83 -19.41
N SER C 92 8.10 -8.86 -19.05
CA SER C 92 8.03 -9.43 -17.70
C SER C 92 8.83 -8.58 -16.72
N VAL C 93 8.39 -7.31 -16.60
CA VAL C 93 9.08 -6.36 -15.74
C VAL C 93 8.79 -6.66 -14.28
N TYR C 94 9.84 -6.68 -13.46
CA TYR C 94 9.67 -6.97 -12.05
C TYR C 94 10.76 -6.29 -11.24
N ILE C 95 10.47 -6.13 -9.95
CA ILE C 95 11.40 -5.50 -9.01
C ILE C 95 12.45 -6.52 -8.61
N SER C 96 13.72 -6.14 -8.69
CA SER C 96 14.85 -6.99 -8.34
C SER C 96 15.74 -6.19 -7.39
N GLY C 97 15.53 -6.36 -6.09
CA GLY C 97 16.32 -5.64 -5.11
C GLY C 97 16.13 -4.14 -5.25
N ALA C 98 17.25 -3.42 -5.29
CA ALA C 98 17.20 -1.97 -5.48
C ALA C 98 16.79 -1.62 -6.90
N ASP C 99 17.01 -2.54 -7.84
CA ASP C 99 16.73 -2.28 -9.24
C ASP C 99 15.33 -2.75 -9.62
N VAL C 100 14.93 -2.40 -10.84
CA VAL C 100 13.81 -3.01 -11.52
C VAL C 100 14.31 -3.43 -12.90
N VAL C 101 13.89 -4.61 -13.35
CA VAL C 101 14.40 -5.21 -14.57
C VAL C 101 13.24 -5.42 -15.52
N VAL C 102 13.40 -4.92 -16.74
CA VAL C 102 12.52 -5.22 -17.86
C VAL C 102 13.15 -6.41 -18.60
N ASN C 103 12.45 -7.53 -18.61
CA ASN C 103 12.88 -8.73 -19.31
C ASN C 103 11.92 -8.98 -20.48
N THR C 104 12.46 -9.40 -21.61
CA THR C 104 11.67 -9.56 -22.83
C THR C 104 12.04 -10.86 -23.52
N ALA C 105 11.14 -11.31 -24.40
CA ALA C 105 11.44 -12.46 -25.24
C ALA C 105 12.63 -12.18 -26.14
N SER C 106 12.69 -10.98 -26.70
CA SER C 106 13.90 -10.55 -27.37
C SER C 106 15.03 -10.38 -26.37
N GLY C 107 16.26 -10.33 -26.88
CA GLY C 107 17.41 -10.33 -26.00
C GLY C 107 17.53 -9.09 -25.14
N VAL C 108 16.77 -8.03 -25.48
CA VAL C 108 16.84 -6.79 -24.73
C VAL C 108 16.45 -7.04 -23.29
N SER C 109 17.26 -6.54 -22.35
CA SER C 109 16.95 -6.65 -20.93
C SER C 109 17.55 -5.45 -20.22
N LEU C 110 16.73 -4.71 -19.48
CA LEU C 110 17.17 -3.48 -18.87
C LEU C 110 17.09 -3.60 -17.36
N ALA C 111 18.10 -3.07 -16.67
CA ALA C 111 18.13 -3.02 -15.22
C ALA C 111 18.39 -1.59 -14.78
N PHE C 112 17.46 -1.05 -13.99
CA PHE C 112 17.54 0.35 -13.58
C PHE C 112 17.09 0.48 -12.14
N ASP C 113 17.94 1.04 -11.30
CA ASP C 113 17.60 1.27 -9.90
C ASP C 113 17.29 2.73 -9.62
N GLY C 114 17.42 3.61 -10.61
CA GLY C 114 17.52 5.01 -10.30
C GLY C 114 18.85 5.25 -9.62
N ASP C 115 18.97 6.44 -9.04
CA ASP C 115 20.16 6.81 -8.25
C ASP C 115 21.44 6.53 -9.01
N SER C 116 21.50 7.03 -10.25
CA SER C 116 22.75 7.14 -11.00
C SER C 116 23.33 5.78 -11.43
N PHE C 117 22.49 4.92 -12.02
CA PHE C 117 22.99 3.74 -12.73
C PHE C 117 21.89 3.15 -13.60
N VAL C 118 22.21 2.85 -14.85
CA VAL C 118 21.35 2.10 -15.76
C VAL C 118 22.21 1.09 -16.49
N ARG C 119 21.67 -0.12 -16.73
CA ARG C 119 22.40 -1.18 -17.40
C ARG C 119 21.38 -1.77 -18.37
N LEU C 120 21.81 -2.00 -19.61
CA LEU C 120 20.94 -2.44 -20.69
C LEU C 120 21.69 -3.58 -21.42
N ARG C 121 21.30 -4.81 -21.10
CA ARG C 121 21.92 -5.99 -21.67
C ARG C 121 21.29 -6.14 -23.05
N VAL C 122 22.11 -6.14 -24.07
CA VAL C 122 21.67 -6.12 -25.47
C VAL C 122 22.16 -7.40 -26.13
N PRO C 123 21.30 -8.13 -26.86
CA PRO C 123 21.72 -9.41 -27.43
C PRO C 123 22.73 -9.23 -28.55
N ALA C 124 23.48 -10.31 -28.79
CA ALA C 124 24.47 -10.29 -29.87
C ALA C 124 23.82 -10.12 -31.23
N ALA C 125 22.55 -10.53 -31.36
CA ALA C 125 21.83 -10.32 -32.61
C ALA C 125 21.67 -8.83 -32.90
N TYR C 126 21.56 -8.01 -31.86
CA TYR C 126 21.43 -6.57 -32.00
C TYR C 126 22.82 -5.94 -32.08
N ALA C 127 23.53 -6.27 -33.14
CA ALA C 127 24.90 -5.80 -33.31
C ALA C 127 25.11 -4.97 -34.57
N GLY C 128 24.39 -5.27 -35.65
CA GLY C 128 24.64 -4.57 -36.91
C GLY C 128 24.27 -3.10 -36.85
N THR C 129 23.10 -2.79 -36.27
CA THR C 129 22.57 -1.42 -36.27
C THR C 129 22.05 -1.09 -34.88
N LEU C 130 22.91 -0.52 -34.04
CA LEU C 130 22.54 0.01 -32.75
C LEU C 130 23.06 1.43 -32.63
N CYS C 131 22.14 2.40 -32.53
CA CYS C 131 22.49 3.81 -32.56
C CYS C 131 22.29 4.51 -31.22
N GLY C 132 22.14 3.77 -30.14
CA GLY C 132 22.01 4.39 -28.84
C GLY C 132 23.32 5.02 -28.37
N LEU C 133 23.20 5.86 -27.34
CA LEU C 133 24.38 6.48 -26.76
C LEU C 133 25.33 5.46 -26.13
N CYS C 134 24.86 4.24 -25.86
CA CYS C 134 25.74 3.22 -25.30
C CYS C 134 26.85 2.86 -26.28
N GLY C 135 26.66 3.21 -27.56
CA GLY C 135 27.70 2.95 -28.57
C GLY C 135 27.36 1.72 -29.41
N ASN C 136 28.19 1.42 -30.41
CA ASN C 136 27.93 0.27 -31.33
C ASN C 136 28.20 -1.05 -30.60
N TYR C 137 27.70 -2.16 -31.13
CA TYR C 137 27.85 -3.47 -30.45
C TYR C 137 29.15 -4.16 -30.91
N ASN C 138 29.93 -3.50 -31.77
CA ASN C 138 31.19 -4.09 -32.29
C ASN C 138 32.10 -4.28 -31.09
N LYS C 139 31.90 -3.51 -30.01
CA LYS C 139 32.71 -3.63 -28.76
C LYS C 139 34.12 -3.07 -28.98
N ASN C 140 34.27 -2.13 -29.92
CA ASN C 140 35.58 -1.48 -30.13
C ASN C 140 35.40 -0.11 -29.46
N PRO C 141 36.20 0.23 -28.42
CA PRO C 141 36.06 1.51 -27.72
C PRO C 141 36.36 2.72 -28.61
N ASN C 142 37.37 2.60 -29.48
CA ASN C 142 37.81 3.74 -30.32
C ASN C 142 36.72 4.22 -31.29
N ASP C 143 35.91 3.31 -31.83
CA ASP C 143 34.93 3.70 -32.89
C ASP C 143 33.61 4.20 -32.28
N ASP C 144 33.52 4.34 -30.95
CA ASP C 144 32.29 4.88 -30.31
C ASP C 144 32.18 6.39 -30.54
N LEU C 145 30.96 6.96 -30.38
CA LEU C 145 30.72 8.42 -30.58
C LEU C 145 31.49 8.94 -31.79
N THR C 146 31.42 8.25 -32.93
CA THR C 146 32.08 8.72 -34.13
C THR C 146 31.14 9.49 -35.05
N ALA C 147 29.90 9.01 -35.19
CA ALA C 147 28.96 9.69 -36.08
C ALA C 147 28.51 11.03 -35.50
N VAL C 148 28.19 11.06 -34.21
CA VAL C 148 27.72 12.29 -33.57
C VAL C 148 28.86 13.24 -33.25
N GLY C 149 30.10 12.84 -33.46
CA GLY C 149 31.23 13.66 -33.10
C GLY C 149 31.64 13.48 -31.66
N GLY C 150 32.57 14.32 -31.23
CA GLY C 150 33.09 14.24 -29.87
C GLY C 150 32.10 14.61 -28.80
N LYS C 151 30.94 15.14 -29.17
CA LYS C 151 29.95 15.57 -28.20
C LYS C 151 29.39 14.36 -27.45
N PRO C 152 29.52 14.32 -26.13
CA PRO C 152 28.81 13.30 -25.34
C PRO C 152 27.39 13.69 -24.97
N GLU C 153 26.90 14.82 -25.48
CA GLU C 153 25.54 15.28 -25.22
C GLU C 153 24.81 15.65 -26.52
N GLY C 154 25.31 15.19 -27.66
CA GLY C 154 24.68 15.55 -28.93
C GLY C 154 23.29 14.96 -29.08
N TRP C 155 23.08 13.75 -28.56
CA TRP C 155 21.78 13.09 -28.64
C TRP C 155 20.89 13.60 -27.51
N LYS C 156 19.71 14.11 -27.89
CA LYS C 156 18.75 14.58 -26.92
C LYS C 156 17.35 14.46 -27.51
N VAL C 157 16.36 14.34 -26.62
CA VAL C 157 14.96 14.26 -27.01
C VAL C 157 14.16 15.18 -26.10
N GLY C 158 13.40 16.10 -26.71
CA GLY C 158 12.55 16.99 -25.94
C GLY C 158 13.35 17.83 -24.97
N GLY C 159 12.87 17.90 -23.74
CA GLY C 159 13.55 18.63 -22.69
C GLY C 159 12.87 19.96 -22.38
N ALA C 160 13.20 20.49 -21.20
CA ALA C 160 12.68 21.78 -20.77
C ALA C 160 13.28 22.89 -21.64
N PRO C 161 12.58 24.03 -21.75
CA PRO C 161 13.12 25.12 -22.58
C PRO C 161 14.47 25.64 -22.14
N GLY C 162 14.77 25.59 -20.84
CA GLY C 162 16.00 26.15 -20.32
C GLY C 162 17.09 25.13 -20.07
N CYS C 163 17.02 23.97 -20.74
CA CYS C 163 18.02 22.93 -20.51
C CYS C 163 19.37 23.32 -21.12
N ASP C 164 19.36 24.04 -22.24
CA ASP C 164 20.59 24.32 -22.96
C ASP C 164 21.57 25.15 -22.13
N GLN C 165 21.08 26.17 -21.43
CA GLN C 165 21.92 27.10 -20.70
C GLN C 165 21.76 26.87 -19.21
N CYS C 166 22.88 26.68 -18.51
CA CYS C 166 22.84 26.56 -17.06
C CYS C 166 22.35 27.85 -16.42
N GLU C 167 22.90 28.97 -16.83
CA GLU C 167 22.60 30.28 -16.27
C GLU C 167 23.08 31.33 -17.25
N PRO C 168 22.69 32.60 -17.06
CA PRO C 168 23.32 33.66 -17.85
C PRO C 168 24.84 33.67 -17.72
N GLU C 169 25.36 33.37 -16.53
CA GLU C 169 26.78 33.15 -16.36
C GLU C 169 27.17 31.80 -16.95
N PRO C 170 28.40 31.66 -17.46
CA PRO C 170 28.76 30.44 -18.19
C PRO C 170 28.93 29.21 -17.31
N CYS C 171 27.83 28.69 -16.76
CA CYS C 171 27.80 27.43 -16.04
C CYS C 171 28.87 27.39 -14.95
N PRO C 172 28.64 28.07 -13.82
CA PRO C 172 29.72 28.25 -12.83
C PRO C 172 30.30 26.94 -12.33
N LYS C 173 31.57 27.01 -11.96
CA LYS C 173 32.32 25.93 -11.33
C LYS C 173 32.48 24.70 -12.23
N PRO C 174 33.21 24.81 -13.34
CA PRO C 174 33.73 23.61 -13.98
C PRO C 174 34.73 22.93 -13.06
N CYS C 175 34.70 21.61 -13.04
CA CYS C 175 35.53 20.90 -12.06
C CYS C 175 37.00 20.98 -12.43
N THR C 176 37.85 20.77 -11.42
CA THR C 176 39.27 20.96 -11.58
C THR C 176 39.84 19.96 -12.59
N PRO C 177 40.48 20.43 -13.66
CA PRO C 177 41.11 19.48 -14.60
C PRO C 177 42.18 18.62 -13.95
N GLU C 178 42.92 19.16 -13.00
CA GLU C 178 44.00 18.42 -12.36
C GLU C 178 43.50 17.47 -11.27
N GLU C 179 42.23 17.55 -10.91
CA GLU C 179 41.66 16.72 -9.84
C GLU C 179 42.45 16.88 -8.55
N GLN C 180 42.62 18.14 -8.13
CA GLN C 180 43.37 18.44 -6.91
C GLN C 180 42.48 18.08 -5.73
N GLU C 181 42.39 16.78 -5.45
CA GLU C 181 41.48 16.26 -4.45
C GLU C 181 42.26 15.76 -3.25
N PRO C 182 42.18 16.42 -2.09
CA PRO C 182 42.69 15.83 -0.85
C PRO C 182 41.94 14.59 -0.41
N PHE C 183 40.79 14.31 -1.00
CA PHE C 183 40.01 13.12 -0.71
C PHE C 183 40.43 11.92 -1.55
N ARG C 184 41.51 12.03 -2.32
CA ARG C 184 42.07 10.85 -2.97
C ARG C 184 42.49 9.82 -1.95
N GLY C 185 42.74 10.25 -0.71
CA GLY C 185 43.06 9.36 0.39
C GLY C 185 41.95 8.36 0.66
N PRO C 186 42.33 7.22 1.26
CA PRO C 186 41.36 6.13 1.45
C PRO C 186 40.25 6.42 2.44
N ASP C 187 40.32 7.54 3.16
CA ASP C 187 39.27 7.85 4.12
C ASP C 187 37.92 8.03 3.45
N ALA C 188 37.89 8.74 2.31
CA ALA C 188 36.68 8.90 1.52
C ALA C 188 37.02 8.70 0.05
N CYS C 189 36.12 8.05 -0.69
CA CYS C 189 36.33 7.73 -2.10
C CYS C 189 37.63 6.95 -2.31
N GLY C 190 37.94 6.09 -1.34
CA GLY C 190 39.18 5.34 -1.39
C GLY C 190 39.02 3.90 -0.97
N ILE C 191 37.81 3.35 -1.15
CA ILE C 191 37.53 1.97 -0.78
C ILE C 191 37.35 1.07 -2.00
N ILE C 192 37.30 1.63 -3.21
CA ILE C 192 37.01 0.82 -4.38
C ILE C 192 38.28 0.25 -5.02
N THR C 193 39.44 0.85 -4.75
CA THR C 193 40.70 0.35 -5.30
C THR C 193 41.74 0.00 -4.25
N ALA C 194 41.57 0.42 -3.00
CA ALA C 194 42.53 0.08 -1.96
C ALA C 194 42.43 -1.41 -1.62
N PRO C 195 43.51 -2.17 -1.75
CA PRO C 195 43.45 -3.60 -1.44
C PRO C 195 43.40 -3.84 0.06
N GLU C 196 43.26 -5.12 0.40
CA GLU C 196 43.21 -5.58 1.80
C GLU C 196 42.05 -4.94 2.56
N GLY C 197 40.96 -4.66 1.85
CA GLY C 197 39.78 -4.08 2.46
C GLY C 197 38.55 -4.93 2.21
N PRO C 198 37.38 -4.37 2.53
CA PRO C 198 36.11 -5.08 2.29
C PRO C 198 35.72 -5.33 0.85
N LEU C 199 36.36 -4.66 -0.11
CA LEU C 199 36.13 -4.88 -1.52
C LEU C 199 37.26 -5.69 -2.14
N ALA C 200 37.83 -6.61 -1.35
CA ALA C 200 39.01 -7.34 -1.80
C ALA C 200 38.71 -8.21 -3.01
N PRO C 201 37.62 -9.02 -3.04
CA PRO C 201 37.46 -9.96 -4.17
C PRO C 201 37.47 -9.31 -5.53
N CYS C 202 36.60 -8.34 -5.77
CA CYS C 202 36.57 -7.66 -7.06
C CYS C 202 37.84 -6.86 -7.34
N HIS C 203 38.67 -6.63 -6.33
CA HIS C 203 39.99 -6.06 -6.59
C HIS C 203 40.76 -6.91 -7.58
N SER C 204 40.53 -8.23 -7.58
CA SER C 204 41.16 -9.09 -8.56
C SER C 204 40.25 -9.31 -9.76
N LEU C 205 38.95 -9.49 -9.52
CA LEU C 205 38.03 -9.82 -10.60
C LEU C 205 37.72 -8.63 -11.50
N VAL C 206 37.49 -7.45 -10.92
CA VAL C 206 37.09 -6.27 -11.66
C VAL C 206 38.22 -5.25 -11.60
N PRO C 207 38.87 -4.93 -12.71
CA PRO C 207 39.91 -3.91 -12.70
C PRO C 207 39.33 -2.54 -12.40
N PRO C 208 39.64 -1.96 -11.24
CA PRO C 208 38.96 -0.75 -10.78
C PRO C 208 39.60 0.57 -11.19
N THR C 209 40.65 0.54 -12.02
CA THR C 209 41.22 1.78 -12.53
C THR C 209 40.23 2.51 -13.43
N GLN C 210 39.44 1.74 -14.19
CA GLN C 210 38.43 2.35 -15.05
C GLN C 210 37.39 3.11 -14.25
N TYR C 211 37.04 2.60 -13.07
CA TYR C 211 35.97 3.17 -12.26
C TYR C 211 36.45 4.12 -11.17
N PHE C 212 37.75 4.15 -10.89
CA PHE C 212 38.24 4.95 -9.76
C PHE C 212 38.14 6.44 -10.04
N GLU C 213 38.48 6.86 -11.26
CA GLU C 213 38.64 8.29 -11.54
C GLU C 213 37.32 9.04 -11.51
N ALA C 214 36.19 8.32 -11.48
CA ALA C 214 34.92 8.99 -11.31
C ALA C 214 34.72 9.49 -9.89
N CYS C 215 35.28 8.79 -8.90
CA CYS C 215 35.10 9.18 -7.50
C CYS C 215 35.72 10.53 -7.22
N LEU C 216 36.90 10.80 -7.80
CA LEU C 216 37.60 12.04 -7.51
C LEU C 216 36.83 13.26 -8.00
N LEU C 217 36.16 13.16 -9.14
CA LEU C 217 35.36 14.29 -9.62
C LEU C 217 34.23 14.62 -8.66
N ASP C 218 33.72 13.62 -7.95
CA ASP C 218 32.67 13.86 -6.97
C ASP C 218 33.17 14.78 -5.86
N ALA C 219 34.40 14.56 -5.40
CA ALA C 219 34.97 15.43 -4.38
C ALA C 219 35.14 16.86 -4.91
N CYS C 220 35.56 16.99 -6.16
CA CYS C 220 35.74 18.33 -6.73
C CYS C 220 34.41 19.07 -6.80
N GLN C 221 33.37 18.41 -7.32
CA GLN C 221 32.09 19.10 -7.48
C GLN C 221 31.51 19.53 -6.14
N VAL C 222 31.59 18.67 -5.13
CA VAL C 222 31.10 18.99 -3.80
C VAL C 222 32.00 18.30 -2.78
N GLN C 223 32.34 19.02 -1.72
CA GLN C 223 33.34 18.56 -0.76
C GLN C 223 32.77 17.47 0.13
N GLY C 224 33.10 16.22 -0.19
CA GLY C 224 32.75 15.09 0.66
C GLY C 224 31.27 14.95 0.95
N HIS C 225 30.45 15.15 -0.07
CA HIS C 225 29.01 15.06 0.11
C HIS C 225 28.61 13.61 0.33
N PRO C 226 27.91 13.29 1.41
CA PRO C 226 27.33 11.94 1.52
C PRO C 226 26.43 11.61 0.35
N GLY C 227 25.67 12.57 -0.14
CA GLY C 227 24.87 12.37 -1.32
C GLY C 227 25.66 12.24 -2.60
N GLY C 228 26.97 12.47 -2.53
CA GLY C 228 27.84 12.20 -3.65
C GLY C 228 28.70 10.97 -3.43
N LEU C 229 28.79 10.53 -2.18
CA LEU C 229 29.59 9.35 -1.88
C LEU C 229 28.78 8.07 -1.98
N CYS C 230 27.57 8.07 -1.41
CA CYS C 230 26.76 6.86 -1.44
C CYS C 230 26.48 6.32 -2.84
N PRO C 231 26.13 7.12 -3.85
CA PRO C 231 25.74 6.52 -5.14
C PRO C 231 26.87 5.88 -5.92
N ALA C 232 28.04 6.50 -6.02
CA ALA C 232 29.10 6.01 -6.89
C ALA C 232 29.65 4.66 -6.45
N ILE C 233 29.93 4.49 -5.15
CA ILE C 233 30.45 3.22 -4.68
C ILE C 233 29.47 2.10 -4.90
N ALA C 234 28.18 2.32 -4.64
CA ALA C 234 27.16 1.33 -4.96
C ALA C 234 27.08 1.06 -6.46
N THR C 235 27.27 2.11 -7.27
CA THR C 235 27.23 1.95 -8.72
C THR C 235 28.33 1.01 -9.20
N TYR C 236 29.53 1.17 -8.63
CA TYR C 236 30.61 0.24 -8.97
C TYR C 236 30.37 -1.14 -8.38
N VAL C 237 29.79 -1.20 -7.18
CA VAL C 237 29.58 -2.47 -6.50
C VAL C 237 28.61 -3.34 -7.28
N ALA C 238 27.59 -2.74 -7.87
CA ALA C 238 26.63 -3.52 -8.64
C ALA C 238 27.29 -4.18 -9.86
N ALA C 239 28.06 -3.41 -10.63
CA ALA C 239 28.74 -3.97 -11.79
C ALA C 239 29.78 -5.00 -11.36
N CYS C 240 30.38 -4.82 -10.19
CA CYS C 240 31.28 -5.82 -9.66
C CYS C 240 30.54 -7.12 -9.35
N GLN C 241 29.34 -7.00 -8.76
CA GLN C 241 28.56 -8.18 -8.43
C GLN C 241 27.99 -8.84 -9.67
N ALA C 242 27.95 -8.11 -10.80
CA ALA C 242 27.49 -8.71 -12.05
C ALA C 242 28.29 -9.98 -12.37
N ALA C 243 29.57 -9.97 -12.06
CA ALA C 243 30.39 -11.19 -12.07
C ALA C 243 30.60 -11.57 -10.60
N GLY C 244 30.05 -12.73 -10.21
CA GLY C 244 29.95 -13.11 -8.81
C GLY C 244 31.21 -13.00 -7.99
N ALA C 245 31.10 -12.34 -6.83
CA ALA C 245 32.19 -12.21 -5.88
C ALA C 245 31.61 -11.99 -4.49
N GLN C 246 32.24 -12.60 -3.50
CA GLN C 246 31.77 -12.52 -2.11
C GLN C 246 32.29 -11.22 -1.50
N LEU C 247 31.62 -10.13 -1.83
CA LEU C 247 32.03 -8.81 -1.36
C LEU C 247 31.81 -8.67 0.15
N GLY C 248 32.74 -7.98 0.81
CA GLY C 248 32.52 -7.55 2.17
C GLY C 248 31.63 -6.32 2.23
N GLU C 249 31.33 -5.90 3.46
CA GLU C 249 30.47 -4.74 3.64
C GLU C 249 31.22 -3.46 3.28
N TRP C 250 30.77 -2.79 2.22
CA TRP C 250 31.26 -1.46 1.89
C TRP C 250 30.43 -0.36 2.51
N ARG C 251 29.20 -0.65 2.92
CA ARG C 251 28.30 0.34 3.49
C ARG C 251 28.57 0.45 4.98
N LYS C 252 29.06 1.61 5.40
CA LYS C 252 29.28 1.90 6.81
C LYS C 252 28.48 3.12 7.20
N PRO C 253 27.89 3.15 8.41
CA PRO C 253 27.09 4.32 8.80
C PRO C 253 27.87 5.63 8.76
N ASP C 254 29.16 5.60 9.11
CA ASP C 254 29.97 6.81 8.99
C ASP C 254 30.19 7.17 7.53
N PHE C 255 30.52 6.19 6.69
CA PHE C 255 30.76 6.48 5.28
C PHE C 255 29.47 6.79 4.56
N CYS C 256 28.55 5.84 4.51
CA CYS C 256 27.29 6.06 3.81
C CYS C 256 26.21 5.11 4.32
N PRO C 257 25.26 5.60 5.11
CA PRO C 257 24.11 4.77 5.47
C PRO C 257 23.04 4.85 4.39
N LEU C 258 21.98 4.04 4.52
CA LEU C 258 20.91 4.02 3.54
C LEU C 258 19.58 3.83 4.25
N GLN C 259 18.55 4.52 3.78
CA GLN C 259 17.20 4.43 4.31
C GLN C 259 16.27 3.90 3.23
N CYS C 260 15.25 3.17 3.65
CA CYS C 260 14.32 2.49 2.76
C CYS C 260 12.90 2.71 3.25
N PRO C 261 11.90 2.47 2.39
CA PRO C 261 10.51 2.52 2.85
C PRO C 261 10.25 1.52 3.97
N ALA C 262 9.05 1.60 4.53
CA ALA C 262 8.72 0.86 5.75
C ALA C 262 8.94 -0.64 5.57
N HIS C 263 9.54 -1.26 6.60
CA HIS C 263 9.76 -2.70 6.64
C HIS C 263 10.65 -3.18 5.50
N SER C 264 11.71 -2.42 5.21
CA SER C 264 12.70 -2.82 4.23
C SER C 264 14.10 -2.62 4.82
N HIS C 265 14.87 -3.70 4.85
CA HIS C 265 16.20 -3.66 5.45
C HIS C 265 17.24 -4.02 4.40
N TYR C 266 18.47 -3.58 4.64
CA TYR C 266 19.53 -3.65 3.64
C TYR C 266 20.28 -4.97 3.73
N GLN C 267 20.51 -5.58 2.57
CA GLN C 267 21.28 -6.81 2.45
C GLN C 267 22.17 -6.70 1.23
N LEU C 268 23.45 -7.04 1.39
CA LEU C 268 24.41 -6.95 0.30
C LEU C 268 24.23 -8.05 -0.73
N CYS C 269 23.75 -9.23 -0.32
CA CYS C 269 23.49 -10.34 -1.22
C CYS C 269 22.11 -10.91 -0.88
N GLY C 270 21.10 -10.46 -1.63
CA GLY C 270 19.74 -10.91 -1.41
C GLY C 270 19.13 -11.42 -2.69
N ASP C 271 17.93 -11.98 -2.56
CA ASP C 271 17.23 -12.54 -3.70
C ASP C 271 17.02 -11.49 -4.79
N SER C 272 17.33 -11.86 -6.03
CA SER C 272 17.13 -10.99 -7.16
C SER C 272 15.76 -11.18 -7.80
N CYS C 273 14.94 -12.09 -7.30
CA CYS C 273 13.58 -12.31 -7.80
C CYS C 273 12.62 -12.53 -6.63
N PRO C 274 12.33 -11.48 -5.86
CA PRO C 274 11.29 -11.60 -4.83
C PRO C 274 9.92 -11.80 -5.47
N VAL C 275 9.04 -12.42 -4.72
CA VAL C 275 7.73 -12.81 -5.22
C VAL C 275 6.76 -11.64 -5.05
N SER C 276 6.07 -11.31 -6.14
CA SER C 276 5.14 -10.18 -6.15
C SER C 276 3.75 -10.63 -5.72
N CYS C 277 2.78 -9.74 -5.96
CA CYS C 277 1.36 -10.05 -5.63
C CYS C 277 0.92 -11.30 -6.40
N PRO C 278 1.02 -11.39 -7.75
CA PRO C 278 0.73 -12.65 -8.42
C PRO C 278 1.91 -13.35 -7.74
N SER C 279 1.67 -14.44 -7.01
CA SER C 279 2.80 -15.02 -6.23
C SER C 279 3.54 -15.96 -7.22
N LEU C 280 4.22 -15.33 -8.17
CA LEU C 280 5.05 -16.07 -9.16
C LEU C 280 6.44 -15.45 -9.14
N SER C 281 7.49 -16.26 -8.94
CA SER C 281 8.86 -15.69 -9.03
C SER C 281 9.10 -15.57 -10.54
N ALA C 282 9.77 -14.50 -10.97
CA ALA C 282 9.95 -14.29 -12.40
C ALA C 282 10.52 -15.53 -13.06
N PRO C 283 9.90 -16.02 -14.14
CA PRO C 283 10.40 -17.26 -14.77
C PRO C 283 11.78 -17.13 -15.37
N VAL C 284 12.27 -15.92 -15.62
CA VAL C 284 13.58 -15.70 -16.22
C VAL C 284 14.65 -16.18 -15.24
N GLY C 285 15.88 -16.37 -15.73
CA GLY C 285 16.98 -16.82 -14.89
C GLY C 285 17.17 -15.99 -13.65
N CYS C 286 16.99 -16.61 -12.49
CA CYS C 286 17.03 -15.91 -11.21
C CYS C 286 18.16 -16.49 -10.35
N GLU C 287 18.40 -15.82 -9.24
CA GLU C 287 19.51 -16.14 -8.33
C GLU C 287 20.85 -16.09 -9.04
N THR C 288 20.90 -15.42 -10.21
CA THR C 288 22.16 -15.26 -10.92
C THR C 288 23.13 -14.41 -10.13
N ILE C 289 22.65 -13.30 -9.55
CA ILE C 289 23.45 -12.43 -8.71
C ILE C 289 22.62 -12.07 -7.49
N CYS C 290 23.22 -12.19 -6.31
CA CYS C 290 22.56 -11.74 -5.08
C CYS C 290 22.87 -10.26 -4.92
N ARG C 291 21.93 -9.43 -5.37
CA ARG C 291 22.14 -7.99 -5.39
C ARG C 291 22.01 -7.39 -4.00
N GLU C 292 22.71 -6.28 -3.78
CA GLU C 292 22.48 -5.47 -2.60
C GLU C 292 21.19 -4.67 -2.78
N GLY C 293 20.60 -4.28 -1.66
CA GLY C 293 19.39 -3.49 -1.71
C GLY C 293 18.59 -3.67 -0.43
N CYS C 294 17.29 -3.41 -0.53
CA CYS C 294 16.38 -3.55 0.58
C CYS C 294 15.34 -4.61 0.28
N VAL C 295 15.11 -5.49 1.26
CA VAL C 295 14.22 -6.64 1.09
C VAL C 295 13.12 -6.56 2.14
N CYS C 296 11.88 -6.72 1.70
CA CYS C 296 10.76 -6.76 2.62
C CYS C 296 10.87 -7.98 3.52
N ASP C 297 10.53 -7.80 4.80
CA ASP C 297 10.54 -8.87 5.78
C ASP C 297 9.10 -9.17 6.20
N ALA C 298 8.72 -10.45 6.12
CA ALA C 298 7.35 -10.88 6.39
C ALA C 298 6.34 -10.15 5.51
N GLY C 299 6.78 -9.78 4.29
CA GLY C 299 5.92 -9.11 3.35
C GLY C 299 6.41 -9.34 1.94
N PHE C 300 5.61 -8.86 0.98
CA PHE C 300 5.94 -9.02 -0.43
C PHE C 300 5.77 -7.69 -1.14
N VAL C 301 6.50 -7.54 -2.24
CA VAL C 301 6.56 -6.26 -2.96
C VAL C 301 5.31 -6.15 -3.81
N LEU C 302 4.30 -5.45 -3.28
CA LEU C 302 3.04 -5.22 -3.98
C LEU C 302 3.18 -4.00 -4.89
N SER C 303 2.82 -4.17 -6.16
CA SER C 303 2.91 -3.11 -7.16
C SER C 303 4.32 -2.52 -7.25
N GLY C 304 5.31 -3.25 -6.74
CA GLY C 304 6.68 -2.77 -6.76
C GLY C 304 7.06 -1.84 -5.64
N ASP C 305 6.22 -1.70 -4.61
CA ASP C 305 6.55 -0.80 -3.51
C ASP C 305 5.72 -1.14 -2.29
N THR C 306 6.02 -0.44 -1.20
CA THR C 306 5.29 -0.35 0.06
C THR C 306 5.43 -1.58 0.93
N CYS C 307 6.04 -2.67 0.46
CA CYS C 307 6.18 -3.92 1.22
C CYS C 307 4.86 -4.29 1.91
N VAL C 308 3.83 -4.49 1.10
CA VAL C 308 2.46 -4.66 1.60
C VAL C 308 2.37 -5.88 2.51
N PRO C 309 1.48 -5.88 3.50
CA PRO C 309 1.36 -7.04 4.38
C PRO C 309 0.83 -8.23 3.60
N VAL C 310 1.15 -9.43 4.11
CA VAL C 310 0.90 -10.68 3.41
C VAL C 310 -0.58 -10.88 3.09
N GLY C 311 -0.87 -11.25 1.85
CA GLY C 311 -2.19 -11.71 1.47
C GLY C 311 -3.20 -10.64 1.10
N GLN C 312 -2.85 -9.37 1.20
CA GLN C 312 -3.75 -8.30 0.82
C GLN C 312 -3.55 -7.87 -0.63
N CYS C 313 -2.82 -8.67 -1.40
CA CYS C 313 -2.61 -8.38 -2.82
C CYS C 313 -3.95 -8.38 -3.56
N GLY C 314 -4.17 -7.35 -4.37
CA GLY C 314 -5.48 -7.00 -4.86
C GLY C 314 -5.89 -7.67 -6.15
N CYS C 315 -6.57 -6.89 -6.99
CA CYS C 315 -7.29 -7.43 -8.13
C CYS C 315 -6.39 -7.57 -9.36
N LEU C 316 -6.59 -8.64 -10.10
CA LEU C 316 -5.87 -8.88 -11.34
C LEU C 316 -6.73 -8.63 -12.57
N TYR C 317 -7.77 -7.80 -12.43
CA TYR C 317 -8.69 -7.55 -13.53
C TYR C 317 -7.96 -6.98 -14.74
N GLN C 318 -8.32 -7.48 -15.92
CA GLN C 318 -7.78 -7.01 -17.20
C GLN C 318 -6.27 -7.23 -17.33
N GLY C 319 -5.70 -8.02 -16.43
CA GLY C 319 -4.28 -8.32 -16.46
C GLY C 319 -3.42 -7.35 -15.69
N ARG C 320 -3.65 -6.05 -15.82
CA ARG C 320 -2.93 -5.05 -15.04
C ARG C 320 -3.33 -5.21 -13.58
N TYR C 321 -2.34 -5.49 -12.73
CA TYR C 321 -2.63 -5.59 -11.31
C TYR C 321 -3.05 -4.23 -10.76
N TYR C 322 -4.15 -4.22 -10.02
CA TYR C 322 -4.65 -3.02 -9.35
C TYR C 322 -4.69 -3.27 -7.84
N VAL C 323 -4.19 -2.30 -7.09
CA VAL C 323 -4.01 -2.43 -5.65
C VAL C 323 -5.35 -2.45 -4.95
N LEU C 324 -5.36 -2.87 -3.68
CA LEU C 324 -6.57 -2.87 -2.88
C LEU C 324 -7.06 -1.44 -2.65
N GLY C 325 -8.36 -1.24 -2.82
CA GLY C 325 -8.97 0.06 -2.60
C GLY C 325 -8.80 1.04 -3.72
N ALA C 326 -8.16 0.65 -4.82
CA ALA C 326 -7.92 1.56 -5.94
C ALA C 326 -9.22 1.75 -6.73
N THR C 327 -9.56 3.00 -6.99
CA THR C 327 -10.67 3.33 -7.89
C THR C 327 -10.14 3.29 -9.31
N PHE C 328 -10.16 2.09 -9.90
CA PHE C 328 -9.53 1.91 -11.20
C PHE C 328 -9.96 2.94 -12.28
N TYR C 329 -11.28 2.97 -12.45
CA TYR C 329 -11.90 3.65 -13.58
C TYR C 329 -11.30 2.88 -14.76
N PRO C 330 -11.24 1.55 -14.68
CA PRO C 330 -10.48 0.80 -15.69
C PRO C 330 -11.02 0.99 -17.10
N GLY C 331 -12.33 1.14 -17.25
CA GLY C 331 -12.92 1.39 -18.53
C GLY C 331 -12.54 2.78 -19.04
N PRO C 332 -12.49 2.93 -20.35
CA PRO C 332 -12.16 4.24 -20.93
C PRO C 332 -13.24 5.27 -20.63
N GLU C 333 -12.82 6.53 -20.59
CA GLU C 333 -13.71 7.67 -20.36
C GLU C 333 -14.43 7.58 -19.02
N CYS C 334 -13.79 6.96 -18.01
CA CYS C 334 -14.32 6.92 -16.65
C CYS C 334 -15.75 6.37 -16.62
N GLU C 335 -15.99 5.32 -17.41
CA GLU C 335 -17.33 4.77 -17.52
C GLU C 335 -17.81 4.17 -16.21
N ARG C 336 -16.96 3.41 -15.53
CA ARG C 336 -17.36 2.66 -14.34
C ARG C 336 -16.43 2.99 -13.19
N LEU C 337 -17.00 3.19 -12.01
CA LEU C 337 -16.21 3.39 -10.79
C LEU C 337 -15.94 2.04 -10.13
N CYS C 338 -15.25 1.18 -10.88
CA CYS C 338 -14.90 -0.14 -10.37
C CYS C 338 -13.98 -0.01 -9.16
N GLU C 339 -14.24 -0.81 -8.14
CA GLU C 339 -13.46 -0.80 -6.91
C GLU C 339 -12.88 -2.18 -6.67
N CYS C 340 -11.61 -2.23 -6.25
CA CYS C 340 -10.91 -3.50 -6.05
C CYS C 340 -11.51 -4.24 -4.86
N GLY C 341 -12.14 -5.38 -5.15
CA GLY C 341 -12.80 -6.15 -4.12
C GLY C 341 -11.84 -6.72 -3.11
N PRO C 342 -12.35 -7.03 -1.92
CA PRO C 342 -11.46 -7.56 -0.86
C PRO C 342 -10.76 -8.84 -1.24
N ASP C 343 -11.39 -9.69 -2.05
CA ASP C 343 -10.86 -11.00 -2.37
C ASP C 343 -10.48 -11.13 -3.85
N GLY C 344 -10.05 -10.03 -4.47
CA GLY C 344 -9.54 -10.07 -5.82
C GLY C 344 -10.59 -9.94 -6.91
N GLN C 345 -11.87 -9.98 -6.58
CA GLN C 345 -12.90 -9.75 -7.57
C GLN C 345 -13.01 -8.26 -7.86
N VAL C 346 -13.21 -7.92 -9.13
CA VAL C 346 -13.29 -6.52 -9.53
C VAL C 346 -14.72 -6.03 -9.36
N THR C 347 -15.03 -5.51 -8.17
CA THR C 347 -16.36 -4.97 -7.89
C THR C 347 -16.57 -3.68 -8.68
N CYS C 348 -17.49 -3.71 -9.65
CA CYS C 348 -17.73 -2.58 -10.54
C CYS C 348 -19.11 -2.01 -10.28
N GLN C 349 -19.15 -0.71 -9.96
CA GLN C 349 -20.39 0.02 -9.83
C GLN C 349 -20.48 1.04 -10.95
N GLU C 350 -21.63 1.12 -11.61
CA GLU C 350 -21.82 2.06 -12.70
C GLU C 350 -21.92 3.48 -12.12
N GLY C 351 -20.81 4.21 -12.17
CA GLY C 351 -20.79 5.55 -11.64
C GLY C 351 -21.25 6.59 -12.65
N ALA C 352 -21.44 7.81 -12.15
CA ALA C 352 -21.86 8.91 -12.99
C ALA C 352 -20.72 9.40 -13.87
N ASP C 353 -21.06 10.26 -14.84
CA ASP C 353 -20.07 10.83 -15.74
C ASP C 353 -19.53 12.17 -15.25
N CYS C 354 -19.91 12.60 -14.04
CA CYS C 354 -19.33 13.74 -13.34
C CYS C 354 -19.83 15.06 -13.90
N GLU C 355 -19.33 16.17 -13.37
N GLU C 355 -19.33 16.17 -13.37
CA GLU C 355 -19.82 17.49 -13.77
CA GLU C 355 -19.83 17.48 -13.78
C GLU C 355 -19.56 17.71 -15.26
C GLU C 355 -19.57 17.69 -15.28
N PRO C 356 -20.51 18.29 -16.00
CA PRO C 356 -20.36 18.44 -17.46
C PRO C 356 -19.12 19.21 -17.91
N TYR C 357 -18.77 20.29 -17.22
CA TYR C 357 -17.62 21.08 -17.66
C TYR C 357 -16.31 20.35 -17.41
N GLU C 358 -16.27 19.43 -16.46
CA GLU C 358 -15.06 18.67 -16.19
C GLU C 358 -14.83 17.63 -17.28
N GLU C 359 -13.60 17.14 -17.36
CA GLU C 359 -13.21 16.14 -18.35
C GLU C 359 -12.47 14.99 -17.69
N CYS C 360 -12.77 13.78 -18.16
CA CYS C 360 -12.07 12.58 -17.73
C CYS C 360 -10.84 12.37 -18.60
N ARG C 361 -9.66 12.59 -18.03
CA ARG C 361 -8.42 12.51 -18.78
C ARG C 361 -7.31 12.09 -17.84
N ILE C 362 -6.18 11.68 -18.42
CA ILE C 362 -5.04 11.18 -17.66
C ILE C 362 -4.05 12.33 -17.49
N GLU C 363 -3.81 12.71 -16.24
CA GLU C 363 -2.80 13.68 -15.89
C GLU C 363 -2.36 13.43 -14.46
N ASN C 364 -1.10 13.77 -14.17
CA ASN C 364 -0.49 13.53 -12.87
C ASN C 364 -0.48 12.06 -12.49
N GLY C 365 -0.50 11.16 -13.48
CA GLY C 365 -0.40 9.74 -13.24
C GLY C 365 -1.70 9.03 -12.96
N VAL C 366 -2.81 9.75 -12.81
CA VAL C 366 -4.09 9.13 -12.55
C VAL C 366 -5.11 9.67 -13.55
N GLN C 367 -6.14 8.88 -13.81
CA GLN C 367 -7.18 9.24 -14.77
C GLN C 367 -8.51 9.35 -14.05
N ALA C 368 -9.15 10.51 -14.17
CA ALA C 368 -10.45 10.78 -13.57
C ALA C 368 -10.93 12.12 -14.11
N CYS C 369 -12.12 12.53 -13.66
CA CYS C 369 -12.61 13.86 -14.01
C CYS C 369 -11.77 14.92 -13.30
N HIS C 370 -11.31 15.91 -14.06
CA HIS C 370 -10.48 16.97 -13.55
C HIS C 370 -11.01 18.31 -14.01
N PRO C 371 -10.75 19.38 -13.25
CA PRO C 371 -11.23 20.71 -13.65
C PRO C 371 -10.60 21.15 -14.96
N THR C 372 -11.35 21.95 -15.72
CA THR C 372 -10.89 22.47 -16.99
C THR C 372 -10.89 23.99 -17.09
N GLY C 373 -11.48 24.69 -16.12
CA GLY C 373 -11.53 26.13 -16.19
C GLY C 373 -10.24 26.79 -15.76
N CYS C 374 -10.26 28.13 -15.73
CA CYS C 374 -9.14 28.94 -15.29
C CYS C 374 -9.67 30.23 -14.70
N GLY C 375 -8.95 30.78 -13.71
CA GLY C 375 -9.37 32.01 -13.08
C GLY C 375 -8.17 32.82 -12.62
N HIS C 376 -8.43 34.07 -12.25
CA HIS C 376 -7.37 34.97 -11.82
C HIS C 376 -7.94 36.01 -10.86
N CYS C 377 -7.26 36.19 -9.73
CA CYS C 377 -7.50 37.31 -8.83
C CYS C 377 -6.16 37.95 -8.52
N LEU C 378 -6.16 39.29 -8.37
CA LEU C 378 -4.90 40.03 -8.32
C LEU C 378 -4.61 40.58 -6.94
N ALA C 379 -5.49 41.42 -6.38
CA ALA C 379 -5.28 42.02 -5.06
C ALA C 379 -3.89 42.65 -4.95
N ASN C 380 -3.54 43.52 -5.91
CA ASN C 380 -2.19 44.05 -5.98
C ASN C 380 -1.86 44.89 -4.75
N GLY C 381 -2.54 46.01 -4.57
CA GLY C 381 -2.16 46.95 -3.54
C GLY C 381 -2.56 46.52 -2.15
N GLY C 382 -2.10 47.29 -1.17
CA GLY C 382 -2.47 47.03 0.21
C GLY C 382 -3.97 47.10 0.40
N LEU C 383 -4.53 48.30 0.24
CA LEU C 383 -5.98 48.43 0.24
C LEU C 383 -6.58 47.82 -1.02
N HIS C 384 -5.88 47.96 -2.15
CA HIS C 384 -6.47 47.66 -3.45
C HIS C 384 -6.78 46.17 -3.59
N TYR C 385 -8.05 45.88 -3.93
CA TYR C 385 -8.50 44.53 -4.21
C TYR C 385 -9.09 44.50 -5.61
N VAL C 386 -9.24 43.29 -6.16
CA VAL C 386 -9.87 43.08 -7.45
C VAL C 386 -10.88 41.95 -7.31
N THR C 387 -12.02 42.11 -7.98
CA THR C 387 -13.08 41.11 -7.96
C THR C 387 -12.65 39.90 -8.80
N LEU C 388 -13.53 38.92 -8.94
CA LEU C 388 -13.15 37.69 -9.64
C LEU C 388 -12.91 37.96 -11.13
N ASP C 389 -13.70 38.85 -11.72
CA ASP C 389 -13.55 39.15 -13.14
C ASP C 389 -14.11 40.54 -13.40
N GLY C 390 -13.77 41.08 -14.57
CA GLY C 390 -14.30 42.39 -14.97
C GLY C 390 -13.45 43.56 -14.51
N ARG C 391 -14.10 44.66 -14.20
CA ARG C 391 -13.42 45.89 -13.81
C ARG C 391 -12.94 45.81 -12.36
N VAL C 392 -12.18 46.82 -11.96
CA VAL C 392 -11.62 46.89 -10.61
C VAL C 392 -12.57 47.75 -9.77
N TYR C 393 -13.04 47.20 -8.65
CA TYR C 393 -13.93 47.97 -7.78
C TYR C 393 -13.12 48.81 -6.80
N ASP C 394 -11.86 48.44 -6.58
CA ASP C 394 -10.89 49.30 -5.88
C ASP C 394 -11.36 49.67 -4.47
N LEU C 395 -11.54 48.65 -3.63
CA LEU C 395 -11.89 48.89 -2.23
C LEU C 395 -10.71 49.43 -1.46
N HIS C 396 -10.94 50.44 -0.63
CA HIS C 396 -9.91 50.96 0.26
C HIS C 396 -10.18 50.42 1.67
N GLY C 397 -10.10 49.09 1.79
CA GLY C 397 -10.39 48.45 3.05
C GLY C 397 -9.31 48.68 4.09
N SER C 398 -9.70 48.50 5.36
CA SER C 398 -8.76 48.65 6.47
C SER C 398 -8.99 47.63 7.57
N CYS C 399 -9.54 46.45 7.25
CA CYS C 399 -9.84 45.46 8.27
C CYS C 399 -9.85 44.09 7.60
N SER C 400 -9.78 43.04 8.42
CA SER C 400 -9.69 41.68 7.89
C SER C 400 -10.94 41.33 7.11
N TYR C 401 -10.73 40.77 5.91
CA TYR C 401 -11.83 40.46 5.00
C TYR C 401 -11.70 39.01 4.54
N VAL C 402 -12.52 38.65 3.55
CA VAL C 402 -12.49 37.32 2.94
C VAL C 402 -12.62 37.53 1.44
N LEU C 403 -11.60 37.12 0.68
CA LEU C 403 -11.62 37.33 -0.77
C LEU C 403 -12.59 36.39 -1.45
N ALA C 404 -12.55 35.11 -1.10
CA ALA C 404 -13.39 34.09 -1.74
C ALA C 404 -13.73 33.00 -0.74
N SER C 405 -14.98 32.54 -0.78
CA SER C 405 -15.46 31.48 0.10
C SER C 405 -16.53 30.66 -0.62
N VAL C 406 -16.60 29.38 -0.30
CA VAL C 406 -17.63 28.52 -0.88
C VAL C 406 -18.98 28.86 -0.26
N CYS C 407 -20.01 28.94 -1.09
CA CYS C 407 -21.36 29.26 -0.64
C CYS C 407 -22.32 28.09 -0.80
N HIS C 408 -21.88 26.98 -1.39
CA HIS C 408 -22.71 25.78 -1.55
C HIS C 408 -21.84 24.55 -1.35
N PRO C 409 -22.04 23.77 -0.30
CA PRO C 409 -21.25 22.55 -0.10
C PRO C 409 -21.47 21.56 -1.23
N LYS C 410 -20.41 20.87 -1.61
CA LYS C 410 -20.42 19.88 -2.68
C LYS C 410 -19.61 18.67 -2.26
N PRO C 411 -20.05 17.46 -2.62
CA PRO C 411 -19.27 16.26 -2.29
C PRO C 411 -17.89 16.24 -2.96
N GLY C 412 -17.86 16.50 -4.28
CA GLY C 412 -16.61 16.44 -5.00
C GLY C 412 -15.66 17.57 -4.63
N ASP C 413 -16.20 18.70 -4.17
CA ASP C 413 -15.38 19.84 -3.83
C ASP C 413 -14.68 19.62 -2.49
N GLU C 414 -13.80 20.56 -2.15
CA GLU C 414 -13.04 20.53 -0.91
C GLU C 414 -13.03 21.91 -0.30
N GLU C 415 -12.59 21.99 0.96
CA GLU C 415 -12.50 23.27 1.64
C GLU C 415 -11.51 24.19 0.92
N PHE C 416 -11.94 25.43 0.68
CA PHE C 416 -11.14 26.38 -0.08
C PHE C 416 -11.59 27.80 0.25
N SER C 417 -10.74 28.57 0.91
CA SER C 417 -11.04 29.96 1.24
C SER C 417 -9.74 30.70 1.49
N ILE C 418 -9.60 31.87 0.88
CA ILE C 418 -8.39 32.67 0.97
C ILE C 418 -8.77 34.08 1.40
N VAL C 419 -8.11 34.57 2.44
CA VAL C 419 -8.43 35.85 3.06
C VAL C 419 -7.15 36.68 3.19
N LEU C 420 -7.27 37.99 2.97
CA LEU C 420 -6.16 38.92 3.12
C LEU C 420 -6.36 39.70 4.42
N GLU C 421 -5.34 39.69 5.29
CA GLU C 421 -5.50 40.27 6.61
C GLU C 421 -5.44 41.80 6.59
N LYS C 422 -4.78 42.39 5.61
CA LYS C 422 -4.63 43.83 5.40
C LYS C 422 -3.68 44.47 6.41
N ASN C 423 -3.23 43.73 7.44
CA ASN C 423 -2.40 44.25 8.52
C ASN C 423 -3.12 45.47 9.11
N SER C 424 -2.45 46.59 9.31
CA SER C 424 -3.07 47.76 9.92
C SER C 424 -2.65 49.03 9.17
N ALA C 425 -3.47 50.07 9.33
CA ALA C 425 -3.18 51.40 8.79
C ALA C 425 -2.96 51.36 7.28
N GLY C 426 -3.76 50.53 6.60
CA GLY C 426 -3.69 50.46 5.15
C GLY C 426 -2.36 49.96 4.62
N ASP C 427 -1.72 49.04 5.32
CA ASP C 427 -0.42 48.54 4.93
C ASP C 427 -0.58 47.25 4.12
N PRO C 428 0.51 46.74 3.53
CA PRO C 428 0.45 45.44 2.86
C PRO C 428 -0.06 44.35 3.78
N GLN C 429 -0.76 43.39 3.19
CA GLN C 429 -1.47 42.36 3.93
C GLN C 429 -0.56 41.17 4.25
N ARG C 430 -1.17 40.11 4.78
CA ARG C 430 -0.51 38.82 5.00
C ARG C 430 -1.54 37.72 4.74
N VAL C 431 -1.18 36.76 3.90
CA VAL C 431 -2.16 35.83 3.35
C VAL C 431 -2.27 34.59 4.20
N VAL C 432 -3.48 34.02 4.25
CA VAL C 432 -3.73 32.74 4.90
C VAL C 432 -4.72 31.97 4.00
N VAL C 433 -4.52 30.66 3.90
CA VAL C 433 -5.36 29.81 3.05
C VAL C 433 -5.89 28.65 3.87
N THR C 434 -7.16 28.32 3.66
CA THR C 434 -7.83 27.24 4.37
C THR C 434 -8.21 26.15 3.38
N VAL C 435 -7.56 24.99 3.50
CA VAL C 435 -7.81 23.86 2.61
C VAL C 435 -7.84 22.58 3.44
N ALA C 436 -8.81 21.72 3.14
CA ALA C 436 -8.93 20.39 3.75
C ALA C 436 -8.98 20.48 5.28
N GLY C 437 -9.74 21.45 5.78
CA GLY C 437 -9.87 21.60 7.22
C GLY C 437 -8.59 22.03 7.92
N GLN C 438 -7.62 22.55 7.17
CA GLN C 438 -6.36 22.99 7.74
C GLN C 438 -6.07 24.40 7.25
N VAL C 439 -5.23 25.12 8.00
CA VAL C 439 -4.88 26.50 7.71
C VAL C 439 -3.38 26.58 7.48
N VAL C 440 -2.99 27.21 6.37
CA VAL C 440 -1.59 27.36 5.98
C VAL C 440 -1.33 28.82 5.64
N GLY C 441 -0.28 29.38 6.22
CA GLY C 441 0.13 30.72 5.87
C GLY C 441 1.14 30.72 4.75
N LEU C 442 0.75 31.20 3.57
CA LEU C 442 1.62 31.09 2.40
C LEU C 442 2.90 31.89 2.58
N ALA C 443 2.79 33.16 2.96
CA ALA C 443 3.97 33.97 3.17
C ALA C 443 3.63 35.11 4.13
N ARG C 444 4.67 35.86 4.49
CA ARG C 444 4.57 36.91 5.48
C ARG C 444 5.29 38.14 4.96
N GLY C 445 5.42 39.16 5.84
CA GLY C 445 6.19 40.34 5.53
C GLY C 445 7.64 40.08 5.15
N PRO C 446 8.36 39.24 5.89
CA PRO C 446 9.70 38.85 5.45
C PRO C 446 9.62 37.86 4.28
N GLN C 447 10.80 37.37 3.88
CA GLN C 447 10.89 36.55 2.69
C GLN C 447 10.05 35.28 2.80
N VAL C 448 10.24 34.51 3.87
CA VAL C 448 9.53 33.25 4.03
C VAL C 448 9.37 32.99 5.53
N THR C 449 8.13 32.94 5.98
CA THR C 449 7.81 32.52 7.33
C THR C 449 6.54 31.65 7.24
N VAL C 450 6.56 30.69 6.31
CA VAL C 450 5.38 29.89 5.99
C VAL C 450 4.80 29.30 7.27
N ASP C 451 3.54 29.64 7.55
CA ASP C 451 2.97 29.33 8.86
C ASP C 451 2.52 27.88 8.94
N GLY C 452 1.54 27.50 8.12
CA GLY C 452 0.93 26.19 8.25
C GLY C 452 0.45 25.97 9.67
N GLU C 453 1.12 25.05 10.37
CA GLU C 453 1.00 24.94 11.82
C GLU C 453 2.33 25.21 12.52
N VAL C 454 3.40 24.54 12.11
CA VAL C 454 4.73 24.87 12.59
C VAL C 454 5.26 26.05 11.79
N VAL C 455 5.59 27.15 12.48
CA VAL C 455 5.98 28.36 11.77
C VAL C 455 7.24 28.13 10.95
N THR C 456 8.05 27.14 11.34
CA THR C 456 9.24 26.79 10.58
C THR C 456 8.90 25.77 9.51
N LEU C 457 8.88 26.24 8.26
CA LEU C 457 8.59 25.40 7.09
C LEU C 457 9.32 25.93 5.86
N PRO C 458 10.63 25.73 5.77
CA PRO C 458 11.38 26.30 4.63
C PRO C 458 10.93 25.74 3.30
N VAL C 459 11.00 24.42 3.16
CA VAL C 459 10.49 23.70 1.99
C VAL C 459 9.82 22.44 2.53
N ALA C 460 8.49 22.45 2.59
CA ALA C 460 7.76 21.36 3.20
C ALA C 460 6.59 20.97 2.30
N THR C 461 6.12 19.73 2.47
CA THR C 461 5.01 19.22 1.69
C THR C 461 4.08 18.41 2.58
N GLY C 462 2.93 18.07 2.03
CA GLY C 462 1.87 17.35 2.74
C GLY C 462 0.69 17.16 1.81
N HIS C 463 -0.51 17.45 2.28
CA HIS C 463 -1.65 17.59 1.39
C HIS C 463 -1.54 18.84 0.53
N VAL C 464 -0.59 19.73 0.83
CA VAL C 464 -0.32 20.92 0.05
C VAL C 464 1.19 21.05 -0.12
N SER C 465 1.61 21.48 -1.30
CA SER C 465 3.02 21.67 -1.62
C SER C 465 3.31 23.16 -1.74
N VAL C 466 4.28 23.64 -0.98
CA VAL C 466 4.68 25.05 -1.00
C VAL C 466 6.15 25.12 -1.40
N THR C 467 6.45 25.96 -2.39
CA THR C 467 7.79 26.11 -2.92
C THR C 467 8.29 27.54 -2.69
N ALA C 468 9.47 27.66 -2.09
CA ALA C 468 10.11 28.95 -1.88
C ALA C 468 10.95 29.28 -3.12
N GLU C 469 10.25 29.51 -4.23
CA GLU C 469 10.90 29.72 -5.52
C GLU C 469 11.46 31.14 -5.58
N GLY C 470 12.72 31.30 -5.19
CA GLY C 470 13.37 32.59 -5.27
C GLY C 470 12.72 33.64 -4.39
N ARG C 471 12.50 34.81 -4.99
CA ARG C 471 11.89 35.92 -4.27
C ARG C 471 10.48 35.58 -3.81
N ASN C 472 9.69 34.97 -4.68
CA ASN C 472 8.29 34.72 -4.38
C ASN C 472 8.09 33.34 -3.76
N ILE C 473 6.88 33.10 -3.26
CA ILE C 473 6.50 31.84 -2.64
C ILE C 473 5.22 31.37 -3.30
N VAL C 474 5.18 30.09 -3.67
CA VAL C 474 4.05 29.54 -4.40
C VAL C 474 3.47 28.36 -3.61
N LEU C 475 2.15 28.18 -3.75
CA LEU C 475 1.43 27.14 -3.03
C LEU C 475 0.44 26.47 -3.96
N GLN C 476 0.39 25.13 -3.90
CA GLN C 476 -0.62 24.36 -4.63
C GLN C 476 -1.06 23.20 -3.75
N THR C 477 -2.36 23.02 -3.58
CA THR C 477 -2.86 21.93 -2.78
C THR C 477 -2.80 20.62 -3.57
N ASN C 478 -3.42 19.58 -3.02
CA ASN C 478 -3.55 18.32 -3.77
C ASN C 478 -4.23 18.56 -5.11
N LYS C 479 -5.22 19.44 -5.13
CA LYS C 479 -5.83 19.93 -6.36
C LYS C 479 -5.21 21.28 -6.67
N GLY C 480 -4.85 21.48 -7.95
CA GLY C 480 -4.07 22.65 -8.31
C GLY C 480 -4.83 23.95 -8.07
N MET C 481 -4.34 24.72 -7.09
CA MET C 481 -4.80 26.08 -6.83
C MET C 481 -3.60 26.90 -6.43
N LYS C 482 -3.19 27.82 -7.31
CA LYS C 482 -1.92 28.52 -7.17
C LYS C 482 -2.09 29.78 -6.32
N VAL C 483 -1.30 29.85 -5.25
CA VAL C 483 -1.30 30.98 -4.33
C VAL C 483 0.10 31.57 -4.29
N LEU C 484 0.16 32.90 -4.36
CA LEU C 484 1.43 33.61 -4.40
C LEU C 484 1.36 34.78 -3.44
N PHE C 485 2.51 35.19 -2.89
CA PHE C 485 2.57 36.33 -1.97
C PHE C 485 3.99 36.88 -2.03
N ASP C 486 4.13 38.04 -2.66
CA ASP C 486 5.46 38.63 -2.88
C ASP C 486 6.15 39.04 -1.59
N GLY C 487 5.43 39.11 -0.49
CA GLY C 487 5.97 39.65 0.75
C GLY C 487 5.42 41.03 0.98
N ASP C 488 5.35 41.82 -0.09
CA ASP C 488 4.54 43.02 -0.10
C ASP C 488 3.10 42.66 -0.47
N ALA C 489 2.25 43.68 -0.55
CA ALA C 489 0.80 43.45 -0.64
C ALA C 489 0.38 42.63 -1.85
N HIS C 490 1.24 42.46 -2.84
CA HIS C 490 0.82 41.86 -4.11
C HIS C 490 0.46 40.39 -3.94
N ILE C 491 -0.58 39.98 -4.67
CA ILE C 491 -1.01 38.59 -4.73
C ILE C 491 -1.18 38.24 -6.20
N LEU C 492 -1.23 36.93 -6.48
CA LEU C 492 -1.70 36.45 -7.77
C LEU C 492 -2.34 35.09 -7.52
N MET C 493 -3.65 35.08 -7.30
CA MET C 493 -4.39 33.87 -6.94
C MET C 493 -4.94 33.27 -8.23
N SER C 494 -4.32 32.18 -8.67
CA SER C 494 -4.75 31.46 -9.87
C SER C 494 -5.63 30.30 -9.43
N ILE C 495 -6.92 30.37 -9.78
CA ILE C 495 -7.88 29.35 -9.36
C ILE C 495 -8.51 28.74 -10.61
N PRO C 496 -7.92 27.68 -11.16
CA PRO C 496 -8.54 26.97 -12.29
C PRO C 496 -9.57 25.92 -11.88
N SER C 497 -9.69 25.61 -10.59
CA SER C 497 -10.66 24.65 -10.12
C SER C 497 -12.08 25.14 -10.39
N SER C 498 -12.82 24.42 -11.24
CA SER C 498 -14.12 24.88 -11.72
C SER C 498 -15.22 24.60 -10.69
N PHE C 499 -15.17 25.34 -9.59
CA PHE C 499 -16.28 25.37 -8.65
C PHE C 499 -17.26 26.47 -9.06
N ARG C 500 -17.69 26.42 -10.32
CA ARG C 500 -18.47 27.52 -10.89
C ARG C 500 -19.77 27.71 -10.14
N GLY C 501 -20.11 28.96 -9.87
CA GLY C 501 -21.34 29.29 -9.14
C GLY C 501 -21.27 29.11 -7.65
N ARG C 502 -20.64 28.04 -7.17
CA ARG C 502 -20.60 27.75 -5.75
C ARG C 502 -19.64 28.67 -5.02
N LEU C 503 -19.00 29.60 -5.73
CA LEU C 503 -18.14 30.57 -5.08
C LEU C 503 -18.77 31.96 -5.07
N CYS C 504 -18.58 32.65 -3.94
CA CYS C 504 -19.12 33.99 -3.74
C CYS C 504 -18.13 34.77 -2.88
N GLY C 505 -18.17 36.08 -3.00
CA GLY C 505 -17.36 36.91 -2.13
C GLY C 505 -16.76 38.08 -2.88
N LEU C 506 -15.65 38.58 -2.33
CA LEU C 506 -14.93 39.69 -2.96
C LEU C 506 -14.48 39.32 -4.37
N CYS C 507 -13.84 38.17 -4.51
CA CYS C 507 -13.62 37.55 -5.81
C CYS C 507 -14.75 36.54 -6.02
N GLY C 508 -15.95 37.06 -6.28
CA GLY C 508 -17.17 36.25 -6.28
C GLY C 508 -17.45 35.69 -7.66
N ASN C 509 -17.86 34.42 -7.69
CA ASN C 509 -18.08 33.69 -8.94
C ASN C 509 -19.51 33.90 -9.46
N PHE C 510 -19.69 35.00 -10.18
CA PHE C 510 -20.92 35.27 -10.92
C PHE C 510 -20.51 35.64 -12.34
N ASN C 511 -20.32 34.62 -13.18
CA ASN C 511 -19.83 34.85 -14.53
C ASN C 511 -20.88 35.57 -15.37
N GLY C 512 -20.41 36.37 -16.31
CA GLY C 512 -21.29 37.08 -17.22
C GLY C 512 -20.68 38.43 -17.58
N ASN C 513 -21.51 39.46 -17.40
CA ASN C 513 -21.11 40.81 -17.76
C ASN C 513 -20.05 41.33 -16.79
N TRP C 514 -19.47 42.49 -17.15
CA TRP C 514 -18.43 43.08 -16.32
C TRP C 514 -18.96 43.55 -14.98
N SER C 515 -20.28 43.76 -14.87
CA SER C 515 -20.85 44.15 -13.59
C SER C 515 -20.64 43.09 -12.53
N ASP C 516 -20.78 41.82 -12.89
CA ASP C 516 -20.58 40.65 -12.05
C ASP C 516 -21.66 40.54 -10.98
N ASP C 517 -22.52 41.55 -10.86
CA ASP C 517 -23.73 41.49 -10.05
C ASP C 517 -23.54 40.78 -8.73
N PHE C 518 -22.67 41.30 -7.86
CA PHE C 518 -22.41 40.62 -6.60
C PHE C 518 -23.69 40.46 -5.80
N VAL C 519 -23.81 39.32 -5.12
CA VAL C 519 -25.02 38.97 -4.39
C VAL C 519 -24.68 38.75 -2.93
N LEU C 520 -25.37 39.47 -2.06
CA LEU C 520 -25.27 39.26 -0.62
C LEU C 520 -25.99 37.97 -0.26
N PRO C 521 -25.70 37.39 0.91
CA PRO C 521 -26.47 36.21 1.35
C PRO C 521 -27.96 36.48 1.46
N SER C 522 -28.35 37.73 1.75
CA SER C 522 -29.74 38.12 1.74
C SER C 522 -30.14 38.87 0.47
N GLY C 523 -29.47 39.97 0.16
CA GLY C 523 -29.74 40.71 -1.05
C GLY C 523 -28.78 41.87 -1.19
N ALA C 524 -28.36 42.13 -2.43
CA ALA C 524 -27.38 43.17 -2.72
C ALA C 524 -27.96 44.15 -3.73
N VAL C 525 -27.92 45.44 -3.40
CA VAL C 525 -28.40 46.48 -4.29
C VAL C 525 -27.31 47.53 -4.44
N ALA C 526 -26.11 47.19 -4.00
CA ALA C 526 -24.94 48.07 -4.08
C ALA C 526 -25.22 49.46 -3.48
N PRO C 527 -25.36 49.56 -2.15
CA PRO C 527 -25.53 50.89 -1.55
C PRO C 527 -24.32 51.79 -1.74
N ASN C 528 -23.13 51.29 -1.44
CA ASN C 528 -21.89 52.00 -1.67
C ASN C 528 -20.74 51.02 -1.55
N VAL C 529 -19.55 51.45 -2.00
CA VAL C 529 -18.37 50.59 -1.92
C VAL C 529 -18.07 50.24 -0.47
N GLU C 530 -18.30 51.20 0.44
CA GLU C 530 -18.10 50.93 1.85
C GLU C 530 -19.12 49.92 2.38
N ALA C 531 -20.31 49.88 1.79
CA ALA C 531 -21.29 48.89 2.20
C ALA C 531 -20.80 47.48 1.91
N PHE C 532 -20.12 47.29 0.77
CA PHE C 532 -19.57 45.99 0.45
C PHE C 532 -18.54 45.55 1.49
N GLY C 533 -17.71 46.49 1.94
CA GLY C 533 -16.74 46.18 2.98
C GLY C 533 -17.41 45.88 4.31
N THR C 534 -18.42 46.65 4.68
CA THR C 534 -19.12 46.41 5.93
C THR C 534 -19.79 45.04 5.93
N ALA C 535 -20.42 44.68 4.82
CA ALA C 535 -21.11 43.39 4.74
C ALA C 535 -20.13 42.23 4.90
N TRP C 536 -18.97 42.33 4.28
CA TRP C 536 -17.98 41.25 4.30
C TRP C 536 -17.03 41.49 5.47
N ARG C 537 -17.24 40.77 6.56
CA ARG C 537 -16.37 40.80 7.71
C ARG C 537 -16.04 39.37 8.14
N ALA C 538 -14.89 39.20 8.77
CA ALA C 538 -14.39 37.89 9.13
C ALA C 538 -14.12 37.84 10.62
N PRO C 539 -14.22 36.66 11.23
CA PRO C 539 -13.93 36.55 12.67
C PRO C 539 -12.47 36.79 12.98
N GLY C 540 -12.16 36.89 14.26
CA GLY C 540 -10.81 37.14 14.71
C GLY C 540 -10.38 38.58 14.69
N SER C 541 -11.28 39.52 14.34
CA SER C 541 -10.93 40.93 14.33
C SER C 541 -10.60 41.40 15.74
N SER C 542 -9.50 42.16 15.85
CA SER C 542 -9.06 42.63 17.16
C SER C 542 -10.05 43.61 17.77
N LEU C 543 -10.47 44.61 17.01
CA LEU C 543 -11.39 45.62 17.53
C LEU C 543 -12.44 46.03 16.51
N GLY C 544 -12.53 45.35 15.37
CA GLY C 544 -13.43 45.79 14.32
C GLY C 544 -12.96 47.11 13.74
N CYS C 545 -11.84 47.09 13.04
CA CYS C 545 -11.25 48.32 12.50
C CYS C 545 -12.23 49.04 11.60
N GLY C 546 -12.30 50.36 11.75
CA GLY C 546 -13.12 51.17 10.88
C GLY C 546 -12.54 51.27 9.48
N GLU C 547 -13.41 51.56 8.52
CA GLU C 547 -13.04 51.60 7.11
C GLU C 547 -13.20 53.02 6.58
N GLY C 548 -12.13 53.56 6.00
CA GLY C 548 -12.19 54.86 5.37
C GLY C 548 -11.26 55.89 5.98
N CYS C 549 -10.64 56.70 5.14
CA CYS C 549 -9.83 57.82 5.61
C CYS C 549 -10.75 58.82 6.30
N GLY C 550 -10.17 59.59 7.24
CA GLY C 550 -10.94 60.54 8.02
C GLY C 550 -11.74 61.51 7.16
N PRO C 551 -11.04 62.40 6.45
CA PRO C 551 -11.72 63.29 5.50
C PRO C 551 -11.85 62.73 4.10
N GLN C 552 -11.39 61.49 3.88
CA GLN C 552 -11.29 60.90 2.55
C GLN C 552 -10.51 61.81 1.61
N GLY C 553 -9.46 62.40 2.16
CA GLY C 553 -8.49 63.14 1.39
C GLY C 553 -7.41 62.28 0.78
N CYS C 554 -7.43 60.98 1.09
CA CYS C 554 -6.45 60.06 0.50
C CYS C 554 -6.52 59.99 -1.03
N PRO C 555 -7.68 59.92 -1.69
CA PRO C 555 -7.69 59.90 -3.15
C PRO C 555 -7.79 61.26 -3.81
N VAL C 556 -7.75 62.35 -3.04
CA VAL C 556 -7.86 63.70 -3.60
C VAL C 556 -6.50 64.25 -4.00
N CYS C 557 -5.40 63.72 -3.47
CA CYS C 557 -4.10 64.09 -3.99
C CYS C 557 -3.92 63.65 -5.43
N LEU C 558 -4.76 62.72 -5.89
CA LEU C 558 -4.79 62.36 -7.31
C LEU C 558 -5.09 63.59 -8.16
N ALA C 559 -5.97 64.48 -7.68
CA ALA C 559 -6.19 65.74 -8.38
C ALA C 559 -4.89 66.52 -8.48
N GLU C 560 -4.13 66.58 -7.38
CA GLU C 560 -2.81 67.25 -7.43
C GLU C 560 -1.92 66.46 -8.39
N GLU C 561 -2.19 65.16 -8.54
CA GLU C 561 -1.44 64.30 -9.50
C GLU C 561 -1.89 64.65 -10.93
N THR C 562 -3.00 65.39 -11.08
CA THR C 562 -3.38 65.86 -12.44
C THR C 562 -2.81 67.27 -12.67
N GLN C 563 -2.78 68.10 -11.61
CA GLN C 563 -2.24 69.49 -11.74
C GLN C 563 -0.75 69.39 -12.11
N ALA C 564 -0.02 68.49 -11.45
CA ALA C 564 1.39 68.23 -11.81
C ALA C 564 1.41 66.72 -11.95
N TYR C 565 2.36 66.12 -12.68
CA TYR C 565 2.21 64.65 -12.88
C TYR C 565 2.14 63.99 -11.51
N GLU C 566 3.08 64.28 -10.60
CA GLU C 566 2.97 63.79 -9.20
C GLU C 566 2.66 62.29 -9.20
N LYS C 567 3.17 61.55 -10.19
CA LYS C 567 2.84 60.11 -10.31
C LYS C 567 3.93 59.33 -11.02
N ASN C 568 3.75 58.03 -11.20
CA ASN C 568 4.90 57.31 -11.81
C ASN C 568 5.17 57.49 -13.32
N ASP C 569 5.84 58.60 -13.64
CA ASP C 569 6.17 58.90 -15.05
C ASP C 569 7.06 57.75 -15.48
N ALA C 570 8.04 57.40 -14.65
CA ALA C 570 8.95 56.26 -14.94
C ALA C 570 8.11 54.98 -15.04
N CYS C 571 7.10 54.80 -14.20
CA CYS C 571 6.23 53.60 -14.37
C CYS C 571 5.61 53.65 -15.76
N GLY C 572 5.11 54.82 -16.18
CA GLY C 572 4.62 54.92 -17.54
C GLY C 572 5.72 54.67 -18.57
N LYS C 573 6.96 54.97 -18.20
CA LYS C 573 8.08 54.71 -19.08
C LYS C 573 8.46 53.24 -19.14
N ILE C 574 7.91 52.39 -18.26
CA ILE C 574 8.35 51.00 -18.21
C ILE C 574 7.21 50.05 -18.53
N ARG C 575 6.01 50.33 -18.00
CA ARG C 575 4.86 49.48 -18.30
C ARG C 575 4.49 49.55 -19.78
N ASP C 576 4.84 50.64 -20.43
CA ASP C 576 4.55 50.83 -21.84
C ASP C 576 5.45 49.92 -22.69
N PRO C 577 5.09 49.67 -23.95
CA PRO C 577 5.82 48.67 -24.76
C PRO C 577 7.31 48.92 -24.87
N HIS C 578 7.73 50.18 -24.96
CA HIS C 578 9.16 50.50 -25.05
C HIS C 578 9.82 50.52 -23.69
N GLY C 579 9.11 50.08 -22.66
CA GLY C 579 9.71 49.79 -21.39
C GLY C 579 9.95 48.30 -21.27
N PRO C 580 11.19 47.87 -21.48
CA PRO C 580 11.50 46.43 -21.54
C PRO C 580 11.42 45.71 -20.20
N PHE C 581 11.07 46.41 -19.12
CA PHE C 581 10.98 45.74 -17.82
C PHE C 581 9.80 44.80 -17.74
N ALA C 582 8.89 44.86 -18.71
CA ALA C 582 7.74 43.97 -18.76
C ALA C 582 7.51 43.54 -20.20
N ALA C 583 7.77 42.26 -20.47
CA ALA C 583 7.50 41.68 -21.78
C ALA C 583 6.35 40.68 -21.73
N CYS C 584 5.73 40.51 -20.56
CA CYS C 584 4.58 39.63 -20.39
C CYS C 584 3.26 40.35 -20.60
N HIS C 585 3.27 41.52 -21.24
CA HIS C 585 2.01 42.22 -21.53
C HIS C 585 1.14 41.41 -22.47
N LYS C 586 1.76 40.58 -23.33
CA LYS C 586 0.99 39.62 -24.10
C LYS C 586 0.33 38.59 -23.19
N VAL C 587 1.04 38.15 -22.15
CA VAL C 587 0.50 37.17 -21.22
C VAL C 587 -0.62 37.78 -20.39
N LEU C 588 -0.39 38.96 -19.83
CA LEU C 588 -1.37 39.58 -18.95
C LEU C 588 -1.57 41.03 -19.36
N SER C 589 -2.81 41.50 -19.28
CA SER C 589 -3.11 42.87 -19.63
C SER C 589 -2.46 43.81 -18.61
N PRO C 590 -1.69 44.81 -19.06
CA PRO C 590 -1.02 45.72 -18.13
C PRO C 590 -1.85 46.93 -17.71
N LEU C 591 -3.04 47.11 -18.27
CA LEU C 591 -3.84 48.30 -18.02
C LEU C 591 -4.39 48.37 -16.61
N GLU C 592 -4.45 47.25 -15.89
CA GLU C 592 -4.88 47.28 -14.50
C GLU C 592 -3.75 47.73 -13.60
N TYR C 593 -2.60 47.06 -13.71
CA TYR C 593 -1.45 47.44 -12.91
C TYR C 593 -0.90 48.81 -13.27
N PHE C 594 -1.19 49.32 -14.47
CA PHE C 594 -0.80 50.69 -14.81
C PHE C 594 -1.37 51.85 -14.00
N ARG C 595 -2.70 51.85 -13.85
CA ARG C 595 -3.37 52.85 -12.96
C ARG C 595 -3.31 52.48 -11.41
N GLN C 596 -2.87 51.24 -11.22
CA GLN C 596 -2.52 50.77 -9.89
C GLN C 596 -1.21 51.49 -9.64
N CYS C 597 -0.31 51.52 -10.62
CA CYS C 597 0.95 52.24 -10.50
C CYS C 597 0.75 53.74 -10.39
N VAL C 598 -0.22 54.31 -11.11
CA VAL C 598 -0.43 55.75 -10.99
C VAL C 598 -1.14 56.05 -9.66
N TYR C 599 -2.31 55.46 -9.44
CA TYR C 599 -3.03 55.69 -8.18
C TYR C 599 -2.81 54.55 -7.18
N ASP C 600 -1.55 54.29 -6.85
CA ASP C 600 -1.28 53.55 -5.62
C ASP C 600 -1.55 54.42 -4.41
N MET C 601 -0.77 55.47 -4.24
CA MET C 601 -1.01 56.53 -3.26
C MET C 601 -0.59 57.83 -3.94
N CYS C 602 -0.36 58.86 -3.13
CA CYS C 602 0.31 60.02 -3.69
C CYS C 602 1.74 59.59 -3.98
N ALA C 603 2.06 59.35 -5.25
CA ALA C 603 3.24 58.57 -5.57
C ALA C 603 4.54 59.30 -5.27
N HIS C 604 4.47 60.61 -5.00
CA HIS C 604 5.66 61.39 -4.71
C HIS C 604 5.61 62.08 -3.34
N LYS C 605 4.58 61.82 -2.54
CA LYS C 605 4.43 62.52 -1.27
C LYS C 605 3.46 61.74 -0.38
N GLY C 606 3.22 62.27 0.82
CA GLY C 606 2.21 61.71 1.70
C GLY C 606 2.49 60.26 2.05
N ASP C 607 1.43 59.46 2.10
CA ASP C 607 1.57 58.03 2.36
C ASP C 607 2.40 57.38 1.26
N LYS C 608 3.35 56.55 1.67
CA LYS C 608 4.42 56.07 0.79
C LYS C 608 4.12 54.65 0.32
N ALA C 609 3.57 54.52 -0.88
CA ALA C 609 3.58 53.28 -1.64
C ALA C 609 4.44 53.53 -2.87
N TYR C 610 5.74 53.33 -2.72
CA TYR C 610 6.70 53.80 -3.70
C TYR C 610 6.87 52.93 -4.94
N LEU C 611 7.62 53.47 -5.90
CA LEU C 611 8.09 52.65 -7.01
C LEU C 611 8.76 51.37 -6.49
N CYS C 612 9.72 51.53 -5.58
CA CYS C 612 10.26 50.38 -4.86
C CYS C 612 9.24 49.46 -4.19
N ARG C 613 8.19 50.04 -3.60
CA ARG C 613 7.20 49.24 -2.90
C ARG C 613 6.45 48.31 -3.85
N SER C 614 6.02 48.82 -5.01
CA SER C 614 5.00 48.12 -5.77
C SER C 614 5.50 47.87 -7.19
N LEU C 615 6.53 48.58 -7.66
CA LEU C 615 7.00 48.36 -9.03
C LEU C 615 7.32 46.89 -9.37
N ALA C 616 8.08 46.26 -8.46
CA ALA C 616 8.41 44.86 -8.64
C ALA C 616 7.33 43.79 -8.67
N ALA C 617 6.14 44.13 -8.17
CA ALA C 617 5.07 43.14 -8.03
C ALA C 617 4.68 42.55 -9.38
N TYR C 618 4.38 43.41 -10.36
CA TYR C 618 3.91 42.93 -11.66
C TYR C 618 4.97 42.07 -12.34
N THR C 619 6.20 42.58 -12.42
CA THR C 619 7.26 41.88 -13.12
C THR C 619 7.82 40.70 -12.33
N ALA C 620 7.44 40.54 -11.06
CA ALA C 620 7.84 39.38 -10.28
C ALA C 620 6.74 38.34 -10.17
N ALA C 621 5.50 38.70 -10.47
CA ALA C 621 4.41 37.73 -10.44
C ALA C 621 3.91 37.36 -11.83
N CYS C 622 4.33 38.07 -12.88
CA CYS C 622 4.02 37.61 -14.22
C CYS C 622 4.83 36.36 -14.57
N GLN C 623 5.79 35.98 -13.74
CA GLN C 623 6.52 34.74 -13.95
C GLN C 623 5.66 33.51 -13.70
N ALA C 624 4.51 33.70 -13.03
CA ALA C 624 3.59 32.56 -12.85
C ALA C 624 3.37 31.93 -14.22
N ALA C 625 2.79 32.68 -15.16
CA ALA C 625 2.70 32.17 -16.55
C ALA C 625 4.09 32.32 -17.16
N GLY C 626 4.48 31.43 -18.08
CA GLY C 626 5.87 31.52 -18.59
C GLY C 626 6.10 32.87 -19.24
N ALA C 627 7.19 33.54 -18.87
CA ALA C 627 7.51 34.87 -19.45
C ALA C 627 9.02 35.12 -19.33
N ALA C 628 9.56 36.00 -20.17
CA ALA C 628 11.00 36.35 -20.10
C ALA C 628 11.13 37.78 -19.57
N VAL C 629 11.78 37.95 -18.41
CA VAL C 629 11.85 39.28 -17.81
C VAL C 629 13.27 39.80 -17.99
N LYS C 630 13.45 40.82 -18.83
CA LYS C 630 14.73 41.51 -18.90
C LYS C 630 14.94 42.29 -17.60
N PRO C 631 16.19 42.58 -17.22
CA PRO C 631 16.43 43.18 -15.90
C PRO C 631 15.69 44.50 -15.69
N TRP C 632 14.74 44.49 -14.75
CA TRP C 632 14.08 45.74 -14.37
C TRP C 632 15.01 46.62 -13.56
N ARG C 633 15.90 46.01 -12.77
CA ARG C 633 16.93 46.74 -12.06
C ARG C 633 18.14 46.93 -12.97
N THR C 634 17.87 47.50 -14.14
CA THR C 634 18.93 47.77 -15.11
C THR C 634 19.96 48.73 -14.54
N ASP C 635 19.50 49.81 -13.91
CA ASP C 635 20.36 50.69 -13.13
C ASP C 635 20.44 50.28 -11.68
N SER C 636 19.64 49.30 -11.25
CA SER C 636 19.54 48.88 -9.86
C SER C 636 19.21 50.06 -8.95
N VAL C 637 18.29 50.92 -9.40
CA VAL C 637 17.91 52.09 -8.61
C VAL C 637 17.36 51.66 -7.26
N CYS C 638 16.55 50.61 -7.23
CA CYS C 638 16.18 49.99 -5.97
C CYS C 638 17.04 48.74 -5.81
N PRO C 639 18.02 48.75 -4.91
CA PRO C 639 18.97 47.63 -4.85
C PRO C 639 18.30 46.46 -4.14
N LEU C 640 18.37 45.30 -4.76
CA LEU C 640 17.91 44.06 -4.15
C LEU C 640 19.16 43.36 -3.58
N GLN C 641 19.53 43.79 -2.38
CA GLN C 641 20.76 43.34 -1.75
C GLN C 641 20.64 41.86 -1.41
N CYS C 642 21.76 41.17 -1.42
CA CYS C 642 21.91 39.73 -1.22
C CYS C 642 22.47 39.44 0.18
N PRO C 643 22.09 38.32 0.79
CA PRO C 643 22.61 38.00 2.13
C PRO C 643 24.12 37.86 2.18
N ALA C 644 24.69 36.93 1.42
CA ALA C 644 26.13 36.70 1.46
C ALA C 644 26.52 35.76 0.33
N HIS C 645 27.69 36.02 -0.27
CA HIS C 645 28.27 35.16 -1.30
C HIS C 645 27.30 34.90 -2.45
N SER C 646 26.53 35.93 -2.82
CA SER C 646 25.46 35.71 -3.78
C SER C 646 25.40 36.87 -4.76
N HIS C 647 24.88 36.58 -5.95
CA HIS C 647 24.70 37.56 -7.02
C HIS C 647 23.28 37.47 -7.54
N TYR C 648 22.69 38.61 -7.86
CA TYR C 648 21.28 38.67 -8.22
C TYR C 648 21.05 38.25 -9.66
N SER C 649 19.84 37.75 -9.96
CA SER C 649 19.46 37.36 -11.30
C SER C 649 17.96 37.42 -11.47
N ILE C 650 17.51 37.86 -12.65
CA ILE C 650 16.09 37.87 -12.96
C ILE C 650 15.56 36.45 -13.06
N CYS C 651 16.41 35.51 -13.47
CA CYS C 651 16.02 34.12 -13.60
C CYS C 651 16.83 33.31 -12.60
N THR C 652 16.18 32.92 -11.50
CA THR C 652 16.83 32.15 -10.43
C THR C 652 16.00 30.89 -10.21
N ARG C 653 16.38 29.81 -10.87
CA ARG C 653 15.70 28.53 -10.68
C ARG C 653 16.13 27.93 -9.36
N SER C 654 15.70 28.54 -8.25
CA SER C 654 16.06 28.05 -6.93
C SER C 654 15.45 26.69 -6.64
N CYS C 655 14.50 26.24 -7.47
CA CYS C 655 14.04 24.87 -7.40
C CYS C 655 15.21 23.90 -7.52
N GLN C 656 16.05 24.10 -8.53
CA GLN C 656 17.35 23.45 -8.57
C GLN C 656 18.27 24.07 -7.52
N GLY C 657 19.15 23.26 -6.95
CA GLY C 657 20.04 23.74 -5.92
C GLY C 657 19.46 23.72 -4.53
N SER C 658 18.33 23.06 -4.33
CA SER C 658 17.74 22.95 -3.00
C SER C 658 18.67 22.20 -2.06
N CYS C 659 18.69 22.61 -0.80
CA CYS C 659 19.56 21.98 0.18
C CYS C 659 19.16 20.54 0.46
N ALA C 660 17.90 20.19 0.20
CA ALA C 660 17.44 18.83 0.40
C ALA C 660 17.58 18.01 -0.87
N ALA C 661 17.42 16.70 -0.72
CA ALA C 661 17.33 15.78 -1.85
C ALA C 661 15.85 15.59 -2.17
N LEU C 662 14.98 16.29 -1.44
CA LEU C 662 13.55 16.38 -1.78
C LEU C 662 13.15 17.66 -2.49
N SER C 663 12.28 17.55 -3.50
CA SER C 663 11.96 18.72 -4.30
C SER C 663 10.47 18.71 -4.67
N GLY C 664 9.65 19.25 -3.78
CA GLY C 664 8.27 19.55 -4.11
C GLY C 664 8.20 20.88 -4.81
N LEU C 665 9.02 21.05 -5.85
CA LEU C 665 9.23 22.35 -6.45
C LEU C 665 8.06 22.77 -7.34
N THR C 666 6.99 21.99 -7.37
CA THR C 666 5.76 22.19 -8.15
C THR C 666 6.06 22.45 -9.62
N GLY C 667 7.26 22.12 -10.08
CA GLY C 667 7.72 22.51 -11.39
C GLY C 667 8.14 23.96 -11.48
N CYS C 668 8.00 24.73 -10.41
CA CYS C 668 8.33 26.16 -10.40
C CYS C 668 7.61 26.90 -11.52
N THR C 669 6.40 26.44 -11.85
CA THR C 669 5.67 26.89 -13.04
C THR C 669 6.51 26.76 -14.30
N THR C 670 7.45 25.81 -14.29
CA THR C 670 8.39 25.60 -15.40
C THR C 670 9.12 26.90 -15.76
N ARG C 671 9.47 27.67 -14.74
CA ARG C 671 10.15 28.94 -14.95
C ARG C 671 10.93 29.30 -13.69
N CYS C 672 11.77 30.33 -13.80
CA CYS C 672 12.65 30.76 -12.73
C CYS C 672 12.18 32.11 -12.20
N PHE C 673 11.69 32.12 -10.96
CA PHE C 673 11.34 33.37 -10.32
C PHE C 673 12.52 34.23 -9.88
N GLU C 674 12.30 35.55 -9.82
CA GLU C 674 13.40 36.46 -9.50
C GLU C 674 14.10 36.18 -8.18
N GLY C 675 15.40 36.41 -8.14
CA GLY C 675 16.13 36.16 -6.91
C GLY C 675 17.64 36.26 -6.99
N CYS C 676 18.26 36.30 -5.81
CA CYS C 676 19.71 36.35 -5.72
C CYS C 676 20.22 34.95 -5.44
N GLU C 677 20.99 34.41 -6.38
CA GLU C 677 21.54 33.06 -6.26
C GLU C 677 22.94 33.10 -5.67
N CYS C 678 23.19 32.22 -4.71
CA CYS C 678 24.52 32.09 -4.13
C CYS C 678 25.45 31.41 -5.14
N ASP C 679 26.77 31.54 -4.93
CA ASP C 679 27.72 31.04 -5.97
C ASP C 679 28.68 29.97 -5.46
N ASP C 680 29.70 29.61 -6.25
CA ASP C 680 30.68 28.54 -5.91
C ASP C 680 29.98 27.20 -5.69
N HIS C 681 30.32 26.49 -4.61
CA HIS C 681 29.59 25.25 -4.27
C HIS C 681 28.45 25.66 -3.34
N PHE C 682 27.60 26.59 -3.79
CA PHE C 682 26.53 27.14 -2.92
C PHE C 682 25.44 26.12 -2.58
N LEU C 683 24.79 26.29 -1.42
CA LEU C 683 23.63 25.43 -1.06
C LEU C 683 22.63 26.33 -0.31
N LEU C 684 21.53 26.70 -0.97
CA LEU C 684 20.58 27.65 -0.41
C LEU C 684 19.62 26.94 0.53
N SER C 685 19.29 27.59 1.65
CA SER C 685 18.34 27.01 2.59
C SER C 685 17.71 28.15 3.37
N HIS C 686 16.44 28.45 3.08
CA HIS C 686 15.66 29.50 3.75
C HIS C 686 16.49 30.75 3.99
N GLY C 687 17.02 31.32 2.92
CA GLY C 687 17.79 32.54 3.00
C GLY C 687 19.28 32.34 3.15
N VAL C 688 19.70 31.81 4.31
CA VAL C 688 21.12 31.62 4.56
C VAL C 688 21.69 30.60 3.57
N CYS C 689 22.87 30.89 3.05
CA CYS C 689 23.54 30.07 2.06
C CYS C 689 24.83 29.50 2.63
N ILE C 690 25.02 28.20 2.48
CA ILE C 690 26.22 27.55 3.04
C ILE C 690 26.93 26.79 1.92
N PRO C 691 28.25 26.92 1.81
CA PRO C 691 28.97 26.29 0.67
C PRO C 691 29.20 24.78 0.78
N ALA C 692 28.12 24.02 0.60
CA ALA C 692 28.14 22.56 0.43
C ALA C 692 28.86 21.81 1.55
N GLN C 693 28.68 22.22 2.79
CA GLN C 693 29.32 21.53 3.91
C GLN C 693 28.34 20.89 4.87
N ASP C 694 27.07 21.29 4.85
CA ASP C 694 26.15 20.99 5.93
C ASP C 694 24.78 20.51 5.47
N CYS C 695 24.42 20.71 4.21
CA CYS C 695 23.08 20.36 3.74
C CYS C 695 23.04 18.91 3.25
N GLY C 696 23.43 18.00 4.14
CA GLY C 696 23.40 16.59 3.87
C GLY C 696 22.20 15.86 4.41
N CYS C 697 21.16 16.58 4.85
CA CYS C 697 19.99 15.97 5.46
C CYS C 697 18.77 16.17 4.56
N VAL C 698 17.94 15.14 4.48
CA VAL C 698 16.70 15.19 3.71
C VAL C 698 15.76 14.13 4.26
N HIS C 699 14.48 14.49 4.38
CA HIS C 699 13.45 13.60 4.91
C HIS C 699 12.39 13.39 3.83
N ASN C 700 11.29 12.74 4.20
CA ASN C 700 10.24 12.42 3.23
C ASN C 700 9.68 13.67 2.56
N GLY C 701 9.24 14.64 3.36
CA GLY C 701 8.62 15.82 2.79
C GLY C 701 9.10 17.16 3.31
N GLN C 702 9.86 17.16 4.41
CA GLN C 702 10.33 18.40 5.01
C GLN C 702 11.86 18.40 5.00
N TYR C 703 12.46 19.44 4.41
CA TYR C 703 13.90 19.59 4.47
C TYR C 703 14.34 19.93 5.89
N MET C 704 15.45 19.33 6.31
CA MET C 704 16.01 19.61 7.62
C MET C 704 17.42 20.14 7.47
N PRO C 705 17.71 21.34 7.99
CA PRO C 705 19.07 21.88 7.90
C PRO C 705 20.04 21.08 8.77
N VAL C 706 21.30 21.52 8.74
CA VAL C 706 22.31 20.90 9.57
C VAL C 706 21.93 21.02 11.03
N ASN C 707 22.12 19.94 11.79
CA ASN C 707 21.85 19.89 13.22
C ASN C 707 20.38 20.17 13.53
N SER C 708 19.48 19.96 12.58
CA SER C 708 18.06 20.15 12.81
C SER C 708 17.50 19.02 13.66
N SER C 709 16.37 19.30 14.31
CA SER C 709 15.74 18.31 15.18
C SER C 709 14.24 18.20 14.85
N LEU C 710 13.93 18.06 13.56
CA LEU C 710 12.54 18.07 13.12
C LEU C 710 11.79 16.88 13.69
N MET C 711 10.64 17.16 14.32
CA MET C 711 9.78 16.12 14.85
C MET C 711 8.47 16.10 14.08
N SER C 712 8.12 14.95 13.52
CA SER C 712 6.92 14.81 12.71
C SER C 712 5.71 14.60 13.60
N SER C 713 4.57 14.29 12.98
CA SER C 713 3.35 14.05 13.74
C SER C 713 3.48 12.80 14.60
N ASP C 714 2.57 12.64 15.54
CA ASP C 714 2.49 11.53 16.51
C ASP C 714 3.61 11.60 17.55
N CYS C 715 4.52 12.57 17.42
CA CYS C 715 5.56 12.81 18.42
C CYS C 715 6.39 11.55 18.70
N SER C 716 6.87 10.93 17.62
CA SER C 716 7.75 9.77 17.72
C SER C 716 9.21 10.22 17.67
N GLU C 717 9.59 10.97 18.71
CA GLU C 717 10.90 11.62 18.79
C GLU C 717 11.18 12.43 17.53
N ARG C 718 12.36 12.29 16.93
CA ARG C 718 12.76 13.26 15.92
C ARG C 718 13.70 12.62 14.91
N CYS C 719 13.76 13.23 13.72
CA CYS C 719 14.70 12.82 12.68
C CYS C 719 15.96 13.67 12.70
N PHE C 720 16.67 13.64 13.83
CA PHE C 720 17.90 14.42 13.98
C PHE C 720 18.97 13.91 13.02
N CYS C 721 19.78 14.83 12.52
CA CYS C 721 20.86 14.51 11.60
C CYS C 721 22.13 15.25 11.97
N SER C 722 23.22 14.91 11.27
CA SER C 722 24.52 15.54 11.40
C SER C 722 25.27 15.35 10.09
N PRO C 723 26.01 16.35 9.62
CA PRO C 723 26.64 16.24 8.29
C PRO C 723 27.62 15.08 8.18
N ASN C 724 28.38 14.79 9.24
CA ASN C 724 29.32 13.67 9.17
C ASN C 724 28.59 12.33 9.13
N ASN C 725 27.62 12.14 10.02
CA ASN C 725 26.85 10.90 10.05
C ASN C 725 25.56 11.18 10.81
N GLY C 726 24.50 10.50 10.37
CA GLY C 726 23.20 10.70 11.00
C GLY C 726 22.02 10.34 10.13
N LEU C 727 21.07 11.27 10.01
CA LEU C 727 19.82 11.07 9.29
C LEU C 727 19.03 9.92 9.90
N THR C 728 19.41 9.49 11.10
CA THR C 728 18.71 8.41 11.77
C THR C 728 17.50 8.95 12.50
N CYS C 729 16.31 8.60 12.01
CA CYS C 729 15.06 9.06 12.61
C CYS C 729 14.86 8.31 13.92
N HIS C 730 15.36 8.92 15.00
CA HIS C 730 15.15 8.35 16.32
C HIS C 730 13.67 8.39 16.65
N GLU C 731 13.14 7.25 17.12
CA GLU C 731 11.73 7.09 17.41
C GLU C 731 11.53 6.88 18.89
N ALA C 732 10.69 7.71 19.50
CA ALA C 732 10.38 7.62 20.92
C ALA C 732 9.13 8.45 21.18
N GLY C 733 8.14 7.85 21.83
CA GLY C 733 6.93 8.60 22.14
C GLY C 733 7.24 9.76 23.07
N CYS C 734 6.47 10.83 22.91
CA CYS C 734 6.67 12.01 23.75
C CYS C 734 6.42 11.65 25.21
N PRO C 735 7.27 12.10 26.13
CA PRO C 735 7.08 11.77 27.54
C PRO C 735 5.80 12.38 28.09
N SER C 736 5.28 11.76 29.15
CA SER C 736 4.05 12.21 29.77
C SER C 736 4.19 13.63 30.28
N GLY C 737 3.10 14.40 30.17
CA GLY C 737 3.10 15.80 30.53
C GLY C 737 3.17 16.75 29.36
N HIS C 738 3.39 16.25 28.15
CA HIS C 738 3.46 17.08 26.96
C HIS C 738 2.64 16.44 25.84
N VAL C 739 2.14 17.28 24.95
CA VAL C 739 1.35 16.85 23.81
C VAL C 739 1.95 17.46 22.55
N CYS C 740 1.66 16.83 21.42
CA CYS C 740 2.16 17.25 20.11
C CYS C 740 1.35 18.44 19.63
N GLU C 741 1.76 19.63 20.05
CA GLU C 741 1.05 20.87 19.72
C GLU C 741 2.06 21.89 19.24
N ILE C 742 1.59 22.82 18.41
CA ILE C 742 2.47 23.82 17.81
C ILE C 742 2.65 24.98 18.80
N GLN C 743 3.65 24.86 19.66
CA GLN C 743 3.91 25.92 20.63
C GLN C 743 4.88 26.93 20.04
N ALA C 744 4.43 28.18 19.94
CA ALA C 744 5.22 29.23 19.28
C ALA C 744 5.65 28.77 17.89
N GLY C 745 4.82 27.95 17.26
CA GLY C 745 5.16 27.37 15.97
C GLY C 745 6.29 26.37 15.99
N VAL C 746 6.33 25.50 17.01
CA VAL C 746 7.21 24.34 17.01
C VAL C 746 6.36 23.11 17.28
N ARG C 747 6.60 22.05 16.50
CA ARG C 747 5.84 20.81 16.64
C ARG C 747 6.29 20.01 17.85
N GLU C 748 7.44 20.31 18.43
CA GLU C 748 7.94 19.57 19.58
C GLU C 748 6.91 19.60 20.70
N CYS C 749 6.66 18.44 21.29
CA CYS C 749 5.58 18.33 22.26
C CYS C 749 5.88 19.16 23.50
N GLN C 750 4.88 19.90 23.95
CA GLN C 750 5.01 20.75 25.12
C GLN C 750 3.79 20.59 26.01
N ALA C 751 3.88 21.11 27.23
CA ALA C 751 2.76 20.97 28.19
C ALA C 751 1.57 21.82 27.76
N ALA C 752 0.52 21.19 27.23
CA ALA C 752 -0.72 21.94 26.89
C ALA C 752 -1.49 22.55 28.07
N ARG C 753 -2.23 23.63 27.83
CA ARG C 753 -2.97 24.26 28.97
C ARG C 753 -3.79 23.20 29.78
N GLY C 754 -4.69 22.54 29.05
CA GLY C 754 -5.41 21.38 29.61
C GLY C 754 -4.69 20.08 29.92
N LEU C 755 -4.49 19.78 31.20
CA LEU C 755 -3.84 18.54 31.59
C LEU C 755 -4.62 17.91 32.74
N CYS C 756 -5.59 17.06 32.40
CA CYS C 756 -6.31 16.27 33.40
C CYS C 756 -5.65 14.89 33.47
N SER C 757 -4.75 14.73 34.42
CA SER C 757 -4.07 13.46 34.58
C SER C 757 -5.03 12.42 35.15
N ILE C 758 -4.71 11.14 34.91
CA ILE C 758 -5.44 10.03 35.49
C ILE C 758 -4.48 9.06 36.18
N SER C 759 -3.50 8.54 35.45
CA SER C 759 -2.62 7.48 35.96
C SER C 759 -1.15 7.86 35.90
N VAL C 760 -0.85 9.14 36.15
CA VAL C 760 0.55 9.55 36.28
C VAL C 760 0.94 9.27 37.72
N GLY C 761 1.37 8.06 38.00
CA GLY C 761 1.44 7.62 39.39
C GLY C 761 0.10 7.68 40.07
N ALA C 762 -0.96 7.33 39.35
CA ALA C 762 -2.34 7.44 39.81
C ALA C 762 -2.67 8.85 40.27
N ASN C 763 -2.27 9.86 39.49
CA ASN C 763 -2.55 11.26 39.79
C ASN C 763 -3.71 11.72 38.93
N LEU C 764 -4.68 12.38 39.56
CA LEU C 764 -5.79 13.01 38.84
C LEU C 764 -5.83 14.48 39.25
N THR C 765 -5.11 15.31 38.50
CA THR C 765 -5.29 16.74 38.58
C THR C 765 -6.35 17.18 37.59
N THR C 766 -7.11 18.23 37.94
CA THR C 766 -8.16 18.72 37.01
C THR C 766 -7.47 19.44 35.85
N PHE C 767 -8.20 19.67 34.76
CA PHE C 767 -7.63 20.51 33.69
C PHE C 767 -7.30 21.81 34.41
N ASP C 768 -8.19 22.23 35.31
CA ASP C 768 -7.97 23.46 36.13
C ASP C 768 -6.77 23.27 37.07
N GLY C 769 -6.61 22.07 37.66
CA GLY C 769 -5.51 21.92 38.64
C GLY C 769 -5.91 21.37 40.00
N ALA C 770 -7.22 21.21 40.29
CA ALA C 770 -7.60 20.58 41.57
C ALA C 770 -7.18 19.10 41.55
N HIS C 771 -6.65 18.57 42.65
CA HIS C 771 -6.14 17.18 42.60
C HIS C 771 -7.00 16.20 43.42
N ASN C 772 -7.76 15.32 42.75
CA ASN C 772 -8.51 14.25 43.48
C ASN C 772 -8.54 13.00 42.59
N ALA C 773 -8.03 11.87 43.10
CA ALA C 773 -7.95 10.62 42.30
C ALA C 773 -9.25 9.81 42.14
N ILE C 774 -9.35 8.98 41.09
CA ILE C 774 -10.53 8.09 40.90
C ILE C 774 -10.74 7.23 42.16
N SER C 775 -9.68 6.51 42.57
CA SER C 775 -9.69 5.71 43.82
C SER C 775 -10.85 4.69 43.83
N SER C 776 -11.45 4.39 42.68
CA SER C 776 -12.50 3.38 42.63
C SER C 776 -12.53 2.77 41.22
N PRO C 777 -12.95 1.52 41.10
CA PRO C 777 -12.99 0.88 39.78
C PRO C 777 -14.23 1.24 38.99
N GLY C 778 -14.11 1.09 37.67
CA GLY C 778 -15.22 1.31 36.78
C GLY C 778 -14.78 2.04 35.53
N VAL C 779 -15.75 2.54 34.79
CA VAL C 779 -15.53 3.40 33.63
C VAL C 779 -16.12 4.76 33.97
N TYR C 780 -15.28 5.79 33.99
CA TYR C 780 -15.65 7.07 34.57
C TYR C 780 -15.68 8.15 33.49
N GLU C 781 -16.80 8.87 33.45
CA GLU C 781 -16.96 9.97 32.51
C GLU C 781 -16.20 11.19 32.98
N LEU C 782 -15.15 11.56 32.23
CA LEU C 782 -14.27 12.64 32.64
C LEU C 782 -14.36 13.83 31.69
N SER C 783 -14.11 13.64 30.40
CA SER C 783 -14.09 14.73 29.44
C SER C 783 -15.47 14.89 28.81
N SER C 784 -16.47 15.04 29.67
CA SER C 784 -17.85 15.15 29.21
C SER C 784 -18.13 16.56 28.73
N ARG C 785 -18.53 16.67 27.46
CA ARG C 785 -19.05 17.94 26.96
C ARG C 785 -20.29 18.34 27.74
N CYS C 786 -20.37 19.61 28.10
CA CYS C 786 -21.56 20.09 28.77
C CYS C 786 -22.69 20.21 27.76
N PRO C 787 -23.85 19.61 28.03
CA PRO C 787 -24.89 19.50 26.98
C PRO C 787 -25.47 20.83 26.57
N GLY C 788 -25.93 20.89 25.33
CA GLY C 788 -26.69 22.05 24.87
C GLY C 788 -25.89 23.34 24.79
N LEU C 789 -24.67 23.28 24.25
CA LEU C 789 -23.86 24.47 24.08
C LEU C 789 -23.47 24.74 22.63
N GLN C 790 -23.63 23.77 21.75
CA GLN C 790 -23.37 23.91 20.31
C GLN C 790 -21.93 24.34 20.01
N LYS C 791 -20.99 23.93 20.85
CA LYS C 791 -19.58 24.20 20.62
C LYS C 791 -18.99 23.09 19.75
N ASN C 792 -17.69 23.16 19.48
CA ASN C 792 -17.03 22.13 18.69
C ASN C 792 -16.88 20.77 19.37
N VAL C 793 -17.08 20.71 20.68
CA VAL C 793 -16.96 19.46 21.43
C VAL C 793 -18.04 18.48 20.97
N PRO C 794 -17.68 17.24 20.66
CA PRO C 794 -18.70 16.21 20.48
C PRO C 794 -19.11 15.61 21.82
N TRP C 795 -19.92 14.56 21.75
CA TRP C 795 -20.28 13.83 22.97
C TRP C 795 -19.30 12.69 23.25
N TYR C 796 -18.03 13.07 23.27
CA TYR C 796 -16.95 12.11 23.56
C TYR C 796 -16.81 12.00 25.11
N ARG C 797 -17.82 11.30 25.64
CA ARG C 797 -17.98 11.13 27.08
C ARG C 797 -17.02 9.99 27.38
N VAL C 798 -15.75 10.34 27.56
CA VAL C 798 -14.70 9.35 27.76
C VAL C 798 -14.96 8.62 29.07
N LEU C 799 -14.86 7.30 29.04
CA LEU C 799 -15.07 6.47 30.23
C LEU C 799 -13.76 5.77 30.57
N ALA C 800 -13.06 6.27 31.58
CA ALA C 800 -11.76 5.73 31.92
C ALA C 800 -11.92 4.35 32.54
N ASP C 801 -11.45 3.32 31.84
CA ASP C 801 -11.51 1.95 32.36
C ASP C 801 -10.37 1.73 33.36
N VAL C 802 -10.52 2.37 34.51
CA VAL C 802 -9.56 2.24 35.61
C VAL C 802 -9.91 1.01 36.43
N GLN C 803 -9.31 -0.13 36.08
CA GLN C 803 -9.57 -1.40 36.74
C GLN C 803 -8.27 -1.97 37.29
N PRO C 804 -8.34 -2.81 38.33
CA PRO C 804 -7.11 -3.35 38.92
C PRO C 804 -6.17 -4.00 37.91
N CYS C 805 -6.65 -5.03 37.21
CA CYS C 805 -5.88 -5.73 36.18
C CYS C 805 -4.45 -6.04 36.65
N HIS C 806 -3.45 -5.50 35.95
CA HIS C 806 -2.06 -5.73 36.32
C HIS C 806 -1.79 -5.26 37.74
N ASN C 807 -1.22 -6.16 38.55
CA ASN C 807 -0.77 -5.89 39.91
C ASN C 807 -1.88 -5.44 40.85
N ASN C 808 -3.14 -5.59 40.44
CA ASN C 808 -4.32 -5.19 41.22
C ASN C 808 -4.13 -3.83 41.89
N ASP C 809 -3.70 -2.85 41.09
CA ASP C 809 -3.47 -1.49 41.59
C ASP C 809 -4.06 -0.44 40.66
N LYS C 810 -5.26 -0.71 40.13
CA LYS C 810 -6.09 0.24 39.40
C LYS C 810 -5.32 1.08 38.39
N ILE C 811 -4.33 0.49 37.71
CA ILE C 811 -3.81 1.13 36.51
C ILE C 811 -4.84 1.06 35.39
N VAL C 812 -4.59 1.81 34.32
CA VAL C 812 -5.56 1.83 33.24
C VAL C 812 -5.58 0.39 32.76
N SER C 813 -6.77 -0.21 32.72
CA SER C 813 -6.87 -1.60 32.30
C SER C 813 -7.20 -1.50 30.82
N LYS C 814 -8.22 -0.72 30.48
CA LYS C 814 -8.64 -0.38 29.15
C LYS C 814 -9.03 1.07 29.01
N VAL C 815 -9.56 1.45 27.85
CA VAL C 815 -10.07 2.81 27.65
C VAL C 815 -11.50 2.55 27.19
N HIS C 816 -12.37 3.55 27.33
CA HIS C 816 -13.74 3.44 26.80
C HIS C 816 -14.15 4.83 26.32
N ILE C 817 -14.01 5.06 25.02
CA ILE C 817 -14.34 6.34 24.42
C ILE C 817 -15.55 6.19 23.49
N PHE C 818 -16.64 6.88 23.84
CA PHE C 818 -17.83 6.85 22.98
C PHE C 818 -17.56 7.61 21.70
N PHE C 819 -17.05 8.84 21.81
CA PHE C 819 -16.72 9.67 20.64
C PHE C 819 -17.92 9.87 19.72
N GLN C 820 -19.13 9.64 20.25
CA GLN C 820 -20.39 9.99 19.60
C GLN C 820 -20.68 9.08 18.42
N ASP C 821 -19.73 8.22 18.06
CA ASP C 821 -19.87 7.37 16.87
C ASP C 821 -19.34 5.95 17.09
N GLY C 822 -18.95 5.62 18.32
CA GLY C 822 -18.41 4.31 18.56
C GLY C 822 -18.29 4.00 20.03
N LEU C 823 -17.55 2.93 20.32
CA LEU C 823 -17.22 2.53 21.69
C LEU C 823 -15.75 2.12 21.71
N VAL C 824 -14.89 3.02 21.21
CA VAL C 824 -13.48 2.67 21.04
C VAL C 824 -12.91 2.27 22.39
N THR C 825 -12.28 1.10 22.44
CA THR C 825 -11.77 0.51 23.67
C THR C 825 -10.45 -0.19 23.35
N VAL C 826 -9.35 0.38 23.81
CA VAL C 826 -8.03 -0.19 23.58
C VAL C 826 -7.50 -0.69 24.92
N ILE C 827 -6.73 -1.78 24.89
CA ILE C 827 -6.12 -2.37 26.07
C ILE C 827 -4.61 -2.36 25.86
N PRO C 828 -3.81 -1.88 26.81
CA PRO C 828 -2.36 -2.03 26.67
C PRO C 828 -1.91 -3.47 26.56
N SER C 829 -2.65 -4.39 27.19
CA SER C 829 -2.30 -5.79 27.14
C SER C 829 -2.64 -6.41 25.79
N LYS C 830 -3.91 -6.36 25.40
CA LYS C 830 -4.40 -7.13 24.25
C LYS C 830 -5.26 -6.23 23.35
N GLY C 831 -4.63 -5.66 22.33
CA GLY C 831 -5.35 -5.13 21.19
C GLY C 831 -6.06 -3.81 21.39
N ALA C 832 -6.79 -3.42 20.35
CA ALA C 832 -7.56 -2.19 20.31
C ALA C 832 -8.89 -2.47 19.62
N TRP C 833 -9.98 -2.38 20.38
CA TRP C 833 -11.29 -2.74 19.87
C TRP C 833 -12.02 -1.50 19.34
N VAL C 834 -12.62 -1.63 18.16
CA VAL C 834 -13.53 -0.64 17.59
C VAL C 834 -14.84 -1.35 17.31
N ASN C 835 -15.94 -0.78 17.79
CA ASN C 835 -17.31 -1.28 17.64
C ASN C 835 -17.48 -2.67 18.23
N GLY C 836 -16.52 -3.16 19.02
CA GLY C 836 -16.57 -4.51 19.55
C GLY C 836 -15.66 -5.51 18.87
N LEU C 837 -14.99 -5.15 17.78
CA LEU C 837 -14.09 -6.04 17.08
C LEU C 837 -12.68 -5.45 17.14
N ARG C 838 -11.69 -6.29 17.43
CA ARG C 838 -10.34 -5.79 17.55
C ARG C 838 -9.74 -5.50 16.18
N VAL C 839 -8.86 -4.50 16.12
CA VAL C 839 -8.18 -4.12 14.89
C VAL C 839 -6.69 -4.05 15.16
N ASP C 840 -5.94 -3.83 14.09
CA ASP C 840 -4.49 -3.69 14.22
C ASP C 840 -4.14 -2.52 15.13
N LEU C 841 -3.14 -2.74 15.98
CA LEU C 841 -2.78 -1.73 16.97
C LEU C 841 -2.33 -0.40 16.36
N PRO C 842 -1.44 -0.36 15.36
CA PRO C 842 -1.07 0.97 14.81
C PRO C 842 -2.04 1.43 13.73
N ALA C 843 -3.21 1.88 14.17
CA ALA C 843 -4.24 2.37 13.25
C ALA C 843 -4.93 3.59 13.83
N THR C 844 -5.00 4.66 13.03
CA THR C 844 -5.58 5.92 13.46
C THR C 844 -6.74 6.38 12.60
N VAL C 845 -7.69 7.06 13.23
CA VAL C 845 -8.86 7.62 12.55
C VAL C 845 -8.90 9.11 12.86
N LEU C 846 -8.76 9.93 11.82
CA LEU C 846 -8.74 11.39 12.02
C LEU C 846 -10.03 11.88 12.65
N THR C 847 -11.17 11.37 12.18
CA THR C 847 -12.47 11.80 12.68
C THR C 847 -12.83 11.18 14.02
N SER C 848 -12.21 10.04 14.38
CA SER C 848 -12.61 9.33 15.59
C SER C 848 -11.51 9.32 16.65
N VAL C 849 -10.33 8.79 16.35
CA VAL C 849 -9.32 8.55 17.38
C VAL C 849 -7.97 8.31 16.73
N SER C 850 -6.90 8.77 17.39
CA SER C 850 -5.54 8.54 16.94
C SER C 850 -4.87 7.52 17.86
N VAL C 851 -4.93 6.25 17.47
CA VAL C 851 -4.39 5.16 18.27
C VAL C 851 -3.13 4.66 17.58
N ARG C 852 -2.02 4.64 18.32
CA ARG C 852 -0.75 4.10 17.82
C ARG C 852 0.09 3.65 19.00
N ARG C 853 0.93 2.64 18.76
CA ARG C 853 1.74 2.07 19.83
C ARG C 853 3.02 2.88 20.00
N MET C 854 3.25 3.33 21.23
CA MET C 854 4.54 3.94 21.57
C MET C 854 5.62 2.86 21.61
N PRO C 855 6.89 3.23 21.44
CA PRO C 855 7.95 2.21 21.42
C PRO C 855 7.99 1.33 22.66
N ASP C 856 7.73 1.88 23.83
CA ASP C 856 7.70 1.07 25.04
C ASP C 856 6.47 0.19 25.14
N GLY C 857 5.48 0.37 24.26
CA GLY C 857 4.28 -0.42 24.29
C GLY C 857 3.06 0.38 24.67
N SER C 858 3.24 1.68 24.86
CA SER C 858 2.14 2.56 25.24
C SER C 858 1.31 2.93 24.02
N MET C 859 0.07 3.35 24.27
CA MET C 859 -0.86 3.77 23.22
C MET C 859 -1.56 5.05 23.67
N LEU C 860 -1.84 5.92 22.72
CA LEU C 860 -2.55 7.16 23.00
C LEU C 860 -3.77 7.26 22.09
N VAL C 861 -4.56 8.30 22.32
CA VAL C 861 -5.77 8.60 21.56
C VAL C 861 -5.85 10.11 21.45
N HIS C 862 -6.29 10.60 20.29
CA HIS C 862 -6.36 12.03 20.08
C HIS C 862 -7.37 12.36 19.00
N GLN C 863 -8.06 13.49 19.17
CA GLN C 863 -9.02 13.97 18.18
C GLN C 863 -8.54 15.21 17.45
N LYS C 864 -8.87 15.29 16.16
CA LYS C 864 -8.59 16.48 15.38
C LYS C 864 -9.39 17.62 16.00
N ALA C 865 -8.69 18.58 16.61
CA ALA C 865 -9.31 19.63 17.40
C ALA C 865 -10.20 19.04 18.50
N GLY C 866 -9.70 17.98 19.14
CA GLY C 866 -10.45 17.29 20.16
C GLY C 866 -9.57 16.97 21.36
N VAL C 867 -10.01 15.98 22.13
CA VAL C 867 -9.31 15.61 23.35
C VAL C 867 -8.17 14.66 23.03
N THR C 868 -7.27 14.50 24.01
CA THR C 868 -6.17 13.55 23.93
C THR C 868 -6.06 12.80 25.24
N VAL C 869 -5.80 11.50 25.17
CA VAL C 869 -5.62 10.63 26.33
C VAL C 869 -4.37 9.77 26.20
N TRP C 870 -3.59 9.71 27.28
CA TRP C 870 -2.41 8.86 27.32
C TRP C 870 -2.65 7.51 27.96
N LEU C 871 -1.82 6.52 27.62
CA LEU C 871 -1.95 5.18 28.17
C LEU C 871 -0.59 4.49 28.10
N GLY C 872 0.15 4.50 29.19
CA GLY C 872 1.45 3.86 29.22
C GLY C 872 1.34 2.36 28.97
N LYS C 873 2.50 1.76 28.67
CA LYS C 873 2.55 0.30 28.57
C LYS C 873 1.97 -0.34 29.82
N ASP C 874 2.37 0.20 30.97
CA ASP C 874 1.72 -0.18 32.25
C ASP C 874 0.78 1.01 32.45
N GLY C 875 -0.13 0.97 33.41
CA GLY C 875 -1.11 2.08 33.45
C GLY C 875 -0.48 3.45 33.56
N LEU C 876 -0.82 4.36 32.65
CA LEU C 876 -0.37 5.77 32.71
C LEU C 876 -1.45 6.56 31.97
N LEU C 877 -1.72 7.82 32.35
CA LEU C 877 -2.84 8.50 31.64
C LEU C 877 -2.84 10.01 31.84
N ASP C 878 -2.76 10.76 30.73
CA ASP C 878 -2.92 12.20 30.80
C ASP C 878 -3.98 12.59 29.78
N VAL C 879 -4.76 13.63 30.09
CA VAL C 879 -5.76 14.14 29.17
C VAL C 879 -5.32 15.54 28.75
N MET C 880 -5.01 15.69 27.47
CA MET C 880 -4.57 16.96 26.91
C MET C 880 -5.72 17.59 26.13
N VAL C 881 -6.04 18.84 26.46
CA VAL C 881 -7.03 19.62 25.74
C VAL C 881 -6.48 21.04 25.58
N GLY C 882 -6.80 21.65 24.44
CA GLY C 882 -6.46 23.05 24.25
C GLY C 882 -7.47 23.94 24.96
N ASP C 883 -6.98 25.05 25.51
CA ASP C 883 -7.82 25.97 26.25
C ASP C 883 -8.71 26.82 25.34
N ASP C 884 -8.67 26.57 24.02
CA ASP C 884 -9.71 27.10 23.14
C ASP C 884 -11.08 26.60 23.59
N LEU C 885 -11.11 25.46 24.26
CA LEU C 885 -12.34 24.95 24.88
C LEU C 885 -12.41 25.53 26.29
N ALA C 886 -12.54 26.86 26.33
CA ALA C 886 -12.67 27.56 27.60
C ALA C 886 -13.99 27.17 28.26
N ALA C 887 -13.91 26.39 29.33
CA ALA C 887 -15.07 25.77 29.95
C ALA C 887 -15.83 24.95 28.91
N MET C 888 -17.15 25.09 28.89
CA MET C 888 -18.02 24.48 27.88
C MET C 888 -17.89 22.96 27.85
N LEU C 889 -17.50 22.35 28.97
CA LEU C 889 -17.44 20.90 29.08
C LEU C 889 -17.48 20.52 30.56
N CYS C 890 -18.47 19.71 30.95
CA CYS C 890 -18.66 19.39 32.34
C CYS C 890 -18.64 17.87 32.51
N GLY C 891 -17.51 17.35 32.96
CA GLY C 891 -17.34 15.96 33.35
C GLY C 891 -16.69 15.83 34.70
N ALA C 892 -16.01 14.70 34.92
CA ALA C 892 -15.23 14.56 36.14
C ALA C 892 -14.13 15.61 36.20
N CYS C 893 -13.39 15.79 35.11
CA CYS C 893 -12.57 16.97 34.96
C CYS C 893 -13.48 18.18 34.77
N GLY C 894 -13.20 19.27 35.48
CA GLY C 894 -14.06 20.47 35.44
C GLY C 894 -14.03 21.22 34.12
N ASN C 895 -14.68 22.38 34.07
CA ASN C 895 -14.81 23.15 32.80
C ASN C 895 -13.47 23.61 32.23
N PHE C 896 -12.51 24.02 33.08
CA PHE C 896 -11.25 24.62 32.58
C PHE C 896 -11.51 25.86 31.74
N ASP C 897 -12.21 26.84 32.31
CA ASP C 897 -12.41 28.14 31.63
C ASP C 897 -11.17 28.97 31.93
N GLY C 898 -10.20 28.38 32.64
CA GLY C 898 -9.00 29.12 33.07
C GLY C 898 -9.14 29.52 34.52
N ASP C 899 -10.30 29.25 35.12
CA ASP C 899 -10.47 29.52 36.57
C ASP C 899 -10.59 28.27 37.44
N GLN C 900 -9.64 28.06 38.36
CA GLN C 900 -9.79 26.96 39.37
C GLN C 900 -11.22 26.93 40.07
N THR C 901 -11.50 28.09 40.66
CA THR C 901 -12.81 28.33 41.31
C THR C 901 -14.19 28.10 40.69
N ASN C 902 -14.39 28.47 39.42
CA ASN C 902 -15.77 28.35 38.86
C ASN C 902 -16.23 26.89 38.85
N ASP C 903 -15.41 25.96 38.38
CA ASP C 903 -15.77 24.51 38.47
C ASP C 903 -15.73 24.11 39.95
N ALA C 904 -14.74 24.63 40.68
CA ALA C 904 -14.57 24.29 42.11
C ALA C 904 -14.51 22.78 42.27
N TYR C 905 -14.18 22.07 41.18
CA TYR C 905 -14.06 20.59 41.19
C TYR C 905 -15.21 19.96 41.99
N GLY C 906 -16.45 20.16 41.52
CA GLY C 906 -17.58 19.49 42.18
C GLY C 906 -17.61 19.76 43.67
N SER C 907 -17.56 21.03 44.07
CA SER C 907 -17.65 21.36 45.52
C SER C 907 -18.86 20.82 46.30
N GLN C 908 -20.07 20.98 45.76
CA GLN C 908 -21.28 20.37 46.39
C GLN C 908 -21.50 18.82 46.19
N GLY C 909 -20.89 18.33 45.10
CA GLY C 909 -20.88 16.88 44.81
C GLY C 909 -19.72 16.28 44.03
N LYS C 910 -19.35 15.02 44.30
CA LYS C 910 -18.12 14.47 43.63
C LYS C 910 -18.31 14.50 42.11
N THR C 911 -17.42 15.18 41.40
CA THR C 911 -17.50 15.25 39.92
C THR C 911 -17.09 13.88 39.33
N PRO C 912 -16.09 13.15 39.88
CA PRO C 912 -15.80 11.79 39.41
C PRO C 912 -16.86 10.69 39.57
N ILE C 913 -17.45 10.53 40.76
CA ILE C 913 -18.43 9.45 40.99
C ILE C 913 -19.85 9.87 41.42
N GLU C 914 -19.93 10.89 42.29
CA GLU C 914 -21.26 11.36 42.77
C GLU C 914 -21.89 11.83 41.47
N LYS C 915 -21.12 12.52 40.63
CA LYS C 915 -21.65 13.01 39.35
C LYS C 915 -20.81 12.41 38.23
N TRP C 916 -21.19 12.64 36.99
CA TRP C 916 -20.38 12.19 35.83
C TRP C 916 -19.69 10.84 36.08
N ARG C 917 -20.46 9.80 36.41
CA ARG C 917 -19.84 8.45 36.52
C ARG C 917 -20.81 7.62 35.65
N ALA C 918 -20.28 6.85 34.70
CA ALA C 918 -21.16 6.10 33.77
C ALA C 918 -21.89 4.96 34.48
N GLN C 919 -23.14 4.68 34.07
CA GLN C 919 -23.90 3.55 34.66
C GLN C 919 -24.32 2.59 33.54
N ASP C 920 -24.25 3.06 32.29
CA ASP C 920 -24.58 2.20 31.16
C ASP C 920 -23.67 0.98 31.05
N PHE C 921 -22.45 1.04 31.59
CA PHE C 921 -21.56 -0.12 31.60
C PHE C 921 -21.39 -0.67 33.00
N SER C 922 -22.16 -0.18 33.96
CA SER C 922 -22.18 -0.68 35.32
C SER C 922 -23.12 -1.86 35.43
N PRO C 923 -22.91 -2.75 36.42
CA PRO C 923 -23.86 -3.84 36.63
C PRO C 923 -25.24 -3.32 37.00
N CYS C 924 -26.18 -4.27 37.16
CA CYS C 924 -27.57 -3.91 37.44
C CYS C 924 -27.71 -3.03 38.67
N SER C 925 -26.80 -3.14 39.63
CA SER C 925 -26.79 -2.43 40.91
C SER C 925 -27.91 -2.93 41.82
N ASN C 926 -28.71 -3.89 41.37
CA ASN C 926 -29.74 -4.50 42.20
C ASN C 926 -29.36 -5.96 42.44
N THR C 927 -28.62 -6.18 43.52
CA THR C 927 -28.09 -7.50 43.89
C THR C 927 -27.24 -8.08 42.78
N GLY D 733 -47.98 -8.84 23.60
CA GLY D 733 -46.95 -9.81 23.29
C GLY D 733 -47.29 -11.21 23.78
N CYS D 734 -46.31 -12.10 23.72
CA CYS D 734 -46.50 -13.48 24.13
C CYS D 734 -45.29 -13.90 24.94
N PRO D 735 -45.45 -14.86 25.87
CA PRO D 735 -44.32 -15.20 26.77
C PRO D 735 -43.08 -15.66 26.03
N SER D 736 -43.24 -16.40 24.94
CA SER D 736 -42.15 -16.72 24.04
C SER D 736 -42.29 -15.81 22.82
N GLY D 737 -41.18 -15.20 22.40
CA GLY D 737 -41.23 -14.20 21.36
C GLY D 737 -41.69 -14.71 20.00
N HIS D 738 -42.78 -14.13 19.50
CA HIS D 738 -43.22 -14.34 18.12
C HIS D 738 -43.93 -13.08 17.68
N VAL D 739 -43.23 -12.20 16.95
CA VAL D 739 -43.79 -10.94 16.51
C VAL D 739 -43.38 -10.68 15.07
N CYS D 740 -44.18 -9.87 14.38
CA CYS D 740 -43.92 -9.47 12.99
C CYS D 740 -43.76 -10.69 12.08
N GLU D 741 -44.56 -11.72 12.31
CA GLU D 741 -44.59 -12.90 11.46
C GLU D 741 -45.95 -12.99 10.78
N ILE D 742 -45.95 -12.82 9.47
CA ILE D 742 -47.21 -12.87 8.68
C ILE D 742 -47.37 -14.34 8.26
N GLN D 743 -48.15 -15.06 9.04
CA GLN D 743 -48.52 -16.43 8.74
C GLN D 743 -50.03 -16.54 8.62
N ALA D 744 -50.48 -17.53 7.86
CA ALA D 744 -51.90 -17.76 7.56
C ALA D 744 -52.56 -16.54 6.95
N GLY D 745 -51.78 -15.57 6.47
CA GLY D 745 -52.32 -14.36 5.88
C GLY D 745 -52.34 -13.14 6.77
N VAL D 746 -51.80 -13.21 7.99
CA VAL D 746 -51.83 -12.08 8.91
C VAL D 746 -50.69 -12.21 9.90
N ARG D 747 -50.29 -11.08 10.49
CA ARG D 747 -49.28 -11.10 11.54
C ARG D 747 -49.85 -11.75 12.79
N GLU D 748 -49.08 -12.64 13.39
CA GLU D 748 -49.58 -13.42 14.52
C GLU D 748 -48.42 -13.87 15.39
N CYS D 749 -48.76 -14.29 16.62
CA CYS D 749 -47.78 -14.79 17.59
C CYS D 749 -47.44 -16.25 17.27
N GLN D 750 -46.96 -16.46 16.05
CA GLN D 750 -46.52 -17.78 15.61
C GLN D 750 -45.00 -17.82 15.61
N ALA D 751 -44.45 -18.87 16.20
CA ALA D 751 -43.00 -18.95 16.38
C ALA D 751 -42.29 -18.99 15.04
N ALA D 752 -41.17 -18.27 14.97
CA ALA D 752 -40.32 -18.25 13.79
C ALA D 752 -39.24 -19.32 13.91
N ARG D 753 -38.53 -19.55 12.81
CA ARG D 753 -37.52 -20.61 12.79
C ARG D 753 -36.25 -20.18 13.51
N GLY D 754 -35.86 -18.91 13.38
CA GLY D 754 -34.64 -18.45 14.02
C GLY D 754 -34.89 -18.14 15.47
N LEU D 755 -34.46 -19.04 16.36
CA LEU D 755 -34.76 -18.86 17.79
C LEU D 755 -33.66 -19.46 18.66
N CYS D 756 -32.88 -18.60 19.32
CA CYS D 756 -31.91 -19.03 20.32
C CYS D 756 -32.30 -18.39 21.64
N SER D 757 -33.08 -19.12 22.43
CA SER D 757 -33.42 -18.65 23.77
C SER D 757 -32.22 -18.83 24.69
N ILE D 758 -31.86 -17.77 25.40
CA ILE D 758 -30.62 -17.74 26.17
C ILE D 758 -30.95 -17.72 27.65
N SER D 759 -30.48 -18.74 28.36
CA SER D 759 -30.53 -18.80 29.82
C SER D 759 -31.94 -18.60 30.37
N VAL D 760 -32.94 -19.00 29.57
CA VAL D 760 -34.30 -19.05 30.08
C VAL D 760 -34.39 -20.17 31.09
N GLY D 761 -34.48 -19.81 32.36
CA GLY D 761 -34.24 -20.79 33.41
C GLY D 761 -32.81 -21.26 33.45
N ALA D 762 -31.86 -20.39 33.09
CA ALA D 762 -30.43 -20.61 33.13
C ALA D 762 -29.95 -21.71 32.19
N ASN D 763 -30.74 -22.08 31.18
CA ASN D 763 -30.31 -23.02 30.15
C ASN D 763 -30.39 -22.35 28.79
N LEU D 764 -29.29 -22.44 28.03
CA LEU D 764 -29.21 -21.82 26.71
C LEU D 764 -29.63 -22.83 25.66
N THR D 765 -30.61 -22.46 24.84
CA THR D 765 -31.09 -23.29 23.75
C THR D 765 -30.63 -22.67 22.44
N THR D 766 -29.82 -23.40 21.68
CA THR D 766 -29.27 -22.91 20.43
C THR D 766 -30.32 -23.04 19.32
N PHE D 767 -29.90 -22.78 18.09
CA PHE D 767 -30.81 -22.96 16.93
C PHE D 767 -30.91 -24.45 16.67
N ASP D 768 -30.33 -25.25 17.57
CA ASP D 768 -30.34 -26.73 17.44
C ASP D 768 -30.76 -27.32 18.79
N GLY D 769 -30.64 -28.64 18.95
CA GLY D 769 -31.06 -29.33 20.18
C GLY D 769 -29.92 -29.31 21.19
N ALA D 770 -29.82 -28.26 22.00
CA ALA D 770 -28.68 -28.13 22.90
C ALA D 770 -29.11 -27.34 24.13
N HIS D 771 -28.58 -27.75 25.29
CA HIS D 771 -28.90 -27.10 26.54
C HIS D 771 -27.71 -27.17 27.48
N ASN D 772 -27.34 -26.03 28.06
CA ASN D 772 -26.24 -25.95 29.00
C ASN D 772 -26.30 -24.60 29.71
N ALA D 773 -25.59 -24.52 30.84
CA ALA D 773 -25.45 -23.29 31.59
C ALA D 773 -24.04 -22.76 31.41
N ILE D 774 -23.93 -21.45 31.17
CA ILE D 774 -22.61 -20.85 30.97
C ILE D 774 -21.75 -21.01 32.21
N SER D 775 -22.34 -20.73 33.38
CA SER D 775 -21.65 -20.88 34.67
C SER D 775 -20.33 -20.12 34.70
N SER D 776 -20.33 -18.95 34.05
CA SER D 776 -19.12 -18.14 33.97
C SER D 776 -19.49 -16.67 33.83
N PRO D 777 -19.26 -15.86 34.86
CA PRO D 777 -19.59 -14.43 34.77
C PRO D 777 -18.75 -13.71 33.73
N GLY D 778 -19.35 -12.65 33.17
CA GLY D 778 -18.67 -11.85 32.16
C GLY D 778 -19.59 -11.39 31.06
N VAL D 779 -19.02 -11.10 29.89
CA VAL D 779 -19.79 -10.74 28.71
C VAL D 779 -19.43 -11.74 27.62
N TYR D 780 -20.21 -12.80 27.52
CA TYR D 780 -19.94 -13.90 26.60
C TYR D 780 -20.79 -13.72 25.35
N GLU D 781 -20.13 -13.53 24.21
CA GLU D 781 -20.84 -13.34 22.95
C GLU D 781 -21.76 -14.52 22.67
N LEU D 782 -22.98 -14.21 22.24
CA LEU D 782 -23.98 -15.23 21.94
C LEU D 782 -24.21 -15.43 20.47
N SER D 783 -24.20 -14.38 19.65
CA SER D 783 -24.46 -14.53 18.24
C SER D 783 -23.81 -13.40 17.49
N SER D 784 -23.52 -13.65 16.21
CA SER D 784 -22.90 -12.68 15.32
C SER D 784 -22.88 -13.27 13.93
N ARG D 785 -22.88 -12.40 12.93
CA ARG D 785 -22.69 -12.86 11.57
C ARG D 785 -21.28 -13.43 11.43
N CYS D 786 -21.20 -14.66 10.93
CA CYS D 786 -19.92 -15.34 10.87
C CYS D 786 -18.99 -14.59 9.91
N PRO D 787 -17.73 -14.36 10.31
CA PRO D 787 -16.84 -13.52 9.51
C PRO D 787 -16.65 -14.06 8.10
N GLY D 788 -16.63 -13.15 7.13
CA GLY D 788 -16.45 -13.51 5.74
C GLY D 788 -17.52 -14.27 5.01
N LEU D 789 -18.66 -14.53 5.64
CA LEU D 789 -19.71 -15.26 4.93
C LEU D 789 -20.34 -14.36 3.87
N GLN D 790 -20.77 -14.93 2.75
CA GLN D 790 -21.22 -14.14 1.62
C GLN D 790 -22.51 -13.35 1.74
N LYS D 791 -23.44 -13.81 2.58
CA LYS D 791 -24.75 -13.17 2.68
C LYS D 791 -24.60 -11.72 3.14
N ASN D 792 -25.40 -10.84 2.52
CA ASN D 792 -25.31 -9.41 2.78
C ASN D 792 -25.95 -9.00 4.10
N VAL D 793 -26.34 -9.95 4.94
CA VAL D 793 -26.91 -9.64 6.24
C VAL D 793 -25.87 -8.87 7.06
N PRO D 794 -26.21 -7.69 7.56
CA PRO D 794 -25.21 -6.87 8.25
C PRO D 794 -24.76 -7.50 9.57
N TRP D 795 -23.55 -7.10 9.98
CA TRP D 795 -23.01 -7.48 11.27
C TRP D 795 -24.03 -7.18 12.37
N TYR D 796 -24.33 -8.18 13.18
CA TYR D 796 -25.33 -8.04 14.24
C TYR D 796 -24.85 -8.69 15.53
N ARG D 797 -23.55 -8.56 15.82
CA ARG D 797 -22.97 -9.19 16.99
C ARG D 797 -23.67 -8.73 18.26
N VAL D 798 -23.84 -9.65 19.21
CA VAL D 798 -24.47 -9.33 20.49
C VAL D 798 -23.52 -9.72 21.61
N LEU D 799 -23.78 -9.18 22.79
CA LEU D 799 -23.01 -9.52 23.99
C LEU D 799 -23.93 -9.47 25.19
N ALA D 800 -24.10 -10.61 25.84
CA ALA D 800 -24.99 -10.73 26.99
C ALA D 800 -24.15 -10.81 28.26
N ASP D 801 -24.38 -9.87 29.16
CA ASP D 801 -23.69 -9.91 30.45
C ASP D 801 -24.16 -11.10 31.27
N VAL D 802 -23.22 -11.73 31.97
CA VAL D 802 -23.55 -12.79 32.91
C VAL D 802 -23.56 -12.27 34.35
N GLN D 803 -23.74 -10.96 34.52
CA GLN D 803 -23.91 -10.40 35.86
C GLN D 803 -25.11 -11.05 36.54
N PRO D 804 -25.00 -11.42 37.82
CA PRO D 804 -26.12 -12.05 38.52
C PRO D 804 -27.41 -11.23 38.45
N CYS D 805 -27.27 -9.91 38.53
CA CYS D 805 -28.39 -8.97 38.47
C CYS D 805 -29.40 -9.35 39.55
N HIS D 806 -30.67 -9.59 39.23
CA HIS D 806 -31.69 -9.79 40.24
C HIS D 806 -31.53 -11.15 40.91
N ASN D 807 -31.03 -11.14 42.15
CA ASN D 807 -30.98 -12.32 43.01
C ASN D 807 -30.24 -13.49 42.35
N ASN D 808 -29.05 -13.21 41.82
CA ASN D 808 -28.13 -14.22 41.30
C ASN D 808 -28.74 -15.09 40.21
N ASP D 809 -29.59 -14.52 39.35
CA ASP D 809 -30.21 -15.31 38.30
C ASP D 809 -29.28 -15.46 37.10
N LYS D 810 -28.23 -14.63 37.03
CA LYS D 810 -27.28 -14.56 35.91
C LYS D 810 -27.98 -14.13 34.62
N ILE D 811 -29.20 -13.59 34.72
CA ILE D 811 -29.93 -13.16 33.54
C ILE D 811 -29.16 -12.08 32.80
N VAL D 812 -29.49 -11.91 31.51
CA VAL D 812 -28.82 -10.90 30.71
C VAL D 812 -29.12 -9.53 31.29
N SER D 813 -28.10 -8.89 31.85
CA SER D 813 -28.28 -7.59 32.48
C SER D 813 -28.48 -6.49 31.45
N LYS D 814 -27.66 -6.48 30.40
CA LYS D 814 -27.75 -5.47 29.36
C LYS D 814 -27.40 -6.13 28.04
N VAL D 815 -28.29 -6.04 27.07
CA VAL D 815 -28.06 -6.65 25.76
C VAL D 815 -27.31 -5.64 24.89
N HIS D 816 -25.99 -5.62 25.02
CA HIS D 816 -25.16 -4.67 24.30
C HIS D 816 -25.05 -5.11 22.83
N ILE D 817 -26.13 -4.84 22.08
CA ILE D 817 -26.13 -5.24 20.69
C ILE D 817 -25.24 -4.30 19.90
N PHE D 818 -24.01 -4.74 19.63
CA PHE D 818 -23.03 -3.92 18.92
C PHE D 818 -23.35 -3.94 17.42
N PHE D 819 -24.36 -3.15 17.06
CA PHE D 819 -24.68 -2.97 15.65
C PHE D 819 -23.54 -2.27 14.94
N GLN D 820 -23.53 -2.40 13.61
CA GLN D 820 -22.41 -1.92 12.81
C GLN D 820 -22.15 -0.44 13.05
N ASP D 821 -23.21 0.33 13.31
CA ASP D 821 -23.02 1.75 13.58
C ASP D 821 -22.40 1.98 14.96
N GLY D 822 -22.88 1.28 15.97
CA GLY D 822 -22.40 1.51 17.32
C GLY D 822 -23.31 0.86 18.33
N LEU D 823 -22.92 0.99 19.60
CA LEU D 823 -23.66 0.35 20.67
C LEU D 823 -25.04 0.95 20.82
N VAL D 824 -26.03 0.07 20.96
CA VAL D 824 -27.43 0.47 21.10
C VAL D 824 -28.00 -0.20 22.35
N THR D 825 -27.15 -0.41 23.35
CA THR D 825 -27.51 -1.08 24.59
C THR D 825 -28.86 -0.59 25.12
N VAL D 826 -29.69 -1.52 25.57
CA VAL D 826 -31.01 -1.24 26.09
C VAL D 826 -31.14 -1.84 27.47
N ILE D 827 -31.76 -1.09 28.39
CA ILE D 827 -31.90 -1.48 29.78
C ILE D 827 -33.38 -1.56 30.09
N PRO D 828 -33.89 -2.64 30.68
CA PRO D 828 -35.32 -2.72 30.98
C PRO D 828 -35.79 -1.69 31.98
N SER D 829 -35.16 -1.65 33.17
CA SER D 829 -35.65 -0.79 34.23
C SER D 829 -35.39 0.69 33.92
N LYS D 830 -34.16 1.01 33.52
CA LYS D 830 -33.82 2.39 33.20
C LYS D 830 -34.09 2.68 31.73
N GLY D 831 -33.83 3.92 31.33
CA GLY D 831 -33.96 4.30 29.94
C GLY D 831 -32.83 3.77 29.10
N ALA D 832 -33.08 3.69 27.79
CA ALA D 832 -32.07 3.24 26.86
C ALA D 832 -30.90 4.21 26.82
N TRP D 833 -29.69 3.67 26.88
CA TRP D 833 -28.46 4.44 26.85
C TRP D 833 -27.83 4.45 25.46
N VAL D 834 -28.67 4.50 24.42
CA VAL D 834 -28.20 4.39 23.04
C VAL D 834 -27.06 5.36 22.79
N ASN D 835 -25.95 4.83 22.30
CA ASN D 835 -24.76 5.63 21.95
C ASN D 835 -24.32 6.52 23.09
N GLY D 836 -24.59 6.10 24.32
CA GLY D 836 -24.17 6.83 25.51
C GLY D 836 -25.12 7.91 25.97
N LEU D 837 -26.26 8.09 25.31
CA LEU D 837 -27.24 9.10 25.70
C LEU D 837 -28.55 8.41 26.05
N ARG D 838 -29.09 8.72 27.22
CA ARG D 838 -30.40 8.20 27.58
C ARG D 838 -31.46 8.84 26.68
N VAL D 839 -32.32 7.99 26.12
CA VAL D 839 -33.31 8.42 25.14
C VAL D 839 -34.68 7.88 25.54
N ASP D 840 -35.71 8.45 24.92
CA ASP D 840 -37.07 8.03 25.18
C ASP D 840 -37.33 6.62 24.65
N LEU D 841 -38.07 5.83 25.42
CA LEU D 841 -38.31 4.44 25.06
C LEU D 841 -39.07 4.28 23.74
N PRO D 842 -40.25 4.89 23.53
CA PRO D 842 -41.03 4.58 22.32
C PRO D 842 -40.59 5.42 21.12
N ALA D 843 -39.33 5.27 20.72
CA ALA D 843 -38.81 6.00 19.59
C ALA D 843 -37.79 5.15 18.84
N THR D 844 -37.82 5.26 17.51
CA THR D 844 -36.80 4.63 16.70
C THR D 844 -35.47 5.36 16.87
N VAL D 845 -34.38 4.61 16.96
CA VAL D 845 -33.06 5.18 17.17
C VAL D 845 -32.07 4.50 16.23
N LEU D 846 -30.93 5.15 16.04
CA LEU D 846 -29.85 4.70 15.15
C LEU D 846 -30.47 4.52 13.75
N THR D 847 -30.25 3.40 13.08
CA THR D 847 -30.74 3.18 11.73
C THR D 847 -31.44 1.83 11.65
N SER D 848 -32.68 1.84 11.14
CA SER D 848 -33.45 0.63 10.88
C SER D 848 -33.58 -0.23 12.13
N VAL D 849 -33.80 0.42 13.28
CA VAL D 849 -33.99 -0.28 14.55
C VAL D 849 -35.20 0.31 15.25
N SER D 850 -36.04 -0.57 15.78
CA SER D 850 -37.22 -0.15 16.52
C SER D 850 -37.10 -0.61 17.97
N VAL D 851 -37.16 0.33 18.90
CA VAL D 851 -37.04 0.04 20.32
C VAL D 851 -38.29 0.54 21.03
N ARG D 852 -38.81 -0.26 21.96
CA ARG D 852 -40.01 0.14 22.69
C ARG D 852 -40.15 -0.71 23.94
N ARG D 853 -40.49 -0.06 25.04
CA ARG D 853 -40.82 -0.80 26.26
C ARG D 853 -42.16 -1.51 26.09
N MET D 854 -42.17 -2.79 26.45
CA MET D 854 -43.40 -3.56 26.37
C MET D 854 -44.42 -3.02 27.38
N PRO D 855 -45.71 -3.00 27.03
CA PRO D 855 -46.72 -2.52 27.99
C PRO D 855 -46.75 -3.31 29.28
N ASP D 856 -46.46 -4.61 29.21
CA ASP D 856 -46.39 -5.41 30.44
C ASP D 856 -45.23 -4.97 31.32
N GLY D 857 -44.12 -4.54 30.73
CA GLY D 857 -42.98 -4.10 31.49
C GLY D 857 -41.64 -4.47 30.87
N SER D 858 -41.68 -5.28 29.80
CA SER D 858 -40.46 -5.70 29.14
C SER D 858 -40.01 -4.66 28.13
N MET D 859 -38.96 -4.99 27.39
CA MET D 859 -38.38 -4.11 26.39
C MET D 859 -38.04 -4.90 25.13
N LEU D 860 -38.61 -4.47 24.01
CA LEU D 860 -38.38 -5.09 22.72
C LEU D 860 -37.51 -4.19 21.86
N VAL D 861 -36.52 -4.78 21.19
CA VAL D 861 -35.74 -4.09 20.18
C VAL D 861 -35.66 -5.00 18.97
N HIS D 862 -35.88 -4.42 17.79
CA HIS D 862 -35.96 -5.20 16.56
C HIS D 862 -35.11 -4.54 15.48
N GLN D 863 -34.50 -5.38 14.65
CA GLN D 863 -33.76 -4.93 13.48
C GLN D 863 -34.46 -5.44 12.23
N LYS D 864 -34.69 -4.54 11.28
CA LYS D 864 -35.32 -4.94 10.02
C LYS D 864 -34.41 -5.90 9.26
N ALA D 865 -34.96 -7.03 8.84
CA ALA D 865 -34.18 -8.09 8.20
C ALA D 865 -33.00 -8.51 9.07
N GLY D 866 -33.24 -8.60 10.37
CA GLY D 866 -32.18 -8.89 11.31
C GLY D 866 -32.71 -9.51 12.58
N VAL D 867 -31.94 -9.33 13.65
CA VAL D 867 -32.23 -9.97 14.93
C VAL D 867 -33.16 -9.10 15.77
N THR D 868 -33.81 -9.71 16.76
CA THR D 868 -34.58 -8.97 17.73
C THR D 868 -34.32 -9.54 19.12
N VAL D 869 -34.51 -8.69 20.12
CA VAL D 869 -34.28 -9.00 21.52
C VAL D 869 -35.52 -8.62 22.30
N TRP D 870 -36.16 -9.61 22.90
CA TRP D 870 -37.33 -9.40 23.77
C TRP D 870 -36.91 -9.49 25.23
N LEU D 871 -36.14 -8.49 25.67
CA LEU D 871 -35.57 -8.54 27.01
C LEU D 871 -36.66 -8.31 28.05
N GLY D 872 -36.89 -9.31 28.89
CA GLY D 872 -38.01 -9.27 29.80
C GLY D 872 -37.72 -8.51 31.09
N LYS D 873 -38.79 -8.32 31.87
CA LYS D 873 -38.67 -7.67 33.17
C LYS D 873 -37.80 -8.49 34.11
N ASP D 874 -37.97 -9.81 34.12
CA ASP D 874 -37.23 -10.70 35.00
C ASP D 874 -35.99 -11.29 34.33
N GLY D 875 -35.53 -10.70 33.22
CA GLY D 875 -34.31 -11.13 32.58
C GLY D 875 -34.45 -12.23 31.54
N LEU D 876 -35.67 -12.68 31.27
CA LEU D 876 -35.88 -13.68 30.22
C LEU D 876 -35.49 -13.10 28.87
N LEU D 877 -34.76 -13.87 28.07
CA LEU D 877 -34.29 -13.38 26.78
C LEU D 877 -34.24 -14.51 25.75
N ASP D 878 -34.77 -14.22 24.57
CA ASP D 878 -34.63 -15.07 23.40
C ASP D 878 -34.13 -14.20 22.25
N VAL D 879 -32.95 -14.53 21.72
CA VAL D 879 -32.46 -13.91 20.50
C VAL D 879 -33.23 -14.54 19.35
N MET D 880 -33.81 -13.73 18.48
CA MET D 880 -34.68 -14.24 17.43
C MET D 880 -34.24 -13.71 16.08
N VAL D 881 -34.02 -14.64 15.15
CA VAL D 881 -33.59 -14.35 13.79
C VAL D 881 -34.54 -15.04 12.83
N GLY D 882 -34.67 -14.46 11.63
CA GLY D 882 -35.54 -15.02 10.63
C GLY D 882 -35.01 -16.32 10.07
N ASP D 883 -35.87 -17.01 9.32
CA ASP D 883 -35.51 -18.30 8.73
C ASP D 883 -34.55 -18.15 7.56
N ASP D 884 -34.32 -16.92 7.09
CA ASP D 884 -33.54 -16.73 5.87
C ASP D 884 -32.10 -17.21 6.03
N LEU D 885 -31.57 -17.17 7.25
CA LEU D 885 -30.18 -17.51 7.50
C LEU D 885 -30.08 -18.90 8.10
N ALA D 886 -29.31 -19.78 7.45
CA ALA D 886 -29.16 -21.17 7.93
C ALA D 886 -27.67 -21.52 7.96
N ALA D 887 -27.13 -21.82 9.14
CA ALA D 887 -25.69 -22.12 9.30
C ALA D 887 -24.87 -20.99 8.66
N MET D 888 -25.30 -19.75 8.86
CA MET D 888 -24.59 -18.59 8.27
C MET D 888 -24.06 -17.72 9.41
N LEU D 889 -24.14 -18.23 10.65
CA LEU D 889 -23.66 -17.48 11.79
C LEU D 889 -22.95 -18.42 12.76
N CYS D 890 -21.87 -17.91 13.37
CA CYS D 890 -21.04 -18.71 14.28
C CYS D 890 -20.86 -17.97 15.60
N GLY D 891 -21.72 -18.30 16.57
CA GLY D 891 -21.59 -17.75 17.90
C GLY D 891 -21.77 -18.81 18.97
N ALA D 892 -22.19 -18.40 20.18
CA ALA D 892 -22.52 -19.38 21.20
C ALA D 892 -23.70 -20.24 20.76
N CYS D 893 -24.72 -19.62 20.16
CA CYS D 893 -25.79 -20.39 19.54
C CYS D 893 -25.27 -21.22 18.38
N GLY D 894 -24.28 -20.68 17.64
CA GLY D 894 -23.65 -21.47 16.57
C GLY D 894 -24.51 -21.59 15.32
N ASN D 895 -24.33 -22.69 14.59
CA ASN D 895 -25.05 -22.92 13.31
C ASN D 895 -26.57 -22.90 13.49
N PHE D 896 -27.30 -22.72 12.40
CA PHE D 896 -28.78 -22.88 12.42
C PHE D 896 -29.13 -24.20 11.74
N ASP D 897 -28.14 -25.03 11.40
CA ASP D 897 -28.43 -26.26 10.60
C ASP D 897 -29.33 -27.23 11.36
N GLY D 898 -29.51 -27.03 12.66
CA GLY D 898 -30.43 -27.88 13.44
C GLY D 898 -29.79 -29.21 13.81
N ASP D 899 -28.52 -29.44 13.43
CA ASP D 899 -27.84 -30.68 13.88
C ASP D 899 -27.56 -30.48 15.37
N GLN D 900 -27.94 -31.43 16.22
CA GLN D 900 -27.84 -31.22 17.68
C GLN D 900 -26.42 -31.08 18.24
N THR D 901 -25.49 -31.94 17.83
CA THR D 901 -24.14 -31.89 18.43
C THR D 901 -23.03 -31.31 17.50
N ASN D 902 -23.39 -30.98 16.26
CA ASN D 902 -22.36 -30.50 15.28
C ASN D 902 -21.99 -29.04 15.59
N ASP D 903 -22.75 -28.39 16.47
CA ASP D 903 -22.39 -27.01 16.88
C ASP D 903 -21.90 -27.08 18.32
N ALA D 904 -22.51 -27.96 19.12
CA ALA D 904 -21.98 -28.11 20.50
C ALA D 904 -20.57 -28.71 20.48
N TYR D 905 -19.54 -27.87 20.67
CA TYR D 905 -18.12 -28.35 20.72
C TYR D 905 -17.80 -29.15 19.46
N GLY D 906 -18.41 -28.78 18.33
CA GLY D 906 -18.18 -29.48 17.05
C GLY D 906 -18.11 -31.00 17.14
N SER D 907 -17.30 -31.62 16.28
CA SER D 907 -17.08 -33.09 16.29
C SER D 907 -15.59 -33.38 16.07
N GLN D 908 -15.06 -34.41 16.75
CA GLN D 908 -13.62 -34.79 16.60
C GLN D 908 -12.73 -33.58 16.93
N GLY D 909 -11.80 -33.22 16.03
CA GLY D 909 -10.84 -32.15 16.35
C GLY D 909 -11.34 -30.76 15.99
N LYS D 910 -11.46 -29.87 16.97
CA LYS D 910 -11.88 -28.47 16.73
C LYS D 910 -11.44 -27.61 17.93
N THR D 911 -11.41 -26.28 17.79
CA THR D 911 -11.09 -25.40 18.95
C THR D 911 -12.27 -24.46 19.28
N PRO D 912 -13.52 -24.93 19.56
CA PRO D 912 -14.63 -24.01 19.75
C PRO D 912 -14.73 -23.47 21.18
N ILE D 913 -14.56 -22.15 21.35
CA ILE D 913 -14.76 -21.54 22.68
C ILE D 913 -16.21 -21.07 22.70
N GLU D 914 -17.16 -22.03 22.77
CA GLU D 914 -18.56 -21.66 22.70
C GLU D 914 -18.90 -20.57 23.71
N LYS D 915 -18.07 -20.49 24.77
CA LYS D 915 -18.20 -19.40 25.76
C LYS D 915 -17.08 -18.41 25.42
N TRP D 916 -17.20 -17.68 24.32
CA TRP D 916 -16.12 -16.77 23.81
C TRP D 916 -15.41 -15.93 24.87
N ARG D 917 -16.12 -15.23 25.77
CA ARG D 917 -15.48 -14.32 26.75
C ARG D 917 -14.63 -13.27 26.02
N ALA D 918 -15.18 -12.67 24.96
CA ALA D 918 -14.50 -11.58 24.27
C ALA D 918 -14.00 -10.55 25.29
N GLN D 919 -12.70 -10.26 25.24
CA GLN D 919 -12.09 -9.34 26.19
C GLN D 919 -12.09 -7.84 25.98
N ASP D 920 -12.77 -7.33 24.94
CA ASP D 920 -12.92 -5.87 24.82
C ASP D 920 -13.81 -5.14 25.88
N PHE D 921 -14.81 -5.88 26.34
CA PHE D 921 -15.63 -5.47 27.47
C PHE D 921 -15.35 -6.31 28.70
N SER D 922 -14.88 -7.55 28.53
CA SER D 922 -14.57 -8.40 29.66
C SER D 922 -13.39 -7.82 30.44
N PRO D 923 -13.41 -7.90 31.76
CA PRO D 923 -12.27 -7.42 32.55
C PRO D 923 -11.02 -8.20 32.22
N CYS D 924 -9.88 -7.51 32.28
CA CYS D 924 -8.60 -8.18 32.04
C CYS D 924 -8.38 -9.30 33.03
N SER D 925 -8.66 -9.05 34.31
CA SER D 925 -8.69 -10.08 35.35
C SER D 925 -7.36 -10.81 35.49
N ASN D 926 -6.29 -10.19 35.00
CA ASN D 926 -4.95 -10.77 35.14
C ASN D 926 -4.44 -10.50 36.55
N THR D 927 -4.52 -11.51 37.42
CA THR D 927 -4.15 -11.40 38.83
C THR D 927 -4.91 -10.26 39.51
#